data_2DP9
# 
_entry.id   2DP9 
# 
_audit_conform.dict_name       mmcif_pdbx.dic 
_audit_conform.dict_version    5.380 
_audit_conform.dict_location   http://mmcif.pdb.org/dictionaries/ascii/mmcif_pdbx.dic 
# 
loop_
_database_2.database_id 
_database_2.database_code 
_database_2.pdbx_database_accession 
_database_2.pdbx_DOI 
PDB   2DP9         pdb_00002dp9 10.2210/pdb2dp9/pdb 
RCSB  RCSB025682   ?            ?                   
WWPDB D_1000025682 ?            ?                   
# 
loop_
_pdbx_database_related.db_name 
_pdbx_database_related.db_id 
_pdbx_database_related.details 
_pdbx_database_related.content_type 
PDB      1WK2           'The same protein selenomethionine derivative.' unspecified 
TargetDB ttk003001768.2 .                                               unspecified 
# 
_pdbx_database_status.status_code                     REL 
_pdbx_database_status.entry_id                        2DP9 
_pdbx_database_status.recvd_initial_deposition_date   2006-05-08 
_pdbx_database_status.deposit_site                    PDBJ 
_pdbx_database_status.process_site                    PDBJ 
_pdbx_database_status.status_code_sf                  REL 
_pdbx_database_status.status_code_mr                  ? 
_pdbx_database_status.SG_entry                        Y 
_pdbx_database_status.pdb_format_compatible           Y 
_pdbx_database_status.status_code_cs                  ? 
_pdbx_database_status.status_code_nmr_data            ? 
_pdbx_database_status.methods_development_category    ? 
# 
loop_
_audit_author.name 
_audit_author.pdbx_ordinal 
'Agari, Y.'                                              1 
'Kuramitsu, S.'                                          2 
'RIKEN Structural Genomics/Proteomics Initiative (RSGI)' 3 
# 
_citation.id                        primary 
_citation.title                     'Crystal Structure of Conserved Hypothetical Protein TTHA0113 from Thermus thermophilus HB8' 
_citation.journal_abbrev            'To be Published' 
_citation.journal_volume            ? 
_citation.page_first                ? 
_citation.page_last                 ? 
_citation.year                      ? 
_citation.journal_id_ASTM           ? 
_citation.country                   ? 
_citation.journal_id_ISSN           ? 
_citation.journal_id_CSD            0353 
_citation.book_publisher            ? 
_citation.pdbx_database_id_PubMed   ? 
_citation.pdbx_database_id_DOI      ? 
# 
loop_
_citation_author.citation_id 
_citation_author.name 
_citation_author.ordinal 
_citation_author.identifier_ORCID 
primary 'Agari, Y.'     1 ? 
primary 'Yokoyama, S.'  2 ? 
primary 'Kuramitsu, S.' 3 ? 
# 
_cell.entry_id           2DP9 
_cell.length_a           52.369 
_cell.length_b           54.468 
_cell.length_c           42.980 
_cell.angle_alpha        90.00 
_cell.angle_beta         97.22 
_cell.angle_gamma        90.00 
_cell.Z_PDB              4 
_cell.pdbx_unique_axis   ? 
_cell.length_a_esd       ? 
_cell.length_b_esd       ? 
_cell.length_c_esd       ? 
_cell.angle_alpha_esd    ? 
_cell.angle_beta_esd     ? 
_cell.angle_gamma_esd    ? 
# 
_symmetry.entry_id                         2DP9 
_symmetry.space_group_name_H-M             'C 1 2 1' 
_symmetry.pdbx_full_space_group_name_H-M   ? 
_symmetry.cell_setting                     ? 
_symmetry.Int_Tables_number                5 
_symmetry.space_group_name_Hall            ? 
# 
loop_
_entity.id 
_entity.type 
_entity.src_method 
_entity.pdbx_description 
_entity.formula_weight 
_entity.pdbx_number_of_molecules 
_entity.pdbx_ec 
_entity.pdbx_mutation 
_entity.pdbx_fragment 
_entity.details 
1 polymer man 'Hypothetical protein TTHA0113' 14460.768 1  ? ? 'RESIDUES 1-121' ? 
2 water   nat water                           18.015    76 ? ? ?                ? 
# 
_entity_poly.entity_id                      1 
_entity_poly.type                           'polypeptide(L)' 
_entity_poly.nstd_linkage                   no 
_entity_poly.nstd_monomer                   no 
_entity_poly.pdbx_seq_one_letter_code       
;MDYMERPKLGLIVREPYASLIVDGRKVWEIRRRKTRHRGPLGIVSGGRLIGQADLVGVEGPFSVEELLAHQEKHLAEEAF
LRAYAKDEPLYAWVLENAFRYEKPLHVPRRPGRVMFVDLSEVRW
;
_entity_poly.pdbx_seq_one_letter_code_can   
;MDYMERPKLGLIVREPYASLIVDGRKVWEIRRRKTRHRGPLGIVSGGRLIGQADLVGVEGPFSVEELLAHQEKHLAEEAF
LRAYAKDEPLYAWVLENAFRYEKPLHVPRRPGRVMFVDLSEVRW
;
_entity_poly.pdbx_strand_id                 A 
_entity_poly.pdbx_target_identifier         ttk003001768.2 
# 
loop_
_entity_poly_seq.entity_id 
_entity_poly_seq.num 
_entity_poly_seq.mon_id 
_entity_poly_seq.hetero 
1 1   MET n 
1 2   ASP n 
1 3   TYR n 
1 4   MET n 
1 5   GLU n 
1 6   ARG n 
1 7   PRO n 
1 8   LYS n 
1 9   LEU n 
1 10  GLY n 
1 11  LEU n 
1 12  ILE n 
1 13  VAL n 
1 14  ARG n 
1 15  GLU n 
1 16  PRO n 
1 17  TYR n 
1 18  ALA n 
1 19  SER n 
1 20  LEU n 
1 21  ILE n 
1 22  VAL n 
1 23  ASP n 
1 24  GLY n 
1 25  ARG n 
1 26  LYS n 
1 27  VAL n 
1 28  TRP n 
1 29  GLU n 
1 30  ILE n 
1 31  ARG n 
1 32  ARG n 
1 33  ARG n 
1 34  LYS n 
1 35  THR n 
1 36  ARG n 
1 37  HIS n 
1 38  ARG n 
1 39  GLY n 
1 40  PRO n 
1 41  LEU n 
1 42  GLY n 
1 43  ILE n 
1 44  VAL n 
1 45  SER n 
1 46  GLY n 
1 47  GLY n 
1 48  ARG n 
1 49  LEU n 
1 50  ILE n 
1 51  GLY n 
1 52  GLN n 
1 53  ALA n 
1 54  ASP n 
1 55  LEU n 
1 56  VAL n 
1 57  GLY n 
1 58  VAL n 
1 59  GLU n 
1 60  GLY n 
1 61  PRO n 
1 62  PHE n 
1 63  SER n 
1 64  VAL n 
1 65  GLU n 
1 66  GLU n 
1 67  LEU n 
1 68  LEU n 
1 69  ALA n 
1 70  HIS n 
1 71  GLN n 
1 72  GLU n 
1 73  LYS n 
1 74  HIS n 
1 75  LEU n 
1 76  ALA n 
1 77  GLU n 
1 78  GLU n 
1 79  ALA n 
1 80  PHE n 
1 81  LEU n 
1 82  ARG n 
1 83  ALA n 
1 84  TYR n 
1 85  ALA n 
1 86  LYS n 
1 87  ASP n 
1 88  GLU n 
1 89  PRO n 
1 90  LEU n 
1 91  TYR n 
1 92  ALA n 
1 93  TRP n 
1 94  VAL n 
1 95  LEU n 
1 96  GLU n 
1 97  ASN n 
1 98  ALA n 
1 99  PHE n 
1 100 ARG n 
1 101 TYR n 
1 102 GLU n 
1 103 LYS n 
1 104 PRO n 
1 105 LEU n 
1 106 HIS n 
1 107 VAL n 
1 108 PRO n 
1 109 ARG n 
1 110 ARG n 
1 111 PRO n 
1 112 GLY n 
1 113 ARG n 
1 114 VAL n 
1 115 MET n 
1 116 PHE n 
1 117 VAL n 
1 118 ASP n 
1 119 LEU n 
1 120 SER n 
1 121 GLU n 
1 122 VAL n 
1 123 ARG n 
1 124 TRP n 
# 
_entity_src_gen.entity_id                          1 
_entity_src_gen.pdbx_src_id                        1 
_entity_src_gen.pdbx_alt_source_flag               sample 
_entity_src_gen.pdbx_seq_type                      ? 
_entity_src_gen.pdbx_beg_seq_num                   ? 
_entity_src_gen.pdbx_end_seq_num                   ? 
_entity_src_gen.gene_src_common_name               ? 
_entity_src_gen.gene_src_genus                     Thermus 
_entity_src_gen.pdbx_gene_src_gene                 ? 
_entity_src_gen.gene_src_species                   'Thermus thermophilus' 
_entity_src_gen.gene_src_strain                    HB8 
_entity_src_gen.gene_src_tissue                    ? 
_entity_src_gen.gene_src_tissue_fraction           ? 
_entity_src_gen.gene_src_details                   ? 
_entity_src_gen.pdbx_gene_src_fragment             ? 
_entity_src_gen.pdbx_gene_src_scientific_name      'Thermus thermophilus' 
_entity_src_gen.pdbx_gene_src_ncbi_taxonomy_id     300852 
_entity_src_gen.pdbx_gene_src_variant              ? 
_entity_src_gen.pdbx_gene_src_cell_line            ? 
_entity_src_gen.pdbx_gene_src_atcc                 ? 
_entity_src_gen.pdbx_gene_src_organ                ? 
_entity_src_gen.pdbx_gene_src_organelle            ? 
_entity_src_gen.pdbx_gene_src_cell                 ? 
_entity_src_gen.pdbx_gene_src_cellular_location    ? 
_entity_src_gen.host_org_common_name               ? 
_entity_src_gen.pdbx_host_org_scientific_name      'Escherichia coli BL21(DE3)' 
_entity_src_gen.pdbx_host_org_ncbi_taxonomy_id     469008 
_entity_src_gen.host_org_genus                     Escherichia 
_entity_src_gen.pdbx_host_org_gene                 ? 
_entity_src_gen.pdbx_host_org_organ                ? 
_entity_src_gen.host_org_species                   'Escherichia coli' 
_entity_src_gen.pdbx_host_org_tissue               ? 
_entity_src_gen.pdbx_host_org_tissue_fraction      ? 
_entity_src_gen.pdbx_host_org_strain               'BL21(DE3)' 
_entity_src_gen.pdbx_host_org_variant              ? 
_entity_src_gen.pdbx_host_org_cell_line            ? 
_entity_src_gen.pdbx_host_org_atcc                 ? 
_entity_src_gen.pdbx_host_org_culture_collection   ? 
_entity_src_gen.pdbx_host_org_cell                 ? 
_entity_src_gen.pdbx_host_org_organelle            ? 
_entity_src_gen.pdbx_host_org_cellular_location    ? 
_entity_src_gen.pdbx_host_org_vector_type          PLASMID 
_entity_src_gen.pdbx_host_org_vector               ? 
_entity_src_gen.host_org_details                   ? 
_entity_src_gen.expression_system_id               ? 
_entity_src_gen.plasmid_name                       pET11a 
_entity_src_gen.plasmid_details                    ? 
_entity_src_gen.pdbx_description                   ? 
# 
_struct_ref.id                         1 
_struct_ref.db_name                    UNP 
_struct_ref.db_code                    Q5SM30_THET8 
_struct_ref.pdbx_db_accession          Q5SM30 
_struct_ref.entity_id                  1 
_struct_ref.pdbx_align_begin           1 
_struct_ref.pdbx_db_isoform            ? 
_struct_ref.pdbx_seq_one_letter_code   ? 
# 
_struct_ref_seq.align_id                      1 
_struct_ref_seq.ref_id                        1 
_struct_ref_seq.pdbx_PDB_id_code              2DP9 
_struct_ref_seq.pdbx_strand_id                A 
_struct_ref_seq.seq_align_beg                 4 
_struct_ref_seq.pdbx_seq_align_beg_ins_code   ? 
_struct_ref_seq.seq_align_end                 124 
_struct_ref_seq.pdbx_seq_align_end_ins_code   ? 
_struct_ref_seq.pdbx_db_accession             Q5SM30 
_struct_ref_seq.db_align_beg                  1 
_struct_ref_seq.pdbx_db_align_beg_ins_code    ? 
_struct_ref_seq.db_align_end                  121 
_struct_ref_seq.pdbx_db_align_end_ins_code    ? 
_struct_ref_seq.pdbx_auth_seq_align_beg       1 
_struct_ref_seq.pdbx_auth_seq_align_end       121 
# 
loop_
_struct_ref_seq_dif.align_id 
_struct_ref_seq_dif.pdbx_pdb_id_code 
_struct_ref_seq_dif.mon_id 
_struct_ref_seq_dif.pdbx_pdb_strand_id 
_struct_ref_seq_dif.seq_num 
_struct_ref_seq_dif.pdbx_pdb_ins_code 
_struct_ref_seq_dif.pdbx_seq_db_name 
_struct_ref_seq_dif.pdbx_seq_db_accession_code 
_struct_ref_seq_dif.db_mon_id 
_struct_ref_seq_dif.pdbx_seq_db_seq_num 
_struct_ref_seq_dif.details 
_struct_ref_seq_dif.pdbx_auth_seq_num 
_struct_ref_seq_dif.pdbx_ordinal 
1 2DP9 MET A 1 ? UNP Q5SM30 ? ? 'cloning artifact' -2 1 
1 2DP9 ASP A 2 ? UNP Q5SM30 ? ? 'cloning artifact' -1 2 
1 2DP9 TYR A 3 ? UNP Q5SM30 ? ? 'cloning artifact' 0  3 
# 
loop_
_chem_comp.id 
_chem_comp.type 
_chem_comp.mon_nstd_flag 
_chem_comp.name 
_chem_comp.pdbx_synonyms 
_chem_comp.formula 
_chem_comp.formula_weight 
ALA 'L-peptide linking' y ALANINE         ? 'C3 H7 N O2'     89.093  
ARG 'L-peptide linking' y ARGININE        ? 'C6 H15 N4 O2 1' 175.209 
ASN 'L-peptide linking' y ASPARAGINE      ? 'C4 H8 N2 O3'    132.118 
ASP 'L-peptide linking' y 'ASPARTIC ACID' ? 'C4 H7 N O4'     133.103 
GLN 'L-peptide linking' y GLUTAMINE       ? 'C5 H10 N2 O3'   146.144 
GLU 'L-peptide linking' y 'GLUTAMIC ACID' ? 'C5 H9 N O4'     147.129 
GLY 'peptide linking'   y GLYCINE         ? 'C2 H5 N O2'     75.067  
HIS 'L-peptide linking' y HISTIDINE       ? 'C6 H10 N3 O2 1' 156.162 
HOH non-polymer         . WATER           ? 'H2 O'           18.015  
ILE 'L-peptide linking' y ISOLEUCINE      ? 'C6 H13 N O2'    131.173 
LEU 'L-peptide linking' y LEUCINE         ? 'C6 H13 N O2'    131.173 
LYS 'L-peptide linking' y LYSINE          ? 'C6 H15 N2 O2 1' 147.195 
MET 'L-peptide linking' y METHIONINE      ? 'C5 H11 N O2 S'  149.211 
PHE 'L-peptide linking' y PHENYLALANINE   ? 'C9 H11 N O2'    165.189 
PRO 'L-peptide linking' y PROLINE         ? 'C5 H9 N O2'     115.130 
SER 'L-peptide linking' y SERINE          ? 'C3 H7 N O3'     105.093 
THR 'L-peptide linking' y THREONINE       ? 'C4 H9 N O3'     119.119 
TRP 'L-peptide linking' y TRYPTOPHAN      ? 'C11 H12 N2 O2'  204.225 
TYR 'L-peptide linking' y TYROSINE        ? 'C9 H11 N O3'    181.189 
VAL 'L-peptide linking' y VALINE          ? 'C5 H11 N O2'    117.146 
# 
_exptl.entry_id          2DP9 
_exptl.method            'X-RAY DIFFRACTION' 
_exptl.crystals_number   1 
# 
_exptl_crystal.id                    1 
_exptl_crystal.density_meas          ? 
_exptl_crystal.density_Matthews      2.10 
_exptl_crystal.density_percent_sol   41.47 
_exptl_crystal.description           ? 
_exptl_crystal.F_000                 ? 
_exptl_crystal.preparation           ? 
# 
_exptl_crystal_grow.crystal_id      1 
_exptl_crystal_grow.method          'VAPOR DIFFUSION, SITTING DROP' 
_exptl_crystal_grow.temp            293 
_exptl_crystal_grow.temp_details    ? 
_exptl_crystal_grow.pH              7.3 
_exptl_crystal_grow.pdbx_details    
'0.2M Calcium Acetate, 20% w/v Polyethylene Glycol 3350 , pH 7.3, VAPOR DIFFUSION, SITTING DROP, temperature 293K' 
_exptl_crystal_grow.pdbx_pH_range   . 
# 
loop_
_diffrn.id 
_diffrn.ambient_temp 
_diffrn.ambient_temp_details 
_diffrn.crystal_id 
1   100 ? 1 
2   ?   ? 1 
1,2 ?   ? 1 
# 
_diffrn_detector.diffrn_id              1 
_diffrn_detector.detector               CCD 
_diffrn_detector.type                   'RIGAKU JUPITER 210' 
_diffrn_detector.pdbx_collection_date   2004-09-28 
_diffrn_detector.details                ? 
# 
loop_
_diffrn_radiation.diffrn_id 
_diffrn_radiation.wavelength_id 
_diffrn_radiation.pdbx_monochromatic_or_laue_m_l 
_diffrn_radiation.monochromator 
_diffrn_radiation.pdbx_diffrn_protocol 
_diffrn_radiation.pdbx_scattering_type 
1 1 M 'Si Double Crystal' 'SINGLE WAVELENGTH' x-ray 
2 1 M ?                   MAD                 x-ray 
# 
_diffrn_radiation_wavelength.id           1 
_diffrn_radiation_wavelength.wavelength   1.0000 
_diffrn_radiation_wavelength.wt           1.0 
# 
_diffrn_source.diffrn_id                   1 
_diffrn_source.source                      SYNCHROTRON 
_diffrn_source.type                        'SPRING-8 BEAMLINE BL26B1' 
_diffrn_source.pdbx_synchrotron_site       SPring-8 
_diffrn_source.pdbx_synchrotron_beamline   BL26B1 
_diffrn_source.pdbx_wavelength             ? 
_diffrn_source.pdbx_wavelength_list        1.0000 
# 
_reflns.entry_id                     2DP9 
_reflns.observed_criterion_sigma_I   5 
_reflns.observed_criterion_sigma_F   ? 
_reflns.d_resolution_low             50 
_reflns.d_resolution_high            1.9 
_reflns.number_obs                   9411 
_reflns.number_all                   9486 
_reflns.percent_possible_obs         99.7 
_reflns.pdbx_Rmerge_I_obs            0.06 
_reflns.pdbx_Rsym_value              ? 
_reflns.pdbx_netI_over_sigmaI        32.28 
_reflns.B_iso_Wilson_estimate        17.9 
_reflns.pdbx_redundancy              5.3 
_reflns.R_free_details               ? 
_reflns.limit_h_max                  ? 
_reflns.limit_h_min                  ? 
_reflns.limit_k_max                  ? 
_reflns.limit_k_min                  ? 
_reflns.limit_l_max                  ? 
_reflns.limit_l_min                  ? 
_reflns.observed_criterion_F_max     ? 
_reflns.observed_criterion_F_min     ? 
_reflns.pdbx_chi_squared             ? 
_reflns.pdbx_scaling_rejects         ? 
_reflns.pdbx_ordinal                 1 
_reflns.pdbx_diffrn_id               1,2 
# 
_reflns_shell.d_res_high             1.90 
_reflns_shell.d_res_low              1.97 
_reflns_shell.percent_possible_all   97.8 
_reflns_shell.Rmerge_I_obs           0.265 
_reflns_shell.pdbx_Rsym_value        ? 
_reflns_shell.meanI_over_sigI_obs    4.1 
_reflns_shell.pdbx_redundancy        4.6 
_reflns_shell.percent_possible_obs   ? 
_reflns_shell.number_unique_all      ? 
_reflns_shell.number_measured_all    ? 
_reflns_shell.number_measured_obs    ? 
_reflns_shell.number_unique_obs      ? 
_reflns_shell.pdbx_chi_squared       ? 
_reflns_shell.pdbx_ordinal           1 
_reflns_shell.pdbx_diffrn_id         1,2 
# 
_refine.entry_id                                 2DP9 
_refine.ls_number_reflns_obs                     9184 
_refine.ls_number_reflns_all                     9184 
_refine.pdbx_ls_sigma_I                          ? 
_refine.pdbx_ls_sigma_F                          0.0 
_refine.pdbx_data_cutoff_high_absF               254955.91 
_refine.pdbx_data_cutoff_low_absF                0.000000 
_refine.pdbx_data_cutoff_high_rms_absF           ? 
_refine.ls_d_res_low                             29.57 
_refine.ls_d_res_high                            1.90 
_refine.ls_percent_reflns_obs                    96.7 
_refine.ls_R_factor_obs                          0.215 
_refine.ls_R_factor_all                          0.232 
_refine.ls_R_factor_R_work                       0.215 
_refine.ls_R_factor_R_free                       0.25 
_refine.ls_R_factor_R_free_error                 0.008 
_refine.ls_R_factor_R_free_error_details         ? 
_refine.ls_percent_reflns_R_free                 10.4 
_refine.ls_number_reflns_R_free                  958 
_refine.ls_number_parameters                     ? 
_refine.ls_number_restraints                     ? 
_refine.occupancy_min                            ? 
_refine.occupancy_max                            ? 
_refine.correlation_coeff_Fo_to_Fc               ? 
_refine.correlation_coeff_Fo_to_Fc_free          ? 
_refine.B_iso_mean                               29.8 
_refine.aniso_B[1][1]                            -7.31 
_refine.aniso_B[2][2]                            5.81 
_refine.aniso_B[3][3]                            1.51 
_refine.aniso_B[1][2]                            0.00 
_refine.aniso_B[1][3]                            -0.50 
_refine.aniso_B[2][3]                            0.00 
_refine.solvent_model_details                    'FLAT MODEL' 
_refine.solvent_model_param_ksol                 0.31367 
_refine.solvent_model_param_bsol                 36.1682 
_refine.pdbx_solvent_vdw_probe_radii             ? 
_refine.pdbx_solvent_ion_probe_radii             ? 
_refine.pdbx_solvent_shrinkage_radii             ? 
_refine.pdbx_ls_cross_valid_method               THROUGHOUT 
_refine.details                                  ? 
_refine.pdbx_starting_model                      'PDB ENTRY 1WK2' 
_refine.pdbx_method_to_determine_struct          MAD 
_refine.pdbx_isotropic_thermal_model             RESTRAINED 
_refine.pdbx_stereochemistry_target_values       'Engh & Huber' 
_refine.pdbx_stereochem_target_val_spec_case     ? 
_refine.pdbx_R_Free_selection_details            RANDOM 
_refine.pdbx_overall_ESU_R                       ? 
_refine.pdbx_overall_ESU_R_Free                  ? 
_refine.overall_SU_ML                            ? 
_refine.overall_SU_B                             ? 
_refine.ls_redundancy_reflns_obs                 ? 
_refine.B_iso_min                                ? 
_refine.B_iso_max                                ? 
_refine.overall_SU_R_Cruickshank_DPI             ? 
_refine.overall_SU_R_free                        ? 
_refine.ls_wR_factor_R_free                      ? 
_refine.ls_wR_factor_R_work                      ? 
_refine.overall_FOM_free_R_set                   ? 
_refine.overall_FOM_work_R_set                   ? 
_refine.pdbx_refine_id                           'X-RAY DIFFRACTION' 
_refine.pdbx_diffrn_id                           1 
_refine.pdbx_TLS_residual_ADP_flag               ? 
_refine.pdbx_overall_phase_error                 ? 
_refine.pdbx_overall_SU_R_free_Cruickshank_DPI   ? 
_refine.pdbx_overall_SU_R_Blow_DPI               ? 
_refine.pdbx_overall_SU_R_free_Blow_DPI          ? 
# 
_refine_analyze.entry_id                        2DP9 
_refine_analyze.Luzzati_coordinate_error_obs    0.24 
_refine_analyze.Luzzati_sigma_a_obs             0.18 
_refine_analyze.Luzzati_d_res_low_obs           5.00 
_refine_analyze.Luzzati_coordinate_error_free   0.30 
_refine_analyze.Luzzati_sigma_a_free            0.24 
_refine_analyze.Luzzati_d_res_low_free          ? 
_refine_analyze.number_disordered_residues      ? 
_refine_analyze.occupancy_sum_hydrogen          ? 
_refine_analyze.occupancy_sum_non_hydrogen      ? 
_refine_analyze.pdbx_Luzzati_d_res_high_obs     ? 
_refine_analyze.pdbx_refine_id                  'X-RAY DIFFRACTION' 
# 
_refine_hist.pdbx_refine_id                   'X-RAY DIFFRACTION' 
_refine_hist.cycle_id                         LAST 
_refine_hist.pdbx_number_atoms_protein        1021 
_refine_hist.pdbx_number_atoms_nucleic_acid   0 
_refine_hist.pdbx_number_atoms_ligand         0 
_refine_hist.number_atoms_solvent             76 
_refine_hist.number_atoms_total               1097 
_refine_hist.d_res_high                       1.90 
_refine_hist.d_res_low                        29.57 
# 
loop_
_refine_ls_restr.type 
_refine_ls_restr.dev_ideal 
_refine_ls_restr.dev_ideal_target 
_refine_ls_restr.weight 
_refine_ls_restr.number 
_refine_ls_restr.pdbx_refine_id 
_refine_ls_restr.pdbx_restraint_function 
c_bond_d           0.005 ?    ? ? 'X-RAY DIFFRACTION' ? 
c_angle_deg        1.2   ?    ? ? 'X-RAY DIFFRACTION' ? 
c_dihedral_angle_d 23.5  ?    ? ? 'X-RAY DIFFRACTION' ? 
c_improper_angle_d 0.74  ?    ? ? 'X-RAY DIFFRACTION' ? 
c_mcbond_it        1.55  1.50 ? ? 'X-RAY DIFFRACTION' ? 
c_mcangle_it       2.47  2.00 ? ? 'X-RAY DIFFRACTION' ? 
c_scbond_it        2.11  2.00 ? ? 'X-RAY DIFFRACTION' ? 
c_scangle_it       3.25  2.50 ? ? 'X-RAY DIFFRACTION' ? 
# 
_refine_ls_shell.pdbx_total_number_of_bins_used   6 
_refine_ls_shell.d_res_high                       1.90 
_refine_ls_shell.d_res_low                        2.02 
_refine_ls_shell.number_reflns_R_work             1211 
_refine_ls_shell.R_factor_R_work                  0.25 
_refine_ls_shell.percent_reflns_obs               86.2 
_refine_ls_shell.R_factor_R_free                  0.27 
_refine_ls_shell.R_factor_R_free_error            0.022 
_refine_ls_shell.percent_reflns_R_free            10.8 
_refine_ls_shell.number_reflns_R_free             146 
_refine_ls_shell.number_reflns_all                ? 
_refine_ls_shell.R_factor_all                     ? 
_refine_ls_shell.number_reflns_obs                ? 
_refine_ls_shell.redundancy_reflns_obs            ? 
_refine_ls_shell.pdbx_refine_id                   'X-RAY DIFFRACTION' 
# 
loop_
_pdbx_xplor_file.serial_no 
_pdbx_xplor_file.param_file 
_pdbx_xplor_file.topol_file 
_pdbx_xplor_file.pdbx_refine_id 
1 protein_rep.param protein.top 'X-RAY DIFFRACTION' 
2 water_rep.param   water.top   'X-RAY DIFFRACTION' 
# 
_struct.entry_id                  2DP9 
_struct.title                     'Crystal Structure of Conserved Hypothetical Protein TTHA0113 from Thermus thermophilus HB8' 
_struct.pdbx_model_details        ? 
_struct.pdbx_CASP_flag            ? 
_struct.pdbx_model_type_details   ? 
# 
_struct_keywords.entry_id        2DP9 
_struct_keywords.pdbx_keywords   'STRUCTURAL GENOMICS, UNKNOWN FUNCTION' 
_struct_keywords.text            
;jellyroll, Structural Genomics, NPPSFA, National Project on Protein Structural and Functional Analyses, RIKEN Structural Genomics/Proteomics Initiative, RSGI, UNKNOWN FUNCTION
;
# 
loop_
_struct_asym.id 
_struct_asym.pdbx_blank_PDB_chainid_flag 
_struct_asym.pdbx_modified 
_struct_asym.entity_id 
_struct_asym.details 
A N N 1 ? 
B N N 2 ? 
# 
_struct_biol.id   1 
# 
loop_
_struct_conf.conf_type_id 
_struct_conf.id 
_struct_conf.pdbx_PDB_helix_id 
_struct_conf.beg_label_comp_id 
_struct_conf.beg_label_asym_id 
_struct_conf.beg_label_seq_id 
_struct_conf.pdbx_beg_PDB_ins_code 
_struct_conf.end_label_comp_id 
_struct_conf.end_label_asym_id 
_struct_conf.end_label_seq_id 
_struct_conf.pdbx_end_PDB_ins_code 
_struct_conf.beg_auth_comp_id 
_struct_conf.beg_auth_asym_id 
_struct_conf.beg_auth_seq_id 
_struct_conf.end_auth_comp_id 
_struct_conf.end_auth_asym_id 
_struct_conf.end_auth_seq_id 
_struct_conf.pdbx_PDB_helix_class 
_struct_conf.details 
_struct_conf.pdbx_PDB_helix_length 
HELX_P HELX_P1 1 PRO A 16 ? ASP A 23 ? PRO A 13 ASP A 20 1 ? 8  
HELX_P HELX_P2 2 SER A 63 ? LEU A 68 ? SER A 60 LEU A 65 1 ? 6  
HELX_P HELX_P3 3 HIS A 70 ? LEU A 75 ? HIS A 67 LEU A 72 1 ? 6  
HELX_P HELX_P4 4 GLU A 77 ? LYS A 86 ? GLU A 74 LYS A 83 1 ? 10 
# 
_struct_conf_type.id          HELX_P 
_struct_conf_type.criteria    ? 
_struct_conf_type.reference   ? 
# 
loop_
_struct_mon_prot_cis.pdbx_id 
_struct_mon_prot_cis.label_comp_id 
_struct_mon_prot_cis.label_seq_id 
_struct_mon_prot_cis.label_asym_id 
_struct_mon_prot_cis.label_alt_id 
_struct_mon_prot_cis.pdbx_PDB_ins_code 
_struct_mon_prot_cis.auth_comp_id 
_struct_mon_prot_cis.auth_seq_id 
_struct_mon_prot_cis.auth_asym_id 
_struct_mon_prot_cis.pdbx_label_comp_id_2 
_struct_mon_prot_cis.pdbx_label_seq_id_2 
_struct_mon_prot_cis.pdbx_label_asym_id_2 
_struct_mon_prot_cis.pdbx_PDB_ins_code_2 
_struct_mon_prot_cis.pdbx_auth_comp_id_2 
_struct_mon_prot_cis.pdbx_auth_seq_id_2 
_struct_mon_prot_cis.pdbx_auth_asym_id_2 
_struct_mon_prot_cis.pdbx_PDB_model_num 
_struct_mon_prot_cis.pdbx_omega_angle 
1 GLU 15  A . ? GLU 12  A PRO 16  A ? PRO 13  A 1 0.05  
2 GLY 60  A . ? GLY 57  A PRO 61  A ? PRO 58  A 1 0.17  
3 ARG 110 A . ? ARG 107 A PRO 111 A ? PRO 108 A 1 -0.01 
# 
_struct_sheet.id               A 
_struct_sheet.type             ? 
_struct_sheet.number_strands   5 
_struct_sheet.details          ? 
# 
loop_
_struct_sheet_order.sheet_id 
_struct_sheet_order.range_id_1 
_struct_sheet_order.range_id_2 
_struct_sheet_order.offset 
_struct_sheet_order.sense 
A 1 2 ? parallel      
A 2 3 ? anti-parallel 
A 3 4 ? anti-parallel 
A 4 5 ? anti-parallel 
# 
loop_
_struct_sheet_range.sheet_id 
_struct_sheet_range.id 
_struct_sheet_range.beg_label_comp_id 
_struct_sheet_range.beg_label_asym_id 
_struct_sheet_range.beg_label_seq_id 
_struct_sheet_range.pdbx_beg_PDB_ins_code 
_struct_sheet_range.end_label_comp_id 
_struct_sheet_range.end_label_asym_id 
_struct_sheet_range.end_label_seq_id 
_struct_sheet_range.pdbx_end_PDB_ins_code 
_struct_sheet_range.beg_auth_comp_id 
_struct_sheet_range.beg_auth_asym_id 
_struct_sheet_range.beg_auth_seq_id 
_struct_sheet_range.end_auth_comp_id 
_struct_sheet_range.end_auth_asym_id 
_struct_sheet_range.end_auth_seq_id 
A 1 GLY A 10 ? ILE A 12  ? GLY A 7  ILE A 9   
A 2 GLY A 39 ? SER A 45  ? GLY A 36 SER A 42  
A 3 ARG A 48 ? PHE A 62  ? ARG A 45 PHE A 59  
A 4 LEU A 90 ? HIS A 106 ? LEU A 87 HIS A 103 
A 5 TRP A 28 ? ARG A 31  ? TRP A 25 ARG A 28  
# 
loop_
_pdbx_struct_sheet_hbond.sheet_id 
_pdbx_struct_sheet_hbond.range_id_1 
_pdbx_struct_sheet_hbond.range_id_2 
_pdbx_struct_sheet_hbond.range_1_label_atom_id 
_pdbx_struct_sheet_hbond.range_1_label_comp_id 
_pdbx_struct_sheet_hbond.range_1_label_asym_id 
_pdbx_struct_sheet_hbond.range_1_label_seq_id 
_pdbx_struct_sheet_hbond.range_1_PDB_ins_code 
_pdbx_struct_sheet_hbond.range_1_auth_atom_id 
_pdbx_struct_sheet_hbond.range_1_auth_comp_id 
_pdbx_struct_sheet_hbond.range_1_auth_asym_id 
_pdbx_struct_sheet_hbond.range_1_auth_seq_id 
_pdbx_struct_sheet_hbond.range_2_label_atom_id 
_pdbx_struct_sheet_hbond.range_2_label_comp_id 
_pdbx_struct_sheet_hbond.range_2_label_asym_id 
_pdbx_struct_sheet_hbond.range_2_label_seq_id 
_pdbx_struct_sheet_hbond.range_2_PDB_ins_code 
_pdbx_struct_sheet_hbond.range_2_auth_atom_id 
_pdbx_struct_sheet_hbond.range_2_auth_comp_id 
_pdbx_struct_sheet_hbond.range_2_auth_asym_id 
_pdbx_struct_sheet_hbond.range_2_auth_seq_id 
A 1 2 N LEU A 11 ? N LEU A 8  O GLY A 42  ? O GLY A 39  
A 2 3 N GLY A 39 ? N GLY A 36 O LEU A 55  ? O LEU A 52  
A 3 4 N LEU A 49 ? N LEU A 46 O LEU A 105 ? O LEU A 102 
A 4 5 O TRP A 93 ? O TRP A 90 N GLU A 29  ? N GLU A 26  
# 
_atom_sites.entry_id                    2DP9 
_atom_sites.fract_transf_matrix[1][1]   0.01696213 
_atom_sites.fract_transf_matrix[1][2]   -0.00211114 
_atom_sites.fract_transf_matrix[1][3]   -0.00884898 
_atom_sites.fract_transf_matrix[2][1]   0.00191885 
_atom_sites.fract_transf_matrix[2][2]   0.01824597 
_atom_sites.fract_transf_matrix[2][3]   -0.00067489 
_atom_sites.fract_transf_matrix[3][1]   0.01332328 
_atom_sites.fract_transf_matrix[3][2]   -0.00068769 
_atom_sites.fract_transf_matrix[3][3]   0.01928887 
_atom_sites.fract_transf_vector[1]      0.292208 
_atom_sites.fract_transf_vector[2]      0.585055 
_atom_sites.fract_transf_vector[3]      0.135233 
# 
loop_
_atom_type.symbol 
C 
N 
O 
S 
# 
loop_
_atom_site.group_PDB 
_atom_site.id 
_atom_site.type_symbol 
_atom_site.label_atom_id 
_atom_site.label_alt_id 
_atom_site.label_comp_id 
_atom_site.label_asym_id 
_atom_site.label_entity_id 
_atom_site.label_seq_id 
_atom_site.pdbx_PDB_ins_code 
_atom_site.Cartn_x 
_atom_site.Cartn_y 
_atom_site.Cartn_z 
_atom_site.occupancy 
_atom_site.B_iso_or_equiv 
_atom_site.pdbx_formal_charge 
_atom_site.auth_seq_id 
_atom_site.auth_comp_id 
_atom_site.auth_asym_id 
_atom_site.auth_atom_id 
_atom_site.pdbx_PDB_model_num 
ATOM   1    N N   . MET A 1 1   ? -10.992 12.986  -3.728  1.00 61.44 ? -2  MET A N   1 
ATOM   2    C CA  . MET A 1 1   ? -11.711 14.242  -3.365  1.00 61.61 ? -2  MET A CA  1 
ATOM   3    C C   . MET A 1 1   ? -11.808 15.190  -4.556  1.00 60.45 ? -2  MET A C   1 
ATOM   4    O O   . MET A 1 1   ? -11.346 16.331  -4.497  1.00 60.20 ? -2  MET A O   1 
ATOM   5    C CB  . MET A 1 1   ? -11.003 14.949  -2.203  1.00 63.46 ? -2  MET A CB  1 
ATOM   6    C CG  . MET A 1 1   ? -11.052 14.196  -0.881  1.00 64.72 ? -2  MET A CG  1 
ATOM   7    S SD  . MET A 1 1   ? -10.145 12.636  -0.910  1.00 67.56 ? -2  MET A SD  1 
ATOM   8    C CE  . MET A 1 1   ? -8.588  13.144  -0.180  1.00 66.02 ? -2  MET A CE  1 
ATOM   9    N N   . ASP A 1 2   ? -12.412 14.704  -5.635  1.00 58.57 ? -1  ASP A N   1 
ATOM   10   C CA  . ASP A 1 2   ? -12.595 15.493  -6.850  1.00 56.13 ? -1  ASP A CA  1 
ATOM   11   C C   . ASP A 1 2   ? -11.277 16.022  -7.411  1.00 53.48 ? -1  ASP A C   1 
ATOM   12   O O   . ASP A 1 2   ? -11.033 17.230  -7.426  1.00 52.28 ? -1  ASP A O   1 
ATOM   13   C CB  . ASP A 1 2   ? -13.537 16.669  -6.580  1.00 57.30 ? -1  ASP A CB  1 
ATOM   14   C CG  . ASP A 1 2   ? -14.079 17.283  -7.856  1.00 58.70 ? -1  ASP A CG  1 
ATOM   15   O OD1 . ASP A 1 2   ? -14.571 18.430  -7.807  1.00 59.91 ? -1  ASP A OD1 1 
ATOM   16   O OD2 . ASP A 1 2   ? -14.023 16.609  -8.908  1.00 59.59 ? -1  ASP A OD2 1 
ATOM   17   N N   . TYR A 1 3   ? -10.431 15.109  -7.873  1.00 49.97 ? 0   TYR A N   1 
ATOM   18   C CA  . TYR A 1 3   ? -9.142  15.469  -8.447  1.00 47.10 ? 0   TYR A CA  1 
ATOM   19   C C   . TYR A 1 3   ? -9.205  15.334  -9.963  1.00 46.26 ? 0   TYR A C   1 
ATOM   20   O O   . TYR A 1 3   ? -10.001 14.557  -10.488 1.00 45.53 ? 0   TYR A O   1 
ATOM   21   C CB  . TYR A 1 3   ? -8.053  14.540  -7.908  1.00 46.75 ? 0   TYR A CB  1 
ATOM   22   C CG  . TYR A 1 3   ? -7.751  14.693  -6.437  1.00 44.54 ? 0   TYR A CG  1 
ATOM   23   C CD1 . TYR A 1 3   ? -7.051  13.702  -5.747  1.00 44.51 ? 0   TYR A CD1 1 
ATOM   24   C CD2 . TYR A 1 3   ? -8.143  15.831  -5.734  1.00 43.62 ? 0   TYR A CD2 1 
ATOM   25   C CE1 . TYR A 1 3   ? -6.748  13.839  -4.398  1.00 42.88 ? 0   TYR A CE1 1 
ATOM   26   C CE2 . TYR A 1 3   ? -7.844  15.979  -4.385  1.00 43.08 ? 0   TYR A CE2 1 
ATOM   27   C CZ  . TYR A 1 3   ? -7.147  14.980  -3.724  1.00 42.87 ? 0   TYR A CZ  1 
ATOM   28   O OH  . TYR A 1 3   ? -6.849  15.119  -2.388  1.00 41.94 ? 0   TYR A OH  1 
ATOM   29   N N   . MET A 1 4   ? -8.369  16.088  -10.667 1.00 45.25 ? 1   MET A N   1 
ATOM   30   C CA  . MET A 1 4   ? -8.343  16.005  -12.124 1.00 44.98 ? 1   MET A CA  1 
ATOM   31   C C   . MET A 1 4   ? -7.211  15.076  -12.551 1.00 43.59 ? 1   MET A C   1 
ATOM   32   O O   . MET A 1 4   ? -7.341  14.326  -13.522 1.00 42.84 ? 1   MET A O   1 
ATOM   33   C CB  . MET A 1 4   ? -8.132  17.384  -12.753 1.00 45.24 ? 1   MET A CB  1 
ATOM   34   C CG  . MET A 1 4   ? -8.248  17.366  -14.270 1.00 45.67 ? 1   MET A CG  1 
ATOM   35   S SD  . MET A 1 4   ? -7.785  18.923  -15.034 1.00 46.54 ? 1   MET A SD  1 
ATOM   36   C CE  . MET A 1 4   ? -9.251  19.898  -14.750 1.00 47.54 ? 1   MET A CE  1 
ATOM   37   N N   . GLU A 1 5   ? -6.102  15.134  -11.819 1.00 40.76 ? 2   GLU A N   1 
ATOM   38   C CA  . GLU A 1 5   ? -4.952  14.291  -12.110 1.00 40.43 ? 2   GLU A CA  1 
ATOM   39   C C   . GLU A 1 5   ? -5.139  12.890  -11.531 1.00 38.29 ? 2   GLU A C   1 
ATOM   40   O O   . GLU A 1 5   ? -5.832  12.704  -10.534 1.00 36.06 ? 2   GLU A O   1 
ATOM   41   C CB  . GLU A 1 5   ? -3.666  14.929  -11.559 1.00 41.95 ? 2   GLU A CB  1 
ATOM   42   C CG  . GLU A 1 5   ? -3.819  15.735  -10.263 1.00 44.35 ? 2   GLU A CG  1 
ATOM   43   C CD  . GLU A 1 5   ? -4.325  14.914  -9.091  1.00 45.46 ? 2   GLU A CD  1 
ATOM   44   O OE1 . GLU A 1 5   ? -5.517  14.552  -9.088  1.00 50.55 ? 2   GLU A OE1 1 
ATOM   45   O OE2 . GLU A 1 5   ? -3.537  14.628  -8.168  1.00 44.50 ? 2   GLU A OE2 1 
ATOM   46   N N   . ARG A 1 6   ? -4.525  11.904  -12.171 1.00 36.97 ? 3   ARG A N   1 
ATOM   47   C CA  . ARG A 1 6   ? -4.623  10.528  -11.715 1.00 35.36 ? 3   ARG A CA  1 
ATOM   48   C C   . ARG A 1 6   ? -3.215  9.974   -11.526 1.00 33.39 ? 3   ARG A C   1 
ATOM   49   O O   . ARG A 1 6   ? -2.276  10.434  -12.170 1.00 33.68 ? 3   ARG A O   1 
ATOM   50   C CB  . ARG A 1 6   ? -5.384  9.693   -12.743 1.00 38.19 ? 3   ARG A CB  1 
ATOM   51   C CG  . ARG A 1 6   ? -6.805  10.177  -13.011 1.00 41.81 ? 3   ARG A CG  1 
ATOM   52   C CD  . ARG A 1 6   ? -7.674  10.120  -11.758 1.00 45.03 ? 3   ARG A CD  1 
ATOM   53   N NE  . ARG A 1 6   ? -9.042  10.565  -12.027 1.00 49.60 ? 3   ARG A NE  1 
ATOM   54   C CZ  . ARG A 1 6   ? -9.978  10.734  -11.098 1.00 50.68 ? 3   ARG A CZ  1 
ATOM   55   N NH1 . ARG A 1 6   ? -11.191 11.142  -11.444 1.00 51.10 ? 3   ARG A NH1 1 
ATOM   56   N NH2 . ARG A 1 6   ? -9.702  10.503  -9.821  1.00 51.49 ? 3   ARG A NH2 1 
ATOM   57   N N   . PRO A 1 7   ? -3.047  8.984   -10.632 1.00 30.28 ? 4   PRO A N   1 
ATOM   58   C CA  . PRO A 1 7   ? -1.726  8.397   -10.389 1.00 26.57 ? 4   PRO A CA  1 
ATOM   59   C C   . PRO A 1 7   ? -1.178  7.637   -11.592 1.00 25.05 ? 4   PRO A C   1 
ATOM   60   O O   . PRO A 1 7   ? -1.931  7.006   -12.340 1.00 23.04 ? 4   PRO A O   1 
ATOM   61   C CB  . PRO A 1 7   ? -1.972  7.487   -9.190  1.00 27.63 ? 4   PRO A CB  1 
ATOM   62   C CG  . PRO A 1 7   ? -3.379  7.027   -9.423  1.00 28.84 ? 4   PRO A CG  1 
ATOM   63   C CD  . PRO A 1 7   ? -4.073  8.317   -9.809  1.00 28.98 ? 4   PRO A CD  1 
ATOM   64   N N   . LYS A 1 8   ? 0.139   7.704   -11.771 1.00 24.41 ? 5   LYS A N   1 
ATOM   65   C CA  . LYS A 1 8   ? 0.814   7.031   -12.874 1.00 22.63 ? 5   LYS A CA  1 
ATOM   66   C C   . LYS A 1 8   ? 1.208   5.608   -12.491 1.00 20.37 ? 5   LYS A C   1 
ATOM   67   O O   . LYS A 1 8   ? 1.382   4.745   -13.359 1.00 17.83 ? 5   LYS A O   1 
ATOM   68   C CB  . LYS A 1 8   ? 2.073   7.803   -13.275 1.00 23.93 ? 5   LYS A CB  1 
ATOM   69   C CG  . LYS A 1 8   ? 1.815   9.112   -14.010 1.00 30.50 ? 5   LYS A CG  1 
ATOM   70   C CD  . LYS A 1 8   ? 3.135   9.815   -14.332 1.00 36.03 ? 5   LYS A CD  1 
ATOM   71   C CE  . LYS A 1 8   ? 2.924   11.064  -15.179 1.00 36.34 ? 5   LYS A CE  1 
ATOM   72   N NZ  . LYS A 1 8   ? 2.036   12.048  -14.502 1.00 39.30 ? 5   LYS A NZ  1 
ATOM   73   N N   . LEU A 1 9   ? 1.353   5.383   -11.189 1.00 17.71 ? 6   LEU A N   1 
ATOM   74   C CA  . LEU A 1 9   ? 1.748   4.086   -10.654 1.00 16.45 ? 6   LEU A CA  1 
ATOM   75   C C   . LEU A 1 9   ? 0.727   3.524   -9.673  1.00 16.79 ? 6   LEU A C   1 
ATOM   76   O O   . LEU A 1 9   ? 0.068   4.260   -8.941  1.00 15.65 ? 6   LEU A O   1 
ATOM   77   C CB  . LEU A 1 9   ? 3.095   4.211   -9.941  1.00 16.01 ? 6   LEU A CB  1 
ATOM   78   C CG  . LEU A 1 9   ? 4.235   4.778   -10.782 1.00 17.26 ? 6   LEU A CG  1 
ATOM   79   C CD1 . LEU A 1 9   ? 5.449   5.008   -9.898  1.00 16.47 ? 6   LEU A CD1 1 
ATOM   80   C CD2 . LEU A 1 9   ? 4.560   3.820   -11.920 1.00 18.37 ? 6   LEU A CD2 1 
ATOM   81   N N   . GLY A 1 10  ? 0.615   2.203   -9.656  1.00 17.55 ? 7   GLY A N   1 
ATOM   82   C CA  . GLY A 1 10  ? -0.311  1.560   -8.749  1.00 15.39 ? 7   GLY A CA  1 
ATOM   83   C C   . GLY A 1 10  ? 0.389   0.485   -7.948  1.00 16.33 ? 7   GLY A C   1 
ATOM   84   O O   . GLY A 1 10  ? 1.465   0.019   -8.322  1.00 15.94 ? 7   GLY A O   1 
ATOM   85   N N   . LEU A 1 11  ? -0.219  0.105   -6.832  1.00 15.94 ? 8   LEU A N   1 
ATOM   86   C CA  . LEU A 1 11  ? 0.323   -0.935  -5.981  1.00 14.30 ? 8   LEU A CA  1 
ATOM   87   C C   . LEU A 1 11  ? -0.738  -2.005  -5.825  1.00 14.25 ? 8   LEU A C   1 
ATOM   88   O O   . LEU A 1 11  ? -1.896  -1.701  -5.540  1.00 13.04 ? 8   LEU A O   1 
ATOM   89   C CB  . LEU A 1 11  ? 0.666   -0.373  -4.605  1.00 15.26 ? 8   LEU A CB  1 
ATOM   90   C CG  . LEU A 1 11  ? 1.175   -1.375  -3.567  1.00 16.45 ? 8   LEU A CG  1 
ATOM   91   C CD1 . LEU A 1 11  ? 2.556   -1.883  -3.966  1.00 16.79 ? 8   LEU A CD1 1 
ATOM   92   C CD2 . LEU A 1 11  ? 1.223   -0.697  -2.202  1.00 17.35 ? 8   LEU A CD2 1 
ATOM   93   N N   . ILE A 1 12  ? -0.350  -3.260  -6.010  1.00 16.08 ? 9   ILE A N   1 
ATOM   94   C CA  . ILE A 1 12  ? -1.297  -4.351  -5.850  1.00 14.92 ? 9   ILE A CA  1 
ATOM   95   C C   . ILE A 1 12  ? -1.468  -4.651  -4.360  1.00 17.20 ? 9   ILE A C   1 
ATOM   96   O O   . ILE A 1 12  ? -0.505  -4.987  -3.661  1.00 15.27 ? 9   ILE A O   1 
ATOM   97   C CB  . ILE A 1 12  ? -0.814  -5.620  -6.598  1.00 15.73 ? 9   ILE A CB  1 
ATOM   98   C CG1 . ILE A 1 12  ? -0.922  -5.396  -8.113  1.00 14.97 ? 9   ILE A CG1 1 
ATOM   99   C CG2 . ILE A 1 12  ? -1.661  -6.827  -6.180  1.00 15.65 ? 9   ILE A CG2 1 
ATOM   100  C CD1 . ILE A 1 12  ? -0.308  -6.493  -8.966  1.00 14.16 ? 9   ILE A CD1 1 
ATOM   101  N N   . VAL A 1 13  ? -2.693  -4.508  -3.867  1.00 16.47 ? 10  VAL A N   1 
ATOM   102  C CA  . VAL A 1 13  ? -2.974  -4.777  -2.457  1.00 17.81 ? 10  VAL A CA  1 
ATOM   103  C C   . VAL A 1 13  ? -4.130  -5.765  -2.365  1.00 17.61 ? 10  VAL A C   1 
ATOM   104  O O   . VAL A 1 13  ? -5.143  -5.606  -3.039  1.00 14.77 ? 10  VAL A O   1 
ATOM   105  C CB  . VAL A 1 13  ? -3.356  -3.488  -1.695  1.00 16.99 ? 10  VAL A CB  1 
ATOM   106  C CG1 . VAL A 1 13  ? -3.606  -3.806  -0.231  1.00 17.01 ? 10  VAL A CG1 1 
ATOM   107  C CG2 . VAL A 1 13  ? -2.243  -2.450  -1.829  1.00 18.51 ? 10  VAL A CG2 1 
ATOM   108  N N   . ARG A 1 14  ? -3.971  -6.787  -1.531  1.00 18.74 ? 11  ARG A N   1 
ATOM   109  C CA  . ARG A 1 14  ? -5.007  -7.802  -1.376  1.00 18.92 ? 11  ARG A CA  1 
ATOM   110  C C   . ARG A 1 14  ? -6.110  -7.332  -0.440  1.00 18.97 ? 11  ARG A C   1 
ATOM   111  O O   . ARG A 1 14  ? -5.885  -6.490  0.435   1.00 16.79 ? 11  ARG A O   1 
ATOM   112  C CB  . ARG A 1 14  ? -4.393  -9.087  -0.814  1.00 20.20 ? 11  ARG A CB  1 
ATOM   113  C CG  . ARG A 1 14  ? -3.337  -9.705  -1.707  1.00 21.29 ? 11  ARG A CG  1 
ATOM   114  C CD  . ARG A 1 14  ? -3.972  -10.430 -2.886  1.00 24.52 ? 11  ARG A CD  1 
ATOM   115  N NE  . ARG A 1 14  ? -4.668  -11.637 -2.440  1.00 25.82 ? 11  ARG A NE  1 
ATOM   116  C CZ  . ARG A 1 14  ? -5.293  -12.486 -3.248  1.00 27.30 ? 11  ARG A CZ  1 
ATOM   117  N NH1 . ARG A 1 14  ? -5.318  -12.268 -4.558  1.00 24.93 ? 11  ARG A NH1 1 
ATOM   118  N NH2 . ARG A 1 14  ? -5.888  -13.560 -2.743  1.00 26.53 ? 11  ARG A NH2 1 
ATOM   119  N N   . GLU A 1 15  ? -7.310  -7.863  -0.629  1.00 17.44 ? 12  GLU A N   1 
ATOM   120  C CA  . GLU A 1 15  ? -8.398  -7.515  0.264   1.00 20.74 ? 12  GLU A CA  1 
ATOM   121  C C   . GLU A 1 15  ? -8.077  -8.310  1.524   1.00 22.11 ? 12  GLU A C   1 
ATOM   122  O O   . GLU A 1 15  ? -7.357  -9.307  1.462   1.00 24.65 ? 12  GLU A O   1 
ATOM   123  C CB  . GLU A 1 15  ? -9.746  -7.956  -0.316  1.00 21.56 ? 12  GLU A CB  1 
ATOM   124  C CG  . GLU A 1 15  ? -10.211 -7.146  -1.517  1.00 22.59 ? 12  GLU A CG  1 
ATOM   125  C CD  . GLU A 1 15  ? -10.469 -5.682  -1.180  1.00 24.35 ? 12  GLU A CD  1 
ATOM   126  O OE1 . GLU A 1 15  ? -10.378 -5.306  0.012   1.00 23.70 ? 12  GLU A OE1 1 
ATOM   127  O OE2 . GLU A 1 15  ? -10.769 -4.907  -2.110  1.00 26.59 ? 12  GLU A OE2 1 
ATOM   128  N N   . PRO A 1 16  ? -8.577  -7.874  2.686   1.00 21.94 ? 13  PRO A N   1 
ATOM   129  C CA  . PRO A 1 16  ? -9.420  -6.693  2.903   1.00 22.66 ? 13  PRO A CA  1 
ATOM   130  C C   . PRO A 1 16  ? -8.611  -5.395  3.021   1.00 21.59 ? 13  PRO A C   1 
ATOM   131  O O   . PRO A 1 16  ? -9.179  -4.308  3.132   1.00 21.34 ? 13  PRO A O   1 
ATOM   132  C CB  . PRO A 1 16  ? -10.135 -7.037  4.201   1.00 22.53 ? 13  PRO A CB  1 
ATOM   133  C CG  . PRO A 1 16  ? -9.039  -7.706  4.978   1.00 24.63 ? 13  PRO A CG  1 
ATOM   134  C CD  . PRO A 1 16  ? -8.396  -8.624  3.944   1.00 22.12 ? 13  PRO A CD  1 
ATOM   135  N N   . TYR A 1 17  ? -7.288  -5.514  2.984   1.00 19.94 ? 14  TYR A N   1 
ATOM   136  C CA  . TYR A 1 17  ? -6.408  -4.357  3.113   1.00 18.47 ? 14  TYR A CA  1 
ATOM   137  C C   . TYR A 1 17  ? -6.625  -3.268  2.069   1.00 16.34 ? 14  TYR A C   1 
ATOM   138  O O   . TYR A 1 17  ? -6.567  -2.087  2.392   1.00 13.93 ? 14  TYR A O   1 
ATOM   139  C CB  . TYR A 1 17  ? -4.952  -4.819  3.078   1.00 21.62 ? 14  TYR A CB  1 
ATOM   140  C CG  . TYR A 1 17  ? -4.681  -5.936  4.057   1.00 25.77 ? 14  TYR A CG  1 
ATOM   141  C CD1 . TYR A 1 17  ? -4.190  -7.167  3.621   1.00 28.66 ? 14  TYR A CD1 1 
ATOM   142  C CD2 . TYR A 1 17  ? -4.935  -5.770  5.416   1.00 27.45 ? 14  TYR A CD2 1 
ATOM   143  C CE1 . TYR A 1 17  ? -3.958  -8.206  4.514   1.00 29.86 ? 14  TYR A CE1 1 
ATOM   144  C CE2 . TYR A 1 17  ? -4.707  -6.805  6.321   1.00 30.85 ? 14  TYR A CE2 1 
ATOM   145  C CZ  . TYR A 1 17  ? -4.219  -8.019  5.860   1.00 30.28 ? 14  TYR A CZ  1 
ATOM   146  O OH  . TYR A 1 17  ? -3.993  -9.046  6.745   1.00 35.97 ? 14  TYR A OH  1 
ATOM   147  N N   . ALA A 1 18  ? -6.856  -3.663  0.819   1.00 15.83 ? 15  ALA A N   1 
ATOM   148  C CA  . ALA A 1 18  ? -7.082  -2.698  -0.254  1.00 15.46 ? 15  ALA A CA  1 
ATOM   149  C C   . ALA A 1 18  ? -8.259  -1.781  0.080   1.00 13.13 ? 15  ALA A C   1 
ATOM   150  O O   . ALA A 1 18  ? -8.155  -0.557  -0.025  1.00 15.41 ? 15  ALA A O   1 
ATOM   151  C CB  . ALA A 1 18  ? -7.344  -3.427  -1.572  1.00 14.50 ? 15  ALA A CB  1 
ATOM   152  N N   . SER A 1 19  ? -9.377  -2.378  0.478   1.00 15.39 ? 16  SER A N   1 
ATOM   153  C CA  . SER A 1 19  ? -10.568 -1.621  0.823   1.00 14.68 ? 16  SER A CA  1 
ATOM   154  C C   . SER A 1 19  ? -10.367 -0.755  2.058   1.00 14.73 ? 16  SER A C   1 
ATOM   155  O O   . SER A 1 19  ? -10.821 0.390   2.098   1.00 14.90 ? 16  SER A O   1 
ATOM   156  C CB  . SER A 1 19  ? -11.766 -2.562  1.052   1.00 15.78 ? 16  SER A CB  1 
ATOM   157  O OG  . SER A 1 19  ? -12.280 -3.042  -0.183  1.00 14.87 ? 16  SER A OG  1 
ATOM   158  N N   . LEU A 1 20  ? -9.702  -1.303  3.070   1.00 14.00 ? 17  LEU A N   1 
ATOM   159  C CA  . LEU A 1 20  ? -9.464  -0.551  4.295   1.00 15.70 ? 17  LEU A CA  1 
ATOM   160  C C   . LEU A 1 20  ? -8.689  0.724   3.977   1.00 14.91 ? 17  LEU A C   1 
ATOM   161  O O   . LEU A 1 20  ? -8.933  1.772   4.571   1.00 17.26 ? 17  LEU A O   1 
ATOM   162  C CB  . LEU A 1 20  ? -8.696  -1.401  5.305   1.00 16.04 ? 17  LEU A CB  1 
ATOM   163  C CG  . LEU A 1 20  ? -9.440  -2.634  5.828   1.00 18.57 ? 17  LEU A CG  1 
ATOM   164  C CD1 . LEU A 1 20  ? -8.519  -3.456  6.706   1.00 18.94 ? 17  LEU A CD1 1 
ATOM   165  C CD2 . LEU A 1 20  ? -10.672 -2.199  6.618   1.00 19.53 ? 17  LEU A CD2 1 
ATOM   166  N N   . ILE A 1 21  ? -7.764  0.630   3.029   1.00 16.86 ? 18  ILE A N   1 
ATOM   167  C CA  . ILE A 1 21  ? -6.972  1.788   2.625   1.00 14.09 ? 18  ILE A CA  1 
ATOM   168  C C   . ILE A 1 21  ? -7.816  2.834   1.901   1.00 15.53 ? 18  ILE A C   1 
ATOM   169  O O   . ILE A 1 21  ? -7.928  3.973   2.362   1.00 17.87 ? 18  ILE A O   1 
ATOM   170  C CB  . ILE A 1 21  ? -5.807  1.371   1.696   1.00 14.27 ? 18  ILE A CB  1 
ATOM   171  C CG1 . ILE A 1 21  ? -4.789  0.545   2.487   1.00 12.47 ? 18  ILE A CG1 1 
ATOM   172  C CG2 . ILE A 1 21  ? -5.155  2.606   1.074   1.00 14.30 ? 18  ILE A CG2 1 
ATOM   173  C CD1 . ILE A 1 21  ? -3.613  0.062   1.651   1.00 13.19 ? 18  ILE A CD1 1 
ATOM   174  N N   . VAL A 1 22  ? -8.420  2.457   0.774   1.00 13.66 ? 19  VAL A N   1 
ATOM   175  C CA  . VAL A 1 22  ? -9.204  3.421   0.011   1.00 13.89 ? 19  VAL A CA  1 
ATOM   176  C C   . VAL A 1 22  ? -10.431 3.964   0.726   1.00 16.53 ? 19  VAL A C   1 
ATOM   177  O O   . VAL A 1 22  ? -10.951 5.021   0.356   1.00 16.58 ? 19  VAL A O   1 
ATOM   178  C CB  . VAL A 1 22  ? -9.620  2.861   -1.380  1.00 13.63 ? 19  VAL A CB  1 
ATOM   179  C CG1 . VAL A 1 22  ? -8.384  2.540   -2.188  1.00 12.15 ? 19  VAL A CG1 1 
ATOM   180  C CG2 . VAL A 1 22  ? -10.495 1.634   -1.228  1.00 12.72 ? 19  VAL A CG2 1 
ATOM   181  N N   . ASP A 1 23  ? -10.894 3.251   1.747   1.00 16.49 ? 20  ASP A N   1 
ATOM   182  C CA  . ASP A 1 23  ? -12.048 3.701   2.508   1.00 17.05 ? 20  ASP A CA  1 
ATOM   183  C C   . ASP A 1 23  ? -11.584 4.592   3.658   1.00 17.36 ? 20  ASP A C   1 
ATOM   184  O O   . ASP A 1 23  ? -12.384 5.035   4.474   1.00 17.65 ? 20  ASP A O   1 
ATOM   185  C CB  . ASP A 1 23  ? -12.850 2.492   3.011   1.00 18.32 ? 20  ASP A CB  1 
ATOM   186  C CG  . ASP A 1 23  ? -13.608 1.797   1.887   1.00 18.63 ? 20  ASP A CG  1 
ATOM   187  O OD1 . ASP A 1 23  ? -13.872 0.581   1.997   1.00 19.83 ? 20  ASP A OD1 1 
ATOM   188  O OD2 . ASP A 1 23  ? -13.945 2.475   0.886   1.00 16.43 ? 20  ASP A OD2 1 
ATOM   189  N N   . GLY A 1 24  ? -10.277 4.848   3.701   1.00 16.39 ? 21  GLY A N   1 
ATOM   190  C CA  . GLY A 1 24  ? -9.694  5.721   4.710   1.00 18.36 ? 21  GLY A CA  1 
ATOM   191  C C   . GLY A 1 24  ? -9.518  5.180   6.118   1.00 19.58 ? 21  GLY A C   1 
ATOM   192  O O   . GLY A 1 24  ? -9.293  5.951   7.052   1.00 21.15 ? 21  GLY A O   1 
ATOM   193  N N   . ARG A 1 25  ? -9.592  3.863   6.277   1.00 19.21 ? 22  ARG A N   1 
ATOM   194  C CA  . ARG A 1 25  ? -9.471  3.240   7.591   1.00 19.60 ? 22  ARG A CA  1 
ATOM   195  C C   . ARG A 1 25  ? -8.071  2.757   7.945   1.00 21.42 ? 22  ARG A C   1 
ATOM   196  O O   . ARG A 1 25  ? -7.767  2.513   9.113   1.00 19.83 ? 22  ARG A O   1 
ATOM   197  C CB  . ARG A 1 25  ? -10.417 2.045   7.688   1.00 21.83 ? 22  ARG A CB  1 
ATOM   198  C CG  . ARG A 1 25  ? -11.881 2.394   7.730   1.00 22.47 ? 22  ARG A CG  1 
ATOM   199  C CD  . ARG A 1 25  ? -12.564 1.472   8.712   1.00 27.66 ? 22  ARG A CD  1 
ATOM   200  N NE  . ARG A 1 25  ? -13.146 0.311   8.066   1.00 30.45 ? 22  ARG A NE  1 
ATOM   201  C CZ  . ARG A 1 25  ? -13.587 -0.761  8.715   1.00 28.97 ? 22  ARG A CZ  1 
ATOM   202  N NH1 . ARG A 1 25  ? -14.115 -1.767  8.035   1.00 26.78 ? 22  ARG A NH1 1 
ATOM   203  N NH2 . ARG A 1 25  ? -13.476 -0.837  10.034  1.00 30.82 ? 22  ARG A NH2 1 
ATOM   204  N N   . LYS A 1 26  ? -7.224  2.625   6.931   1.00 20.99 ? 23  LYS A N   1 
ATOM   205  C CA  . LYS A 1 26  ? -5.871  2.113   7.123   1.00 19.39 ? 23  LYS A CA  1 
ATOM   206  C C   . LYS A 1 26  ? -4.849  3.093   6.557   1.00 19.50 ? 23  LYS A C   1 
ATOM   207  O O   . LYS A 1 26  ? -4.746  3.250   5.339   1.00 20.93 ? 23  LYS A O   1 
ATOM   208  C CB  . LYS A 1 26  ? -5.788  0.749   6.426   1.00 18.84 ? 23  LYS A CB  1 
ATOM   209  C CG  . LYS A 1 26  ? -4.435  0.068   6.379   1.00 19.47 ? 23  LYS A CG  1 
ATOM   210  C CD  . LYS A 1 26  ? -4.607  -1.337  5.784   1.00 18.25 ? 23  LYS A CD  1 
ATOM   211  C CE  . LYS A 1 26  ? -3.278  -1.989  5.430   1.00 15.36 ? 23  LYS A CE  1 
ATOM   212  N NZ  . LYS A 1 26  ? -2.398  -2.161  6.613   1.00 13.90 ? 23  LYS A NZ  1 
ATOM   213  N N   . VAL A 1 27  ? -4.103  3.753   7.444   1.00 18.38 ? 24  VAL A N   1 
ATOM   214  C CA  . VAL A 1 27  ? -3.101  4.731   7.034   1.00 20.20 ? 24  VAL A CA  1 
ATOM   215  C C   . VAL A 1 27  ? -1.685  4.181   6.925   1.00 20.42 ? 24  VAL A C   1 
ATOM   216  O O   . VAL A 1 27  ? -0.790  4.863   6.419   1.00 20.79 ? 24  VAL A O   1 
ATOM   217  C CB  . VAL A 1 27  ? -3.071  5.943   7.992   1.00 21.39 ? 24  VAL A CB  1 
ATOM   218  C CG1 . VAL A 1 27  ? -4.338  6.759   7.835   1.00 21.58 ? 24  VAL A CG1 1 
ATOM   219  C CG2 . VAL A 1 27  ? -2.892  5.469   9.425   1.00 24.28 ? 24  VAL A CG2 1 
ATOM   220  N N   . TRP A 1 28  ? -1.484  2.960   7.410   1.00 18.60 ? 25  TRP A N   1 
ATOM   221  C CA  . TRP A 1 28  ? -0.178  2.302   7.357   1.00 19.93 ? 25  TRP A CA  1 
ATOM   222  C C   . TRP A 1 28  ? -0.301  1.021   6.540   1.00 19.50 ? 25  TRP A C   1 
ATOM   223  O O   . TRP A 1 28  ? -1.118  0.154   6.856   1.00 20.00 ? 25  TRP A O   1 
ATOM   224  C CB  . TRP A 1 28  ? 0.308   1.936   8.763   1.00 20.67 ? 25  TRP A CB  1 
ATOM   225  C CG  . TRP A 1 28  ? 1.104   2.996   9.486   1.00 21.13 ? 25  TRP A CG  1 
ATOM   226  C CD1 . TRP A 1 28  ? 1.153   4.334   9.207   1.00 22.02 ? 25  TRP A CD1 1 
ATOM   227  C CD2 . TRP A 1 28  ? 1.904   2.803   10.659  1.00 21.28 ? 25  TRP A CD2 1 
ATOM   228  N NE1 . TRP A 1 28  ? 1.931   4.983   10.139  1.00 21.82 ? 25  TRP A NE1 1 
ATOM   229  C CE2 . TRP A 1 28  ? 2.402   4.065   11.042  1.00 23.26 ? 25  TRP A CE2 1 
ATOM   230  C CE3 . TRP A 1 28  ? 2.243   1.679   11.428  1.00 23.08 ? 25  TRP A CE3 1 
ATOM   231  C CZ2 . TRP A 1 28  ? 3.227   4.238   12.163  1.00 24.64 ? 25  TRP A CZ2 1 
ATOM   232  C CZ3 . TRP A 1 28  ? 3.063   1.853   12.546  1.00 24.91 ? 25  TRP A CZ3 1 
ATOM   233  C CH2 . TRP A 1 28  ? 3.543   3.123   12.899  1.00 21.78 ? 25  TRP A CH2 1 
ATOM   234  N N   . GLU A 1 29  ? 0.500   0.916   5.486   1.00 16.67 ? 26  GLU A N   1 
ATOM   235  C CA  . GLU A 1 29  ? 0.511   -0.266  4.630   1.00 18.49 ? 26  GLU A CA  1 
ATOM   236  C C   . GLU A 1 29  ? 1.830   -0.982  4.923   1.00 18.91 ? 26  GLU A C   1 
ATOM   237  O O   . GLU A 1 29  ? 2.905   -0.411  4.739   1.00 18.62 ? 26  GLU A O   1 
ATOM   238  C CB  . GLU A 1 29  ? 0.416   0.159   3.159   1.00 16.52 ? 26  GLU A CB  1 
ATOM   239  C CG  . GLU A 1 29  ? 0.728   -0.919  2.138   1.00 17.37 ? 26  GLU A CG  1 
ATOM   240  C CD  . GLU A 1 29  ? -0.143  -2.153  2.261   1.00 20.39 ? 26  GLU A CD  1 
ATOM   241  O OE1 . GLU A 1 29  ? -1.116  -2.148  3.045   1.00 21.59 ? 26  GLU A OE1 1 
ATOM   242  O OE2 . GLU A 1 29  ? 0.155   -3.138  1.559   1.00 21.34 ? 26  GLU A OE2 1 
ATOM   243  N N   . ILE A 1 30  ? 1.735   -2.224  5.390   1.00 18.12 ? 27  ILE A N   1 
ATOM   244  C CA  . ILE A 1 30  ? 2.908   -3.009  5.758   1.00 20.18 ? 27  ILE A CA  1 
ATOM   245  C C   . ILE A 1 30  ? 3.590   -3.735  4.604   1.00 20.34 ? 27  ILE A C   1 
ATOM   246  O O   . ILE A 1 30  ? 2.954   -4.489  3.868   1.00 19.72 ? 27  ILE A O   1 
ATOM   247  C CB  . ILE A 1 30  ? 2.555   -4.050  6.839   1.00 20.51 ? 27  ILE A CB  1 
ATOM   248  C CG1 . ILE A 1 30  ? 1.788   -3.381  7.985   1.00 21.53 ? 27  ILE A CG1 1 
ATOM   249  C CG2 . ILE A 1 30  ? 3.826   -4.721  7.350   1.00 22.58 ? 27  ILE A CG2 1 
ATOM   250  C CD1 . ILE A 1 30  ? 2.488   -2.194  8.606   1.00 21.69 ? 27  ILE A CD1 1 
ATOM   251  N N   . ARG A 1 31  ? 4.902   -3.530  4.487   1.00 19.94 ? 28  ARG A N   1 
ATOM   252  C CA  . ARG A 1 31  ? 5.703   -4.130  3.421   1.00 22.27 ? 28  ARG A CA  1 
ATOM   253  C C   . ARG A 1 31  ? 7.087   -4.561  3.919   1.00 24.32 ? 28  ARG A C   1 
ATOM   254  O O   . ARG A 1 31  ? 7.572   -4.066  4.934   1.00 25.23 ? 28  ARG A O   1 
ATOM   255  C CB  . ARG A 1 31  ? 5.868   -3.123  2.281   1.00 22.02 ? 28  ARG A CB  1 
ATOM   256  C CG  . ARG A 1 31  ? 4.563   -2.761  1.595   1.00 21.98 ? 28  ARG A CG  1 
ATOM   257  C CD  . ARG A 1 31  ? 4.192   -3.812  0.554   1.00 20.21 ? 28  ARG A CD  1 
ATOM   258  N NE  . ARG A 1 31  ? 2.781   -3.763  0.191   1.00 22.10 ? 28  ARG A NE  1 
ATOM   259  C CZ  . ARG A 1 31  ? 2.288   -4.278  -0.930  1.00 18.88 ? 28  ARG A CZ  1 
ATOM   260  N NH1 . ARG A 1 31  ? 0.990   -4.201  -1.185  1.00 19.18 ? 28  ARG A NH1 1 
ATOM   261  N NH2 . ARG A 1 31  ? 3.098   -4.854  -1.807  1.00 17.24 ? 28  ARG A NH2 1 
ATOM   262  N N   . ARG A 1 32  ? 7.720   -5.472  3.186   1.00 25.11 ? 29  ARG A N   1 
ATOM   263  C CA  . ARG A 1 32  ? 9.044   -5.982  3.546   1.00 27.97 ? 29  ARG A CA  1 
ATOM   264  C C   . ARG A 1 32  ? 10.178  -5.007  3.240   1.00 26.55 ? 29  ARG A C   1 
ATOM   265  O O   . ARG A 1 32  ? 11.307  -5.199  3.694   1.00 27.18 ? 29  ARG A O   1 
ATOM   266  C CB  . ARG A 1 32  ? 9.336   -7.278  2.793   1.00 30.57 ? 29  ARG A CB  1 
ATOM   267  C CG  . ARG A 1 32  ? 8.362   -8.407  3.031   1.00 35.79 ? 29  ARG A CG  1 
ATOM   268  C CD  . ARG A 1 32  ? 8.722   -9.571  2.124   1.00 37.23 ? 29  ARG A CD  1 
ATOM   269  N NE  . ARG A 1 32  ? 7.837   -10.713 2.306   1.00 41.26 ? 29  ARG A NE  1 
ATOM   270  C CZ  . ARG A 1 32  ? 7.719   -11.387 3.443   1.00 43.69 ? 29  ARG A CZ  1 
ATOM   271  N NH1 . ARG A 1 32  ? 6.888   -12.420 3.522   1.00 42.81 ? 29  ARG A NH1 1 
ATOM   272  N NH2 . ARG A 1 32  ? 8.431   -11.026 4.502   1.00 44.06 ? 29  ARG A NH2 1 
ATOM   273  N N   . ARG A 1 33  ? 9.897   -3.971  2.460   1.00 25.19 ? 30  ARG A N   1 
ATOM   274  C CA  . ARG A 1 33  ? 10.941  -3.018  2.107   1.00 24.73 ? 30  ARG A CA  1 
ATOM   275  C C   . ARG A 1 33  ? 10.451  -1.586  2.053   1.00 23.69 ? 30  ARG A C   1 
ATOM   276  O O   . ARG A 1 33  ? 9.250   -1.325  1.998   1.00 21.16 ? 30  ARG A O   1 
ATOM   277  C CB  . ARG A 1 33  ? 11.539  -3.378  0.746   1.00 27.00 ? 30  ARG A CB  1 
ATOM   278  C CG  . ARG A 1 33  ? 12.148  -4.768  0.657   1.00 33.09 ? 30  ARG A CG  1 
ATOM   279  C CD  . ARG A 1 33  ? 12.740  -5.000  -0.722  1.00 36.52 ? 30  ARG A CD  1 
ATOM   280  N NE  . ARG A 1 33  ? 13.809  -4.049  -1.020  1.00 39.77 ? 30  ARG A NE  1 
ATOM   281  C CZ  . ARG A 1 33  ? 15.039  -4.121  -0.521  1.00 41.77 ? 30  ARG A CZ  1 
ATOM   282  N NH1 . ARG A 1 33  ? 15.942  -3.208  -0.846  1.00 43.02 ? 30  ARG A NH1 1 
ATOM   283  N NH2 . ARG A 1 33  ? 15.372  -5.113  0.291   1.00 41.62 ? 30  ARG A NH2 1 
ATOM   284  N N   . LYS A 1 34  ? 11.395  -0.655  2.070   1.00 23.43 ? 31  LYS A N   1 
ATOM   285  C CA  . LYS A 1 34  ? 11.063  0.759   1.984   1.00 25.55 ? 31  LYS A CA  1 
ATOM   286  C C   . LYS A 1 34  ? 10.960  1.138   0.515   1.00 23.67 ? 31  LYS A C   1 
ATOM   287  O O   . LYS A 1 34  ? 11.264  0.336   -0.366  1.00 23.68 ? 31  LYS A O   1 
ATOM   288  C CB  . LYS A 1 34  ? 12.157  1.618   2.624   1.00 28.32 ? 31  LYS A CB  1 
ATOM   289  C CG  . LYS A 1 34  ? 12.265  1.488   4.128   1.00 32.95 ? 31  LYS A CG  1 
ATOM   290  C CD  . LYS A 1 34  ? 13.373  2.375   4.683   1.00 35.65 ? 31  LYS A CD  1 
ATOM   291  C CE  . LYS A 1 34  ? 14.742  1.897   4.227   1.00 38.86 ? 31  LYS A CE  1 
ATOM   292  N NZ  . LYS A 1 34  ? 15.001  0.490   4.653   1.00 39.48 ? 31  LYS A NZ  1 
ATOM   293  N N   . THR A 1 35  ? 10.518  2.366   0.275   1.00 22.97 ? 32  THR A N   1 
ATOM   294  C CA  . THR A 1 35  ? 10.405  2.921   -1.062  1.00 21.91 ? 32  THR A CA  1 
ATOM   295  C C   . THR A 1 35  ? 10.544  4.423   -0.885  1.00 23.18 ? 32  THR A C   1 
ATOM   296  O O   . THR A 1 35  ? 10.178  4.958   0.162   1.00 23.72 ? 32  THR A O   1 
ATOM   297  C CB  . THR A 1 35  ? 9.039   2.634   -1.710  1.00 20.08 ? 32  THR A CB  1 
ATOM   298  O OG1 . THR A 1 35  ? 9.020   3.187   -3.032  1.00 18.24 ? 32  THR A OG1 1 
ATOM   299  C CG2 . THR A 1 35  ? 7.907   3.265   -0.890  1.00 21.83 ? 32  THR A CG2 1 
ATOM   300  N N   . ARG A 1 36  ? 11.082  5.098   -1.894  1.00 24.51 ? 33  ARG A N   1 
ATOM   301  C CA  . ARG A 1 36  ? 11.238  6.545   -1.837  1.00 25.72 ? 33  ARG A CA  1 
ATOM   302  C C   . ARG A 1 36  ? 10.132  7.196   -2.643  1.00 26.70 ? 33  ARG A C   1 
ATOM   303  O O   . ARG A 1 36  ? 10.058  8.421   -2.745  1.00 26.02 ? 33  ARG A O   1 
ATOM   304  C CB  . ARG A 1 36  ? 12.594  6.976   -2.398  1.00 31.39 ? 33  ARG A CB  1 
ATOM   305  C CG  . ARG A 1 36  ? 13.757  6.781   -1.451  1.00 37.30 ? 33  ARG A CG  1 
ATOM   306  C CD  . ARG A 1 36  ? 15.036  7.339   -2.063  1.00 42.30 ? 33  ARG A CD  1 
ATOM   307  N NE  . ARG A 1 36  ? 16.194  7.175   -1.190  1.00 47.13 ? 33  ARG A NE  1 
ATOM   308  C CZ  . ARG A 1 36  ? 16.626  6.005   -0.728  1.00 49.17 ? 33  ARG A CZ  1 
ATOM   309  N NH1 . ARG A 1 36  ? 17.691  5.954   0.059   1.00 50.96 ? 33  ARG A NH1 1 
ATOM   310  N NH2 . ARG A 1 36  ? 15.993  4.885   -1.049  1.00 49.62 ? 33  ARG A NH2 1 
ATOM   311  N N   . HIS A 1 37  ? 9.269   6.379   -3.236  1.00 25.00 ? 34  HIS A N   1 
ATOM   312  C CA  . HIS A 1 37  ? 8.182   6.948   -4.008  1.00 24.57 ? 34  HIS A CA  1 
ATOM   313  C C   . HIS A 1 37  ? 7.318   7.777   -3.074  1.00 24.24 ? 34  HIS A C   1 
ATOM   314  O O   . HIS A 1 37  ? 7.018   7.364   -1.952  1.00 23.55 ? 34  HIS A O   1 
ATOM   315  C CB  . HIS A 1 37  ? 7.339   5.855   -4.659  1.00 24.23 ? 34  HIS A CB  1 
ATOM   316  C CG  . HIS A 1 37  ? 6.119   6.372   -5.354  1.00 21.25 ? 34  HIS A CG  1 
ATOM   317  N ND1 . HIS A 1 37  ? 4.913   6.546   -4.713  1.00 21.90 ? 34  HIS A ND1 1 
ATOM   318  C CD2 . HIS A 1 37  ? 5.926   6.769   -6.634  1.00 20.60 ? 34  HIS A CD2 1 
ATOM   319  C CE1 . HIS A 1 37  ? 4.026   7.025   -5.568  1.00 20.08 ? 34  HIS A CE1 1 
ATOM   320  N NE2 . HIS A 1 37  ? 4.615   7.169   -6.741  1.00 22.39 ? 34  HIS A NE2 1 
ATOM   321  N N   . ARG A 1 38  ? 6.937   8.957   -3.540  1.00 24.75 ? 35  ARG A N   1 
ATOM   322  C CA  . ARG A 1 38  ? 6.097   9.852   -2.762  1.00 25.28 ? 35  ARG A CA  1 
ATOM   323  C C   . ARG A 1 38  ? 5.036   10.420  -3.694  1.00 26.32 ? 35  ARG A C   1 
ATOM   324  O O   . ARG A 1 38  ? 5.288   10.594  -4.884  1.00 28.05 ? 35  ARG A O   1 
ATOM   325  C CB  . ARG A 1 38  ? 6.946   10.972  -2.167  1.00 26.09 ? 35  ARG A CB  1 
ATOM   326  C CG  . ARG A 1 38  ? 7.949   10.498  -1.123  1.00 26.34 ? 35  ARG A CG  1 
ATOM   327  C CD  . ARG A 1 38  ? 7.251   10.042  0.146   1.00 25.34 ? 35  ARG A CD  1 
ATOM   328  N NE  . ARG A 1 38  ? 8.199   9.669   1.194   1.00 25.52 ? 35  ARG A NE  1 
ATOM   329  C CZ  . ARG A 1 38  ? 8.838   8.504   1.260   1.00 27.26 ? 35  ARG A CZ  1 
ATOM   330  N NH1 . ARG A 1 38  ? 9.683   8.274   2.255   1.00 26.58 ? 35  ARG A NH1 1 
ATOM   331  N NH2 . ARG A 1 38  ? 8.623   7.563   0.348   1.00 27.57 ? 35  ARG A NH2 1 
ATOM   332  N N   . GLY A 1 39  ? 3.851   10.699  -3.164  1.00 25.74 ? 36  GLY A N   1 
ATOM   333  C CA  . GLY A 1 39  ? 2.790   11.230  -3.998  1.00 24.21 ? 36  GLY A CA  1 
ATOM   334  C C   . GLY A 1 39  ? 1.693   10.201  -4.215  1.00 23.99 ? 36  GLY A C   1 
ATOM   335  O O   . GLY A 1 39  ? 1.714   9.137   -3.592  1.00 21.04 ? 36  GLY A O   1 
ATOM   336  N N   . PRO A 1 40  ? 0.728   10.481  -5.106  1.00 23.68 ? 37  PRO A N   1 
ATOM   337  C CA  . PRO A 1 40  ? -0.364  9.543   -5.366  1.00 22.72 ? 37  PRO A CA  1 
ATOM   338  C C   . PRO A 1 40  ? 0.092   8.144   -5.769  1.00 20.45 ? 37  PRO A C   1 
ATOM   339  O O   . PRO A 1 40  ? 1.126   7.962   -6.407  1.00 20.38 ? 37  PRO A O   1 
ATOM   340  C CB  . PRO A 1 40  ? -1.176  10.249  -6.453  1.00 25.61 ? 37  PRO A CB  1 
ATOM   341  C CG  . PRO A 1 40  ? -0.160  11.072  -7.167  1.00 26.53 ? 37  PRO A CG  1 
ATOM   342  C CD  . PRO A 1 40  ? 0.669   11.624  -6.032  1.00 25.35 ? 37  PRO A CD  1 
ATOM   343  N N   . LEU A 1 41  ? -0.706  7.158   -5.385  1.00 19.42 ? 38  LEU A N   1 
ATOM   344  C CA  . LEU A 1 41  ? -0.416  5.766   -5.670  1.00 18.01 ? 38  LEU A CA  1 
ATOM   345  C C   . LEU A 1 41  ? -1.747  5.046   -5.801  1.00 18.37 ? 38  LEU A C   1 
ATOM   346  O O   . LEU A 1 41  ? -2.532  5.026   -4.858  1.00 17.30 ? 38  LEU A O   1 
ATOM   347  C CB  . LEU A 1 41  ? 0.381   5.161   -4.515  1.00 18.81 ? 38  LEU A CB  1 
ATOM   348  C CG  . LEU A 1 41  ? 0.854   3.725   -4.720  1.00 21.84 ? 38  LEU A CG  1 
ATOM   349  C CD1 . LEU A 1 41  ? 1.885   3.690   -5.839  1.00 20.04 ? 38  LEU A CD1 1 
ATOM   350  C CD2 . LEU A 1 41  ? 1.447   3.191   -3.424  1.00 25.70 ? 38  LEU A CD2 1 
ATOM   351  N N   . GLY A 1 42  ? -2.005  4.475   -6.973  1.00 15.81 ? 39  GLY A N   1 
ATOM   352  C CA  . GLY A 1 42  ? -3.252  3.765   -7.175  1.00 14.73 ? 39  GLY A CA  1 
ATOM   353  C C   . GLY A 1 42  ? -3.267  2.458   -6.403  1.00 13.60 ? 39  GLY A C   1 
ATOM   354  O O   . GLY A 1 42  ? -2.227  1.817   -6.233  1.00 14.03 ? 39  GLY A O   1 
ATOM   355  N N   . ILE A 1 43  ? -4.443  2.069   -5.918  1.00 11.93 ? 40  ILE A N   1 
ATOM   356  C CA  . ILE A 1 43  ? -4.584  0.825   -5.172  1.00 13.97 ? 40  ILE A CA  1 
ATOM   357  C C   . ILE A 1 43  ? -5.270  -0.197  -6.069  1.00 14.65 ? 40  ILE A C   1 
ATOM   358  O O   . ILE A 1 43  ? -6.458  -0.075  -6.360  1.00 16.12 ? 40  ILE A O   1 
ATOM   359  C CB  . ILE A 1 43  ? -5.435  1.019   -3.900  1.00 14.17 ? 40  ILE A CB  1 
ATOM   360  C CG1 . ILE A 1 43  ? -4.766  2.035   -2.968  1.00 13.41 ? 40  ILE A CG1 1 
ATOM   361  C CG2 . ILE A 1 43  ? -5.631  -0.317  -3.191  1.00 15.28 ? 40  ILE A CG2 1 
ATOM   362  C CD1 . ILE A 1 43  ? -3.355  1.669   -2.545  1.00 13.61 ? 40  ILE A CD1 1 
ATOM   363  N N   . VAL A 1 44  ? -4.519  -1.202  -6.501  1.00 15.51 ? 41  VAL A N   1 
ATOM   364  C CA  . VAL A 1 44  ? -5.042  -2.242  -7.387  1.00 15.80 ? 41  VAL A CA  1 
ATOM   365  C C   . VAL A 1 44  ? -5.387  -3.520  -6.634  1.00 17.40 ? 41  VAL A C   1 
ATOM   366  O O   . VAL A 1 44  ? -4.531  -4.128  -6.001  1.00 19.87 ? 41  VAL A O   1 
ATOM   367  C CB  . VAL A 1 44  ? -4.016  -2.578  -8.487  1.00 17.48 ? 41  VAL A CB  1 
ATOM   368  C CG1 . VAL A 1 44  ? -4.520  -3.716  -9.361  1.00 14.29 ? 41  VAL A CG1 1 
ATOM   369  C CG2 . VAL A 1 44  ? -3.746  -1.343  -9.323  1.00 15.08 ? 41  VAL A CG2 1 
ATOM   370  N N   . SER A 1 45  ? -6.647  -3.929  -6.713  1.00 20.11 ? 42  SER A N   1 
ATOM   371  C CA  . SER A 1 45  ? -7.101  -5.131  -6.030  1.00 22.73 ? 42  SER A CA  1 
ATOM   372  C C   . SER A 1 45  ? -7.952  -5.974  -6.968  1.00 24.97 ? 42  SER A C   1 
ATOM   373  O O   . SER A 1 45  ? -8.867  -5.466  -7.620  1.00 23.90 ? 42  SER A O   1 
ATOM   374  C CB  . SER A 1 45  ? -7.911  -4.748  -4.789  1.00 25.86 ? 42  SER A CB  1 
ATOM   375  O OG  . SER A 1 45  ? -8.167  -5.879  -3.976  1.00 31.66 ? 42  SER A OG  1 
ATOM   376  N N   . GLY A 1 46  ? -7.640  -7.265  -7.035  1.00 27.17 ? 43  GLY A N   1 
ATOM   377  C CA  . GLY A 1 46  ? -8.380  -8.163  -7.901  1.00 27.98 ? 43  GLY A CA  1 
ATOM   378  C C   . GLY A 1 46  ? -8.405  -7.737  -9.360  1.00 29.24 ? 43  GLY A C   1 
ATOM   379  O O   . GLY A 1 46  ? -9.408  -7.933  -10.046 1.00 29.90 ? 43  GLY A O   1 
ATOM   380  N N   . GLY A 1 47  ? -7.312  -7.148  -9.839  1.00 27.69 ? 44  GLY A N   1 
ATOM   381  C CA  . GLY A 1 47  ? -7.260  -6.721  -11.226 1.00 26.41 ? 44  GLY A CA  1 
ATOM   382  C C   . GLY A 1 47  ? -8.060  -5.468  -11.549 1.00 26.14 ? 44  GLY A C   1 
ATOM   383  O O   . GLY A 1 47  ? -8.310  -5.174  -12.718 1.00 28.10 ? 44  GLY A O   1 
ATOM   384  N N   . ARG A 1 48  ? -8.464  -4.728  -10.524 1.00 23.29 ? 45  ARG A N   1 
ATOM   385  C CA  . ARG A 1 48  ? -9.232  -3.500  -10.723 1.00 22.39 ? 45  ARG A CA  1 
ATOM   386  C C   . ARG A 1 48  ? -8.613  -2.377  -9.908  1.00 20.63 ? 45  ARG A C   1 
ATOM   387  O O   . ARG A 1 48  ? -8.157  -2.599  -8.788  1.00 18.06 ? 45  ARG A O   1 
ATOM   388  C CB  . ARG A 1 48  ? -10.684 -3.689  -10.263 1.00 25.13 ? 45  ARG A CB  1 
ATOM   389  C CG  . ARG A 1 48  ? -11.422 -4.827  -10.940 1.00 33.89 ? 45  ARG A CG  1 
ATOM   390  C CD  . ARG A 1 48  ? -11.850 -4.465  -12.353 1.00 38.34 ? 45  ARG A CD  1 
ATOM   391  N NE  . ARG A 1 48  ? -12.238 -5.646  -13.120 1.00 45.81 ? 45  ARG A NE  1 
ATOM   392  C CZ  . ARG A 1 48  ? -13.161 -6.525  -12.739 1.00 47.57 ? 45  ARG A CZ  1 
ATOM   393  N NH1 . ARG A 1 48  ? -13.440 -7.570  -13.507 1.00 50.05 ? 45  ARG A NH1 1 
ATOM   394  N NH2 . ARG A 1 48  ? -13.809 -6.364  -11.592 1.00 50.62 ? 45  ARG A NH2 1 
ATOM   395  N N   . LEU A 1 49  ? -8.590  -1.177  -10.480 1.00 19.01 ? 46  LEU A N   1 
ATOM   396  C CA  . LEU A 1 49  ? -8.065  -0.008  -9.785  1.00 18.66 ? 46  LEU A CA  1 
ATOM   397  C C   . LEU A 1 49  ? -9.269  0.551   -9.018  1.00 18.53 ? 46  LEU A C   1 
ATOM   398  O O   . LEU A 1 49  ? -10.165 1.154   -9.612  1.00 18.30 ? 46  LEU A O   1 
ATOM   399  C CB  . LEU A 1 49  ? -7.549  1.010   -10.803 1.00 17.16 ? 46  LEU A CB  1 
ATOM   400  C CG  . LEU A 1 49  ? -7.009  2.347   -10.291 1.00 19.07 ? 46  LEU A CG  1 
ATOM   401  C CD1 . LEU A 1 49  ? -5.805  2.132   -9.381  1.00 18.35 ? 46  LEU A CD1 1 
ATOM   402  C CD2 . LEU A 1 49  ? -6.625  3.204   -11.482 1.00 18.48 ? 46  LEU A CD2 1 
ATOM   403  N N   . ILE A 1 50  ? -9.291  0.347   -7.701  1.00 17.44 ? 47  ILE A N   1 
ATOM   404  C CA  . ILE A 1 50  ? -10.421 0.786   -6.891  1.00 19.69 ? 47  ILE A CA  1 
ATOM   405  C C   . ILE A 1 50  ? -10.323 2.169   -6.250  1.00 18.77 ? 47  ILE A C   1 
ATOM   406  O O   . ILE A 1 50  ? -11.330 2.730   -5.823  1.00 18.43 ? 47  ILE A O   1 
ATOM   407  C CB  . ILE A 1 50  ? -10.739 -0.250  -5.778  1.00 20.23 ? 47  ILE A CB  1 
ATOM   408  C CG1 . ILE A 1 50  ? -9.557  -0.378  -4.810  1.00 19.85 ? 47  ILE A CG1 1 
ATOM   409  C CG2 . ILE A 1 50  ? -11.042 -1.594  -6.406  1.00 19.32 ? 47  ILE A CG2 1 
ATOM   410  C CD1 . ILE A 1 50  ? -9.863  -1.232  -3.592  1.00 18.58 ? 47  ILE A CD1 1 
ATOM   411  N N   . GLY A 1 51  ? -9.122  2.721   -6.194  1.00 17.37 ? 48  GLY A N   1 
ATOM   412  C CA  . GLY A 1 51  ? -8.956  4.028   -5.591  1.00 16.20 ? 48  GLY A CA  1 
ATOM   413  C C   . GLY A 1 51  ? -7.499  4.418   -5.533  1.00 16.19 ? 48  GLY A C   1 
ATOM   414  O O   . GLY A 1 51  ? -6.686  3.925   -6.312  1.00 12.93 ? 48  GLY A O   1 
ATOM   415  N N   . GLN A 1 52  ? -7.158  5.294   -4.596  1.00 16.23 ? 49  GLN A N   1 
ATOM   416  C CA  . GLN A 1 52  ? -5.782  5.746   -4.471  1.00 15.59 ? 49  GLN A CA  1 
ATOM   417  C C   . GLN A 1 52  ? -5.539  6.374   -3.114  1.00 15.46 ? 49  GLN A C   1 
ATOM   418  O O   . GLN A 1 52  ? -6.471  6.631   -2.353  1.00 13.44 ? 49  GLN A O   1 
ATOM   419  C CB  . GLN A 1 52  ? -5.474  6.795   -5.542  1.00 17.78 ? 49  GLN A CB  1 
ATOM   420  C CG  . GLN A 1 52  ? -6.279  8.079   -5.356  1.00 16.39 ? 49  GLN A CG  1 
ATOM   421  C CD  . GLN A 1 52  ? -5.918  9.161   -6.355  1.00 16.49 ? 49  GLN A CD  1 
ATOM   422  O OE1 . GLN A 1 52  ? -6.250  9.065   -7.536  1.00 14.91 ? 49  GLN A OE1 1 
ATOM   423  N NE2 . GLN A 1 52  ? -5.226  10.197  -5.885  1.00 15.02 ? 49  GLN A NE2 1 
ATOM   424  N N   . ALA A 1 53  ? -4.267  6.628   -2.834  1.00 16.02 ? 50  ALA A N   1 
ATOM   425  C CA  . ALA A 1 53  ? -3.849  7.266   -1.600  1.00 17.83 ? 50  ALA A CA  1 
ATOM   426  C C   . ALA A 1 53  ? -2.527  7.965   -1.887  1.00 18.37 ? 50  ALA A C   1 
ATOM   427  O O   . ALA A 1 53  ? -1.850  7.653   -2.873  1.00 17.04 ? 50  ALA A O   1 
ATOM   428  C CB  . ALA A 1 53  ? -3.658  6.228   -0.500  1.00 18.39 ? 50  ALA A CB  1 
ATOM   429  N N   . ASP A 1 54  ? -2.164  8.919   -1.041  1.00 17.79 ? 51  ASP A N   1 
ATOM   430  C CA  . ASP A 1 54  ? -0.894  9.607   -1.215  1.00 17.92 ? 51  ASP A CA  1 
ATOM   431  C C   . ASP A 1 54  ? 0.124   8.941   -0.286  1.00 16.30 ? 51  ASP A C   1 
ATOM   432  O O   . ASP A 1 54  ? -0.128  8.800   0.906   1.00 15.94 ? 51  ASP A O   1 
ATOM   433  C CB  . ASP A 1 54  ? -1.017  11.089  -0.837  1.00 19.04 ? 51  ASP A CB  1 
ATOM   434  C CG  . ASP A 1 54  ? -1.919  11.869  -1.774  1.00 21.24 ? 51  ASP A CG  1 
ATOM   435  O OD1 . ASP A 1 54  ? -2.251  13.021  -1.430  1.00 19.75 ? 51  ASP A OD1 1 
ATOM   436  O OD2 . ASP A 1 54  ? -2.296  11.347  -2.845  1.00 23.22 ? 51  ASP A OD2 1 
ATOM   437  N N   . LEU A 1 55  ? 1.254   8.505   -0.829  1.00 16.97 ? 52  LEU A N   1 
ATOM   438  C CA  . LEU A 1 55  ? 2.299   7.908   -0.007  1.00 18.31 ? 52  LEU A CA  1 
ATOM   439  C C   . LEU A 1 55  ? 3.157   9.107   0.400   1.00 19.55 ? 52  LEU A C   1 
ATOM   440  O O   . LEU A 1 55  ? 3.840   9.701   -0.439  1.00 20.39 ? 52  LEU A O   1 
ATOM   441  C CB  . LEU A 1 55  ? 3.121   6.901   -0.820  1.00 17.82 ? 52  LEU A CB  1 
ATOM   442  C CG  . LEU A 1 55  ? 4.218   6.130   -0.076  1.00 22.52 ? 52  LEU A CG  1 
ATOM   443  C CD1 . LEU A 1 55  ? 3.674   5.546   1.202   1.00 26.05 ? 52  LEU A CD1 1 
ATOM   444  C CD2 . LEU A 1 55  ? 4.767   5.033   -0.973  1.00 21.87 ? 52  LEU A CD2 1 
ATOM   445  N N   . VAL A 1 56  ? 3.108   9.464   1.681   1.00 19.43 ? 53  VAL A N   1 
ATOM   446  C CA  . VAL A 1 56  ? 3.833   10.630  2.184   1.00 22.09 ? 53  VAL A CA  1 
ATOM   447  C C   . VAL A 1 56  ? 5.041   10.365  3.084   1.00 23.28 ? 53  VAL A C   1 
ATOM   448  O O   . VAL A 1 56  ? 5.728   11.305  3.488   1.00 25.53 ? 53  VAL A O   1 
ATOM   449  C CB  . VAL A 1 56  ? 2.874   11.575  2.942   1.00 21.82 ? 53  VAL A CB  1 
ATOM   450  C CG1 . VAL A 1 56  ? 1.724   11.979  2.036   1.00 19.95 ? 53  VAL A CG1 1 
ATOM   451  C CG2 . VAL A 1 56  ? 2.343   10.889  4.197   1.00 21.60 ? 53  VAL A CG2 1 
ATOM   452  N N   . GLY A 1 57  ? 5.298   9.101   3.399   1.00 23.01 ? 54  GLY A N   1 
ATOM   453  C CA  . GLY A 1 57  ? 6.435   8.773   4.239   1.00 20.16 ? 54  GLY A CA  1 
ATOM   454  C C   . GLY A 1 57  ? 6.537   7.288   4.525   1.00 21.39 ? 54  GLY A C   1 
ATOM   455  O O   . GLY A 1 57  ? 5.617   6.521   4.232   1.00 19.08 ? 54  GLY A O   1 
ATOM   456  N N   . VAL A 1 58  ? 7.666   6.868   5.083   1.00 19.94 ? 55  VAL A N   1 
ATOM   457  C CA  . VAL A 1 58  ? 7.847   5.462   5.426   1.00 22.85 ? 55  VAL A CA  1 
ATOM   458  C C   . VAL A 1 58  ? 8.428   5.354   6.827   1.00 24.17 ? 55  VAL A C   1 
ATOM   459  O O   . VAL A 1 58  ? 9.429   5.994   7.140   1.00 25.70 ? 55  VAL A O   1 
ATOM   460  C CB  . VAL A 1 58  ? 8.791   4.743   4.438   1.00 24.51 ? 55  VAL A CB  1 
ATOM   461  C CG1 . VAL A 1 58  ? 9.027   3.305   4.894   1.00 23.69 ? 55  VAL A CG1 1 
ATOM   462  C CG2 . VAL A 1 58  ? 8.189   4.751   3.041   1.00 21.42 ? 55  VAL A CG2 1 
ATOM   463  N N   . GLU A 1 59  ? 7.792   4.553   7.674   1.00 25.32 ? 56  GLU A N   1 
ATOM   464  C CA  . GLU A 1 59  ? 8.267   4.358   9.039   1.00 24.08 ? 56  GLU A CA  1 
ATOM   465  C C   . GLU A 1 59  ? 8.887   2.971   9.155   1.00 24.02 ? 56  GLU A C   1 
ATOM   466  O O   . GLU A 1 59  ? 8.490   2.046   8.444   1.00 22.40 ? 56  GLU A O   1 
ATOM   467  C CB  . GLU A 1 59  ? 7.112   4.484   10.034  1.00 24.80 ? 56  GLU A CB  1 
ATOM   468  C CG  . GLU A 1 59  ? 6.504   5.878   10.141  1.00 30.20 ? 56  GLU A CG  1 
ATOM   469  C CD  . GLU A 1 59  ? 7.484   6.913   10.672  1.00 32.71 ? 56  GLU A CD  1 
ATOM   470  O OE1 . GLU A 1 59  ? 8.247   6.593   11.609  1.00 33.11 ? 56  GLU A OE1 1 
ATOM   471  O OE2 . GLU A 1 59  ? 7.479   8.053   10.161  1.00 33.60 ? 56  GLU A OE2 1 
ATOM   472  N N   . GLY A 1 60  ? 9.855   2.827   10.057  1.00 24.17 ? 57  GLY A N   1 
ATOM   473  C CA  . GLY A 1 60  ? 10.504  1.541   10.241  1.00 22.85 ? 57  GLY A CA  1 
ATOM   474  C C   . GLY A 1 60  ? 12.021  1.622   10.285  1.00 22.83 ? 57  GLY A C   1 
ATOM   475  O O   . GLY A 1 60  ? 12.589  2.712   10.213  1.00 23.57 ? 57  GLY A O   1 
ATOM   476  N N   . PRO A 1 61  ? 12.708  0.479   10.379  1.00 23.12 ? 58  PRO A N   1 
ATOM   477  C CA  . PRO A 1 61  ? 12.118  -0.863  10.442  1.00 25.76 ? 58  PRO A CA  1 
ATOM   478  C C   . PRO A 1 61  ? 11.420  -1.186  11.759  1.00 26.25 ? 58  PRO A C   1 
ATOM   479  O O   . PRO A 1 61  ? 11.787  -0.663  12.811  1.00 25.63 ? 58  PRO A O   1 
ATOM   480  C CB  . PRO A 1 61  ? 13.315  -1.771  10.193  1.00 24.63 ? 58  PRO A CB  1 
ATOM   481  C CG  . PRO A 1 61  ? 14.425  -1.022  10.869  1.00 26.74 ? 58  PRO A CG  1 
ATOM   482  C CD  . PRO A 1 61  ? 14.179  0.403   10.404  1.00 25.41 ? 58  PRO A CD  1 
ATOM   483  N N   . PHE A 1 62  ? 10.412  -2.052  11.687  1.00 25.22 ? 59  PHE A N   1 
ATOM   484  C CA  . PHE A 1 62  ? 9.663   -2.468  12.870  1.00 27.23 ? 59  PHE A CA  1 
ATOM   485  C C   . PHE A 1 62  ? 9.825   -3.955  13.097  1.00 28.57 ? 59  PHE A C   1 
ATOM   486  O O   . PHE A 1 62  ? 10.143  -4.706  12.174  1.00 31.00 ? 59  PHE A O   1 
ATOM   487  C CB  . PHE A 1 62  ? 8.153   -2.249  12.709  1.00 26.28 ? 59  PHE A CB  1 
ATOM   488  C CG  . PHE A 1 62  ? 7.731   -0.820  12.595  1.00 26.70 ? 59  PHE A CG  1 
ATOM   489  C CD1 . PHE A 1 62  ? 7.628   -0.209  11.353  1.00 28.29 ? 59  PHE A CD1 1 
ATOM   490  C CD2 . PHE A 1 62  ? 7.378   -0.100  13.728  1.00 27.74 ? 59  PHE A CD2 1 
ATOM   491  C CE1 . PHE A 1 62  ? 7.174   1.103   11.240  1.00 29.91 ? 59  PHE A CE1 1 
ATOM   492  C CE2 . PHE A 1 62  ? 6.923   1.208   13.626  1.00 30.43 ? 59  PHE A CE2 1 
ATOM   493  C CZ  . PHE A 1 62  ? 6.820   1.810   12.379  1.00 28.99 ? 59  PHE A CZ  1 
ATOM   494  N N   . SER A 1 63  ? 9.584   -4.369  14.335  1.00 29.74 ? 60  SER A N   1 
ATOM   495  C CA  . SER A 1 63  ? 9.592   -5.774  14.699  1.00 28.12 ? 60  SER A CA  1 
ATOM   496  C C   . SER A 1 63  ? 8.084   -5.971  14.808  1.00 28.11 ? 60  SER A C   1 
ATOM   497  O O   . SER A 1 63  ? 7.349   -4.986  14.877  1.00 27.10 ? 60  SER A O   1 
ATOM   498  C CB  . SER A 1 63  ? 10.252  -5.993  16.065  1.00 29.87 ? 60  SER A CB  1 
ATOM   499  O OG  . SER A 1 63  ? 9.490   -5.412  17.110  1.00 28.46 ? 60  SER A OG  1 
ATOM   500  N N   . VAL A 1 64  ? 7.607   -7.207  14.813  1.00 27.57 ? 61  VAL A N   1 
ATOM   501  C CA  . VAL A 1 64  ? 6.173   -7.428  14.918  1.00 30.24 ? 61  VAL A CA  1 
ATOM   502  C C   . VAL A 1 64  ? 5.635   -6.791  16.198  1.00 31.24 ? 61  VAL A C   1 
ATOM   503  O O   . VAL A 1 64  ? 4.576   -6.156  16.194  1.00 31.61 ? 61  VAL A O   1 
ATOM   504  C CB  . VAL A 1 64  ? 5.838   -8.935  14.909  1.00 30.10 ? 61  VAL A CB  1 
ATOM   505  C CG1 . VAL A 1 64  ? 4.344   -9.137  15.082  1.00 32.09 ? 61  VAL A CG1 1 
ATOM   506  C CG2 . VAL A 1 64  ? 6.302   -9.553  13.603  1.00 30.05 ? 61  VAL A CG2 1 
ATOM   507  N N   . GLU A 1 65  ? 6.380   -6.945  17.287  1.00 31.86 ? 62  GLU A N   1 
ATOM   508  C CA  . GLU A 1 65  ? 5.980   -6.384  18.573  1.00 33.57 ? 62  GLU A CA  1 
ATOM   509  C C   . GLU A 1 65  ? 5.751   -4.877  18.496  1.00 33.08 ? 62  GLU A C   1 
ATOM   510  O O   . GLU A 1 65  ? 4.768   -4.362  19.035  1.00 32.68 ? 62  GLU A O   1 
ATOM   511  C CB  . GLU A 1 65  ? 7.044   -6.682  19.637  1.00 36.21 ? 62  GLU A CB  1 
ATOM   512  C CG  . GLU A 1 65  ? 7.257   -8.165  19.937  1.00 40.71 ? 62  GLU A CG  1 
ATOM   513  C CD  . GLU A 1 65  ? 7.766   -8.946  18.739  1.00 43.55 ? 62  GLU A CD  1 
ATOM   514  O OE1 . GLU A 1 65  ? 8.763   -8.514  18.123  1.00 43.45 ? 62  GLU A OE1 1 
ATOM   515  O OE2 . GLU A 1 65  ? 7.171   -9.999  18.418  1.00 46.00 ? 62  GLU A OE2 1 
ATOM   516  N N   . GLU A 1 66  ? 6.656   -4.171  17.821  1.00 32.35 ? 63  GLU A N   1 
ATOM   517  C CA  . GLU A 1 66  ? 6.547   -2.720  17.689  1.00 33.37 ? 63  GLU A CA  1 
ATOM   518  C C   . GLU A 1 66  ? 5.323   -2.290  16.881  1.00 34.20 ? 63  GLU A C   1 
ATOM   519  O O   . GLU A 1 66  ? 4.767   -1.217  17.121  1.00 35.22 ? 63  GLU A O   1 
ATOM   520  C CB  . GLU A 1 66  ? 7.803   -2.153  17.031  1.00 33.83 ? 63  GLU A CB  1 
ATOM   521  C CG  . GLU A 1 66  ? 9.086   -2.553  17.713  1.00 37.03 ? 63  GLU A CG  1 
ATOM   522  C CD  . GLU A 1 66  ? 10.302  -2.072  16.961  1.00 37.05 ? 63  GLU A CD  1 
ATOM   523  O OE1 . GLU A 1 66  ? 10.685  -0.900  17.138  1.00 40.49 ? 63  GLU A OE1 1 
ATOM   524  O OE2 . GLU A 1 66  ? 10.864  -2.867  16.181  1.00 37.52 ? 63  GLU A OE2 1 
ATOM   525  N N   . LEU A 1 67  ? 4.915   -3.117  15.919  1.00 33.49 ? 64  LEU A N   1 
ATOM   526  C CA  . LEU A 1 67  ? 3.750   -2.804  15.091  1.00 32.06 ? 64  LEU A CA  1 
ATOM   527  C C   . LEU A 1 67  ? 2.437   -2.983  15.842  1.00 32.87 ? 64  LEU A C   1 
ATOM   528  O O   . LEU A 1 67  ? 1.492   -2.222  15.634  1.00 31.59 ? 64  LEU A O   1 
ATOM   529  C CB  . LEU A 1 67  ? 3.728   -3.672  13.830  1.00 31.52 ? 64  LEU A CB  1 
ATOM   530  C CG  . LEU A 1 67  ? 4.586   -3.194  12.655  1.00 32.19 ? 64  LEU A CG  1 
ATOM   531  C CD1 . LEU A 1 67  ? 4.500   -4.201  11.518  1.00 29.93 ? 64  LEU A CD1 1 
ATOM   532  C CD2 . LEU A 1 67  ? 4.106   -1.820  12.199  1.00 30.00 ? 64  LEU A CD2 1 
ATOM   533  N N   . LEU A 1 68  ? 2.376   -3.988  16.712  1.00 32.71 ? 65  LEU A N   1 
ATOM   534  C CA  . LEU A 1 68  ? 1.162   -4.244  17.480  1.00 34.04 ? 65  LEU A CA  1 
ATOM   535  C C   . LEU A 1 68  ? 0.791   -3.044  18.348  1.00 34.05 ? 65  LEU A C   1 
ATOM   536  O O   . LEU A 1 68  ? -0.334  -2.940  18.831  1.00 33.88 ? 65  LEU A O   1 
ATOM   537  C CB  . LEU A 1 68  ? 1.338   -5.492  18.348  1.00 34.03 ? 65  LEU A CB  1 
ATOM   538  C CG  . LEU A 1 68  ? 1.607   -6.775  17.556  1.00 33.60 ? 65  LEU A CG  1 
ATOM   539  C CD1 . LEU A 1 68  ? 1.775   -7.941  18.513  1.00 31.65 ? 65  LEU A CD1 1 
ATOM   540  C CD2 . LEU A 1 68  ? 0.457   -7.036  16.593  1.00 34.00 ? 65  LEU A CD2 1 
ATOM   541  N N   . ALA A 1 69  ? 1.742   -2.136  18.535  1.00 33.04 ? 66  ALA A N   1 
ATOM   542  C CA  . ALA A 1 69  ? 1.506   -0.940  19.330  1.00 33.13 ? 66  ALA A CA  1 
ATOM   543  C C   . ALA A 1 69  ? 0.781   0.099   18.479  1.00 34.43 ? 66  ALA A C   1 
ATOM   544  O O   . ALA A 1 69  ? 0.422   1.177   18.962  1.00 34.51 ? 66  ALA A O   1 
ATOM   545  C CB  . ALA A 1 69  ? 2.831   -0.377  19.823  1.00 33.62 ? 66  ALA A CB  1 
ATOM   546  N N   . HIS A 1 70  ? 0.570   -0.231  17.209  1.00 34.25 ? 67  HIS A N   1 
ATOM   547  C CA  . HIS A 1 70  ? -0.100  0.673   16.277  1.00 34.96 ? 67  HIS A CA  1 
ATOM   548  C C   . HIS A 1 70  ? -1.158  -0.082  15.493  1.00 33.57 ? 67  HIS A C   1 
ATOM   549  O O   . HIS A 1 70  ? -1.331  0.128   14.291  1.00 32.15 ? 67  HIS A O   1 
ATOM   550  C CB  . HIS A 1 70  ? 0.925   1.279   15.319  1.00 35.80 ? 67  HIS A CB  1 
ATOM   551  C CG  . HIS A 1 70  ? 2.006   2.047   16.008  1.00 37.93 ? 67  HIS A CG  1 
ATOM   552  N ND1 . HIS A 1 70  ? 1.787   3.276   16.593  1.00 40.88 ? 67  HIS A ND1 1 
ATOM   553  C CD2 . HIS A 1 70  ? 3.305   1.746   16.238  1.00 37.91 ? 67  HIS A CD2 1 
ATOM   554  C CE1 . HIS A 1 70  ? 2.906   3.698   17.155  1.00 41.55 ? 67  HIS A CE1 1 
ATOM   555  N NE2 . HIS A 1 70  ? 3.842   2.787   16.955  1.00 39.20 ? 67  HIS A NE2 1 
ATOM   556  N N   . GLN A 1 71  ? -1.864  -0.962  16.193  1.00 33.26 ? 68  GLN A N   1 
ATOM   557  C CA  . GLN A 1 71  ? -2.909  -1.779  15.592  1.00 33.17 ? 68  GLN A CA  1 
ATOM   558  C C   . GLN A 1 71  ? -3.921  -0.959  14.793  1.00 32.35 ? 68  GLN A C   1 
ATOM   559  O O   . GLN A 1 71  ? -4.337  -1.363  13.708  1.00 31.93 ? 68  GLN A O   1 
ATOM   560  C CB  . GLN A 1 71  ? -3.643  -2.567  16.676  1.00 32.76 ? 68  GLN A CB  1 
ATOM   561  C CG  . GLN A 1 71  ? -4.615  -3.583  16.113  1.00 35.43 ? 68  GLN A CG  1 
ATOM   562  C CD  . GLN A 1 71  ? -3.905  -4.660  15.321  1.00 35.83 ? 68  GLN A CD  1 
ATOM   563  O OE1 . GLN A 1 71  ? -4.434  -5.177  14.338  1.00 34.96 ? 68  GLN A OE1 1 
ATOM   564  N NE2 . GLN A 1 71  ? -2.699  -5.009  15.753  1.00 36.11 ? 68  GLN A NE2 1 
ATOM   565  N N   . GLU A 1 72  ? -4.311  0.192   15.329  1.00 31.15 ? 69  GLU A N   1 
ATOM   566  C CA  . GLU A 1 72  ? -5.289  1.040   14.663  1.00 31.80 ? 69  GLU A CA  1 
ATOM   567  C C   . GLU A 1 72  ? -4.803  1.615   13.333  1.00 29.21 ? 69  GLU A C   1 
ATOM   568  O O   . GLU A 1 72  ? -5.614  1.979   12.484  1.00 27.78 ? 69  GLU A O   1 
ATOM   569  C CB  . GLU A 1 72  ? -5.725  2.184   15.589  1.00 33.46 ? 69  GLU A CB  1 
ATOM   570  C CG  . GLU A 1 72  ? -4.642  3.207   15.916  1.00 39.11 ? 69  GLU A CG  1 
ATOM   571  C CD  . GLU A 1 72  ? -3.408  2.589   16.557  1.00 42.69 ? 69  GLU A CD  1 
ATOM   572  O OE1 . GLU A 1 72  ? -3.558  1.780   17.498  1.00 45.27 ? 69  GLU A OE1 1 
ATOM   573  O OE2 . GLU A 1 72  ? -2.284  2.925   16.126  1.00 45.33 ? 69  GLU A OE2 1 
ATOM   574  N N   . LYS A 1 73  ? -3.489  1.682   13.146  1.00 26.69 ? 70  LYS A N   1 
ATOM   575  C CA  . LYS A 1 73  ? -2.932  2.234   11.913  1.00 25.87 ? 70  LYS A CA  1 
ATOM   576  C C   . LYS A 1 73  ? -2.881  1.253   10.744  1.00 25.48 ? 70  LYS A C   1 
ATOM   577  O O   . LYS A 1 73  ? -3.085  1.649   9.593   1.00 23.52 ? 70  LYS A O   1 
ATOM   578  C CB  . LYS A 1 73  ? -1.525  2.782   12.168  1.00 29.20 ? 70  LYS A CB  1 
ATOM   579  C CG  . LYS A 1 73  ? -1.456  3.904   13.193  1.00 29.68 ? 70  LYS A CG  1 
ATOM   580  C CD  . LYS A 1 73  ? -0.019  4.311   13.459  1.00 31.83 ? 70  LYS A CD  1 
ATOM   581  C CE  . LYS A 1 73  ? 0.078   5.279   14.631  1.00 33.89 ? 70  LYS A CE  1 
ATOM   582  N NZ  . LYS A 1 73  ? -0.736  6.495   14.391  1.00 36.90 ? 70  LYS A NZ  1 
ATOM   583  N N   . HIS A 1 74  ? -2.615  -0.020  11.027  1.00 23.42 ? 71  HIS A N   1 
ATOM   584  C CA  . HIS A 1 74  ? -2.517  -1.013  9.962   1.00 22.20 ? 71  HIS A CA  1 
ATOM   585  C C   . HIS A 1 74  ? -3.641  -2.049  9.928   1.00 21.73 ? 71  HIS A C   1 
ATOM   586  O O   . HIS A 1 74  ? -3.902  -2.650  8.886   1.00 20.59 ? 71  HIS A O   1 
ATOM   587  C CB  . HIS A 1 74  ? -1.150  -1.705  10.032  1.00 21.26 ? 71  HIS A CB  1 
ATOM   588  C CG  . HIS A 1 74  ? -0.847  -2.322  11.362  1.00 24.21 ? 71  HIS A CG  1 
ATOM   589  N ND1 . HIS A 1 74  ? -1.356  -3.542  11.752  1.00 25.30 ? 71  HIS A ND1 1 
ATOM   590  C CD2 . HIS A 1 74  ? -0.101  -1.877  12.401  1.00 26.11 ? 71  HIS A CD2 1 
ATOM   591  C CE1 . HIS A 1 74  ? -0.936  -3.821  12.974  1.00 27.32 ? 71  HIS A CE1 1 
ATOM   592  N NE2 . HIS A 1 74  ? -0.173  -2.827  13.391  1.00 25.46 ? 71  HIS A NE2 1 
ATOM   593  N N   . LEU A 1 75  ? -4.297  -2.256  11.064  1.00 22.95 ? 72  LEU A N   1 
ATOM   594  C CA  . LEU A 1 75  ? -5.408  -3.201  11.168  1.00 25.84 ? 72  LEU A CA  1 
ATOM   595  C C   . LEU A 1 75  ? -5.048  -4.608  10.705  1.00 27.77 ? 72  LEU A C   1 
ATOM   596  O O   . LEU A 1 75  ? -5.895  -5.325  10.170  1.00 27.84 ? 72  LEU A O   1 
ATOM   597  C CB  . LEU A 1 75  ? -6.609  -2.701  10.356  1.00 23.42 ? 72  LEU A CB  1 
ATOM   598  C CG  . LEU A 1 75  ? -7.041  -1.245  10.564  1.00 27.50 ? 72  LEU A CG  1 
ATOM   599  C CD1 . LEU A 1 75  ? -8.261  -0.962  9.700   1.00 27.35 ? 72  LEU A CD1 1 
ATOM   600  C CD2 . LEU A 1 75  ? -7.351  -0.987  12.035  1.00 27.03 ? 72  LEU A CD2 1 
ATOM   601  N N   . ALA A 1 76  ? -3.797  -5.004  10.913  1.00 29.91 ? 73  ALA A N   1 
ATOM   602  C CA  . ALA A 1 76  ? -3.352  -6.333  10.505  1.00 33.16 ? 73  ALA A CA  1 
ATOM   603  C C   . ALA A 1 76  ? -3.293  -7.302  11.683  1.00 35.71 ? 73  ALA A C   1 
ATOM   604  O O   . ALA A 1 76  ? -2.759  -6.975  12.741  1.00 36.43 ? 73  ALA A O   1 
ATOM   605  C CB  . ALA A 1 76  ? -1.981  -6.243  9.837   1.00 32.52 ? 73  ALA A CB  1 
ATOM   606  N N   . GLU A 1 77  ? -3.847  -8.494  11.489  1.00 39.37 ? 74  GLU A N   1 
ATOM   607  C CA  . GLU A 1 77  ? -3.852  -9.528  12.521  1.00 42.68 ? 74  GLU A CA  1 
ATOM   608  C C   . GLU A 1 77  ? -2.440  -9.983  12.877  1.00 43.45 ? 74  GLU A C   1 
ATOM   609  O O   . GLU A 1 77  ? -1.613  -10.220 11.995  1.00 43.19 ? 74  GLU A O   1 
ATOM   610  C CB  . GLU A 1 77  ? -4.663  -10.734 12.050  1.00 45.42 ? 74  GLU A CB  1 
ATOM   611  C CG  . GLU A 1 77  ? -6.156  -10.601 12.272  1.00 50.46 ? 74  GLU A CG  1 
ATOM   612  C CD  . GLU A 1 77  ? -6.519  -10.575 13.747  1.00 52.54 ? 74  GLU A CD  1 
ATOM   613  O OE1 . GLU A 1 77  ? -6.148  -9.602  14.443  1.00 52.94 ? 74  GLU A OE1 1 
ATOM   614  O OE2 . GLU A 1 77  ? -7.171  -11.534 14.212  1.00 54.36 ? 74  GLU A OE2 1 
ATOM   615  N N   . GLU A 1 78  ? -2.176  -10.113 14.173  1.00 44.09 ? 75  GLU A N   1 
ATOM   616  C CA  . GLU A 1 78  ? -0.866  -10.540 14.651  1.00 44.92 ? 75  GLU A CA  1 
ATOM   617  C C   . GLU A 1 78  ? -0.442  -11.849 13.997  1.00 44.65 ? 75  GLU A C   1 
ATOM   618  O O   . GLU A 1 78  ? 0.702   -12.001 13.568  1.00 45.15 ? 75  GLU A O   1 
ATOM   619  C CB  . GLU A 1 78  ? -0.890  -10.717 16.170  1.00 45.55 ? 75  GLU A CB  1 
ATOM   620  C CG  . GLU A 1 78  ? 0.438   -11.176 16.751  1.00 48.49 ? 75  GLU A CG  1 
ATOM   621  C CD  . GLU A 1 78  ? 0.362   -11.449 18.238  1.00 49.36 ? 75  GLU A CD  1 
ATOM   622  O OE1 . GLU A 1 78  ? 1.396   -11.829 18.824  1.00 51.04 ? 75  GLU A OE1 1 
ATOM   623  O OE2 . GLU A 1 78  ? -0.732  -11.286 18.820  1.00 51.36 ? 75  GLU A OE2 1 
ATOM   624  N N   . ALA A 1 79  ? -1.371  -12.794 13.924  1.00 44.59 ? 76  ALA A N   1 
ATOM   625  C CA  . ALA A 1 79  ? -1.092  -14.088 13.321  1.00 44.10 ? 76  ALA A CA  1 
ATOM   626  C C   . ALA A 1 79  ? -0.539  -13.921 11.907  1.00 44.32 ? 76  ALA A C   1 
ATOM   627  O O   . ALA A 1 79  ? 0.453   -14.555 11.537  1.00 43.60 ? 76  ALA A O   1 
ATOM   628  C CB  . ALA A 1 79  ? -2.363  -14.931 13.295  1.00 44.73 ? 76  ALA A CB  1 
ATOM   629  N N   . PHE A 1 80  ? -1.179  -13.064 11.118  1.00 43.66 ? 77  PHE A N   1 
ATOM   630  C CA  . PHE A 1 80  ? -0.740  -12.832 9.747   1.00 42.75 ? 77  PHE A CA  1 
ATOM   631  C C   . PHE A 1 80  ? 0.564   -12.041 9.695   1.00 41.29 ? 77  PHE A C   1 
ATOM   632  O O   . PHE A 1 80  ? 1.400   -12.284 8.827   1.00 40.12 ? 77  PHE A O   1 
ATOM   633  C CB  . PHE A 1 80  ? -1.832  -12.103 8.946   1.00 44.25 ? 77  PHE A CB  1 
ATOM   634  C CG  . PHE A 1 80  ? -3.050  -12.952 8.645   1.00 45.75 ? 77  PHE A CG  1 
ATOM   635  C CD1 . PHE A 1 80  ? -4.131  -12.412 7.948   1.00 45.72 ? 77  PHE A CD1 1 
ATOM   636  C CD2 . PHE A 1 80  ? -3.120  -14.284 9.054   1.00 46.85 ? 77  PHE A CD2 1 
ATOM   637  C CE1 . PHE A 1 80  ? -5.262  -13.182 7.665   1.00 45.39 ? 77  PHE A CE1 1 
ATOM   638  C CE2 . PHE A 1 80  ? -4.248  -15.066 8.774   1.00 46.82 ? 77  PHE A CE2 1 
ATOM   639  C CZ  . PHE A 1 80  ? -5.319  -14.513 8.080   1.00 47.08 ? 77  PHE A CZ  1 
ATOM   640  N N   . LEU A 1 81  ? 0.741   -11.099 10.620  1.00 40.80 ? 78  LEU A N   1 
ATOM   641  C CA  . LEU A 1 81  ? 1.967   -10.302 10.654  1.00 40.58 ? 78  LEU A CA  1 
ATOM   642  C C   . LEU A 1 81  ? 3.190   -11.191 10.840  1.00 41.29 ? 78  LEU A C   1 
ATOM   643  O O   . LEU A 1 81  ? 4.141   -11.122 10.060  1.00 41.21 ? 78  LEU A O   1 
ATOM   644  C CB  . LEU A 1 81  ? 1.924   -9.270  11.786  1.00 38.85 ? 78  LEU A CB  1 
ATOM   645  C CG  . LEU A 1 81  ? 1.170   -7.960  11.542  1.00 38.31 ? 78  LEU A CG  1 
ATOM   646  C CD1 . LEU A 1 81  ? 1.238   -7.093  12.789  1.00 35.62 ? 78  LEU A CD1 1 
ATOM   647  C CD2 . LEU A 1 81  ? 1.786   -7.226  10.357  1.00 36.74 ? 78  LEU A CD2 1 
ATOM   648  N N   . ARG A 1 82  ? 3.158   -12.025 11.878  1.00 41.12 ? 79  ARG A N   1 
ATOM   649  C CA  . ARG A 1 82  ? 4.264   -12.929 12.169  1.00 42.26 ? 79  ARG A CA  1 
ATOM   650  C C   . ARG A 1 82  ? 4.512   -13.895 11.011  1.00 42.25 ? 79  ARG A C   1 
ATOM   651  O O   . ARG A 1 82  ? 5.657   -14.112 10.609  1.00 42.94 ? 79  ARG A O   1 
ATOM   652  C CB  . ARG A 1 82  ? 3.979   -13.723 13.449  1.00 42.43 ? 79  ARG A CB  1 
ATOM   653  C CG  . ARG A 1 82  ? 3.866   -12.866 14.700  1.00 43.80 ? 79  ARG A CG  1 
ATOM   654  C CD  . ARG A 1 82  ? 3.579   -13.716 15.930  1.00 45.96 ? 79  ARG A CD  1 
ATOM   655  N NE  . ARG A 1 82  ? 3.367   -12.902 17.125  1.00 46.88 ? 79  ARG A NE  1 
ATOM   656  C CZ  . ARG A 1 82  ? 4.310   -12.168 17.710  1.00 48.00 ? 79  ARG A CZ  1 
ATOM   657  N NH1 . ARG A 1 82  ? 5.542   -12.142 17.216  1.00 46.20 ? 79  ARG A NH1 1 
ATOM   658  N NH2 . ARG A 1 82  ? 4.017   -11.451 18.788  1.00 48.06 ? 79  ARG A NH2 1 
ATOM   659  N N   . ALA A 1 83  ? 3.439   -14.471 10.479  1.00 42.20 ? 80  ALA A N   1 
ATOM   660  C CA  . ALA A 1 83  ? 3.555   -15.410 9.368   1.00 42.57 ? 80  ALA A CA  1 
ATOM   661  C C   . ALA A 1 83  ? 4.109   -14.710 8.133   1.00 44.18 ? 80  ALA A C   1 
ATOM   662  O O   . ALA A 1 83  ? 4.728   -15.340 7.278   1.00 45.37 ? 80  ALA A O   1 
ATOM   663  C CB  . ALA A 1 83  ? 2.196   -16.026 9.054   1.00 41.11 ? 80  ALA A CB  1 
ATOM   664  N N   . TYR A 1 84  ? 3.886   -13.402 8.052   1.00 44.87 ? 81  TYR A N   1 
ATOM   665  C CA  . TYR A 1 84  ? 4.354   -12.600 6.926   1.00 45.37 ? 81  TYR A CA  1 
ATOM   666  C C   . TYR A 1 84  ? 5.816   -12.191 7.101   1.00 46.06 ? 81  TYR A C   1 
ATOM   667  O O   . TYR A 1 84  ? 6.666   -12.523 6.275   1.00 46.27 ? 81  TYR A O   1 
ATOM   668  C CB  . TYR A 1 84  ? 3.487   -11.344 6.794   1.00 45.70 ? 81  TYR A CB  1 
ATOM   669  C CG  . TYR A 1 84  ? 3.849   -10.430 5.641   1.00 45.40 ? 81  TYR A CG  1 
ATOM   670  C CD1 . TYR A 1 84  ? 3.639   -10.820 4.319   1.00 46.30 ? 81  TYR A CD1 1 
ATOM   671  C CD2 . TYR A 1 84  ? 4.363   -9.155  5.878   1.00 46.33 ? 81  TYR A CD2 1 
ATOM   672  C CE1 . TYR A 1 84  ? 3.927   -9.957  3.258   1.00 46.15 ? 81  TYR A CE1 1 
ATOM   673  C CE2 . TYR A 1 84  ? 4.653   -8.286  4.828   1.00 46.33 ? 81  TYR A CE2 1 
ATOM   674  C CZ  . TYR A 1 84  ? 4.431   -8.692  3.522   1.00 46.82 ? 81  TYR A CZ  1 
ATOM   675  O OH  . TYR A 1 84  ? 4.698   -7.824  2.487   1.00 46.62 ? 81  TYR A OH  1 
ATOM   676  N N   . ALA A 1 85  ? 6.096   -11.471 8.183   1.00 46.11 ? 82  ALA A N   1 
ATOM   677  C CA  . ALA A 1 85  ? 7.445   -10.993 8.474   1.00 47.70 ? 82  ALA A CA  1 
ATOM   678  C C   . ALA A 1 85  ? 8.496   -12.100 8.512   1.00 48.89 ? 82  ALA A C   1 
ATOM   679  O O   . ALA A 1 85  ? 9.654   -11.877 8.158   1.00 47.87 ? 82  ALA A O   1 
ATOM   680  C CB  . ALA A 1 85  ? 7.447   -10.231 9.794   1.00 46.98 ? 82  ALA A CB  1 
ATOM   681  N N   . LYS A 1 86  ? 8.096   -13.291 8.946   1.00 50.85 ? 83  LYS A N   1 
ATOM   682  C CA  . LYS A 1 86  ? 9.020   -14.416 9.028   1.00 53.08 ? 83  LYS A CA  1 
ATOM   683  C C   . LYS A 1 86  ? 10.244  -14.066 9.868   1.00 53.66 ? 83  LYS A C   1 
ATOM   684  O O   . LYS A 1 86  ? 11.378  -14.307 9.454   1.00 53.91 ? 83  LYS A O   1 
ATOM   685  C CB  . LYS A 1 86  ? 9.473   -14.843 7.625   1.00 54.13 ? 83  LYS A CB  1 
ATOM   686  C CG  . LYS A 1 86  ? 8.369   -15.412 6.746   1.00 56.23 ? 83  LYS A CG  1 
ATOM   687  C CD  . LYS A 1 86  ? 7.745   -16.655 7.373   1.00 58.43 ? 83  LYS A CD  1 
ATOM   688  C CE  . LYS A 1 86  ? 6.697   -17.273 6.461   1.00 58.57 ? 83  LYS A CE  1 
ATOM   689  N NZ  . LYS A 1 86  ? 5.987   -18.407 7.119   1.00 59.15 ? 83  LYS A NZ  1 
ATOM   690  N N   . ASP A 1 87  ? 10.010  -13.481 11.040  1.00 54.21 ? 84  ASP A N   1 
ATOM   691  C CA  . ASP A 1 87  ? 11.097  -13.115 11.946  1.00 54.75 ? 84  ASP A CA  1 
ATOM   692  C C   . ASP A 1 87  ? 12.052  -12.080 11.336  1.00 53.45 ? 84  ASP A C   1 
ATOM   693  O O   . ASP A 1 87  ? 13.222  -11.998 11.716  1.00 53.81 ? 84  ASP A O   1 
ATOM   694  C CB  . ASP A 1 87  ? 11.879  -14.378 12.340  1.00 56.78 ? 84  ASP A CB  1 
ATOM   695  C CG  . ASP A 1 87  ? 12.743  -14.177 13.571  1.00 58.12 ? 84  ASP A CG  1 
ATOM   696  O OD1 . ASP A 1 87  ? 12.179  -13.918 14.657  1.00 58.87 ? 84  ASP A OD1 1 
ATOM   697  O OD2 . ASP A 1 87  ? 13.984  -14.280 13.452  1.00 58.53 ? 84  ASP A OD2 1 
ATOM   698  N N   . GLU A 1 88  ? 11.551  -11.286 10.395  1.00 51.20 ? 85  GLU A N   1 
ATOM   699  C CA  . GLU A 1 88  ? 12.370  -10.268 9.745   1.00 48.81 ? 85  GLU A CA  1 
ATOM   700  C C   . GLU A 1 88  ? 11.702  -8.897  9.846   1.00 45.88 ? 85  GLU A C   1 
ATOM   701  O O   . GLU A 1 88  ? 10.494  -8.803  10.052  1.00 45.49 ? 85  GLU A O   1 
ATOM   702  C CB  . GLU A 1 88  ? 12.600  -10.656 8.283   1.00 51.27 ? 85  GLU A CB  1 
ATOM   703  C CG  . GLU A 1 88  ? 13.138  -12.077 8.131   1.00 55.02 ? 85  GLU A CG  1 
ATOM   704  C CD  . GLU A 1 88  ? 13.337  -12.489 6.686   1.00 57.69 ? 85  GLU A CD  1 
ATOM   705  O OE1 . GLU A 1 88  ? 14.165  -11.857 5.996   1.00 59.77 ? 85  GLU A OE1 1 
ATOM   706  O OE2 . GLU A 1 88  ? 12.667  -13.446 6.242   1.00 59.10 ? 85  GLU A OE2 1 
ATOM   707  N N   . PRO A 1 89  ? 12.484  -7.813  9.710   1.00 43.06 ? 86  PRO A N   1 
ATOM   708  C CA  . PRO A 1 89  ? 11.972  -6.440  9.791   1.00 39.75 ? 86  PRO A CA  1 
ATOM   709  C C   . PRO A 1 89  ? 10.876  -6.086  8.787   1.00 35.82 ? 86  PRO A C   1 
ATOM   710  O O   . PRO A 1 89  ? 10.857  -6.583  7.663   1.00 32.85 ? 86  PRO A O   1 
ATOM   711  C CB  . PRO A 1 89  ? 13.228  -5.592  9.594   1.00 41.37 ? 86  PRO A CB  1 
ATOM   712  C CG  . PRO A 1 89  ? 14.305  -6.456  10.159  1.00 43.06 ? 86  PRO A CG  1 
ATOM   713  C CD  . PRO A 1 89  ? 13.952  -7.807  9.585   1.00 43.68 ? 86  PRO A CD  1 
ATOM   714  N N   . LEU A 1 90  ? 9.970   -5.213  9.215   1.00 32.82 ? 87  LEU A N   1 
ATOM   715  C CA  . LEU A 1 90  ? 8.874   -4.759  8.375   1.00 28.36 ? 87  LEU A CA  1 
ATOM   716  C C   . LEU A 1 90  ? 8.856   -3.241  8.362   1.00 27.36 ? 87  LEU A C   1 
ATOM   717  O O   . LEU A 1 90  ? 9.393   -2.597  9.267   1.00 26.40 ? 87  LEU A O   1 
ATOM   718  C CB  . LEU A 1 90  ? 7.534   -5.274  8.910   1.00 28.82 ? 87  LEU A CB  1 
ATOM   719  C CG  . LEU A 1 90  ? 7.268   -6.778  8.863   1.00 27.49 ? 87  LEU A CG  1 
ATOM   720  C CD1 . LEU A 1 90  ? 5.879   -7.060  9.418   1.00 29.38 ? 87  LEU A CD1 1 
ATOM   721  C CD2 . LEU A 1 90  ? 7.376   -7.275  7.435   1.00 28.59 ? 87  LEU A CD2 1 
ATOM   722  N N   . TYR A 1 91  ? 8.246   -2.671  7.330   1.00 24.28 ? 88  TYR A N   1 
ATOM   723  C CA  . TYR A 1 91  ? 8.146   -1.227  7.220   1.00 23.80 ? 88  TYR A CA  1 
ATOM   724  C C   . TYR A 1 91  ? 6.689   -0.833  7.042   1.00 22.92 ? 88  TYR A C   1 
ATOM   725  O O   . TYR A 1 91  ? 5.866   -1.641  6.624   1.00 22.42 ? 88  TYR A O   1 
ATOM   726  C CB  . TYR A 1 91  ? 8.966   -0.717  6.035   1.00 25.25 ? 88  TYR A CB  1 
ATOM   727  C CG  . TYR A 1 91  ? 10.443  -1.024  6.144   1.00 26.08 ? 88  TYR A CG  1 
ATOM   728  C CD1 . TYR A 1 91  ? 10.962  -2.230  5.672   1.00 28.55 ? 88  TYR A CD1 1 
ATOM   729  C CD2 . TYR A 1 91  ? 11.319  -0.118  6.740   1.00 26.76 ? 88  TYR A CD2 1 
ATOM   730  C CE1 . TYR A 1 91  ? 12.325  -2.526  5.789   1.00 27.39 ? 88  TYR A CE1 1 
ATOM   731  C CE2 . TYR A 1 91  ? 12.679  -0.404  6.863   1.00 27.73 ? 88  TYR A CE2 1 
ATOM   732  C CZ  . TYR A 1 91  ? 13.175  -1.609  6.386   1.00 29.13 ? 88  TYR A CZ  1 
ATOM   733  O OH  . TYR A 1 91  ? 14.521  -1.894  6.503   1.00 29.46 ? 88  TYR A OH  1 
ATOM   734  N N   . ALA A 1 92  ? 6.374   0.414   7.367   1.00 22.88 ? 89  ALA A N   1 
ATOM   735  C CA  . ALA A 1 92  ? 5.015   0.899   7.224   1.00 22.10 ? 89  ALA A CA  1 
ATOM   736  C C   . ALA A 1 92  ? 4.992   2.111   6.304   1.00 22.65 ? 89  ALA A C   1 
ATOM   737  O O   . ALA A 1 92  ? 5.570   3.153   6.613   1.00 23.10 ? 89  ALA A O   1 
ATOM   738  C CB  . ALA A 1 92  ? 4.437   1.264   8.587   1.00 24.52 ? 89  ALA A CB  1 
ATOM   739  N N   . TRP A 1 93  ? 4.339   1.952   5.159   1.00 20.04 ? 90  TRP A N   1 
ATOM   740  C CA  . TRP A 1 93  ? 4.201   3.029   4.194   1.00 20.30 ? 90  TRP A CA  1 
ATOM   741  C C   . TRP A 1 93  ? 3.049   3.892   4.692   1.00 21.34 ? 90  TRP A C   1 
ATOM   742  O O   . TRP A 1 93  ? 1.921   3.412   4.829   1.00 20.43 ? 90  TRP A O   1 
ATOM   743  C CB  . TRP A 1 93  ? 3.889   2.447   2.810   1.00 19.20 ? 90  TRP A CB  1 
ATOM   744  C CG  . TRP A 1 93  ? 5.017   1.630   2.240   1.00 20.21 ? 90  TRP A CG  1 
ATOM   745  C CD1 . TRP A 1 93  ? 6.149   1.217   2.893   1.00 22.34 ? 90  TRP A CD1 1 
ATOM   746  C CD2 . TRP A 1 93  ? 5.127   1.135   0.900   1.00 20.83 ? 90  TRP A CD2 1 
ATOM   747  N NE1 . TRP A 1 93  ? 6.953   0.498   2.041   1.00 21.98 ? 90  TRP A NE1 1 
ATOM   748  C CE2 . TRP A 1 93  ? 6.351   0.432   0.811   1.00 21.54 ? 90  TRP A CE2 1 
ATOM   749  C CE3 . TRP A 1 93  ? 4.309   1.216   -0.236  1.00 21.01 ? 90  TRP A CE3 1 
ATOM   750  C CZ2 . TRP A 1 93  ? 6.779   -0.186  -0.368  1.00 20.46 ? 90  TRP A CZ2 1 
ATOM   751  C CZ3 . TRP A 1 93  ? 4.735   0.599   -1.413  1.00 21.76 ? 90  TRP A CZ3 1 
ATOM   752  C CH2 . TRP A 1 93  ? 5.961   -0.093  -1.466  1.00 21.61 ? 90  TRP A CH2 1 
ATOM   753  N N   . VAL A 1 94  ? 3.340   5.161   4.970   1.00 21.93 ? 91  VAL A N   1 
ATOM   754  C CA  . VAL A 1 94  ? 2.338   6.087   5.485   1.00 20.82 ? 91  VAL A CA  1 
ATOM   755  C C   . VAL A 1 94  ? 1.485   6.707   4.387   1.00 20.19 ? 91  VAL A C   1 
ATOM   756  O O   . VAL A 1 94  ? 1.991   7.365   3.481   1.00 18.21 ? 91  VAL A O   1 
ATOM   757  C CB  . VAL A 1 94  ? 3.013   7.206   6.301   1.00 22.11 ? 91  VAL A CB  1 
ATOM   758  C CG1 . VAL A 1 94  ? 1.963   8.041   7.020   1.00 18.10 ? 91  VAL A CG1 1 
ATOM   759  C CG2 . VAL A 1 94  ? 3.997   6.586   7.296   1.00 22.60 ? 91  VAL A CG2 1 
ATOM   760  N N   . LEU A 1 95  ? 0.174   6.518   4.500   1.00 20.31 ? 92  LEU A N   1 
ATOM   761  C CA  . LEU A 1 95  ? -0.772  7.011   3.503   1.00 20.37 ? 92  LEU A CA  1 
ATOM   762  C C   . LEU A 1 95  ? -1.762  8.038   4.045   1.00 20.60 ? 92  LEU A C   1 
ATOM   763  O O   . LEU A 1 95  ? -2.093  8.034   5.226   1.00 21.87 ? 92  LEU A O   1 
ATOM   764  C CB  . LEU A 1 95  ? -1.564  5.828   2.945   1.00 18.13 ? 92  LEU A CB  1 
ATOM   765  C CG  . LEU A 1 95  ? -0.761  4.572   2.601   1.00 16.86 ? 92  LEU A CG  1 
ATOM   766  C CD1 . LEU A 1 95  ? -1.715  3.415   2.346   1.00 20.09 ? 92  LEU A CD1 1 
ATOM   767  C CD2 . LEU A 1 95  ? 0.115   4.833   1.391   1.00 15.10 ? 92  LEU A CD2 1 
ATOM   768  N N   . GLU A 1 96  ? -2.238  8.914   3.165   1.00 22.11 ? 93  GLU A N   1 
ATOM   769  C CA  . GLU A 1 96  ? -3.231  9.911   3.538   1.00 22.52 ? 93  GLU A CA  1 
ATOM   770  C C   . GLU A 1 96  ? -4.020  10.322  2.307   1.00 22.35 ? 93  GLU A C   1 
ATOM   771  O O   . GLU A 1 96  ? -3.648  9.983   1.185   1.00 20.97 ? 93  GLU A O   1 
ATOM   772  C CB  . GLU A 1 96  ? -2.581  11.134  4.201   1.00 26.08 ? 93  GLU A CB  1 
ATOM   773  C CG  . GLU A 1 96  ? -1.518  11.834  3.394   1.00 29.18 ? 93  GLU A CG  1 
ATOM   774  C CD  . GLU A 1 96  ? -1.046  13.129  4.060   1.00 33.72 ? 93  GLU A CD  1 
ATOM   775  O OE1 . GLU A 1 96  ? -0.755  13.109  5.278   1.00 28.20 ? 93  GLU A OE1 1 
ATOM   776  O OE2 . GLU A 1 96  ? -0.961  14.164  3.360   1.00 33.14 ? 93  GLU A OE2 1 
ATOM   777  N N   . ASN A 1 97  ? -5.120  11.040  2.519   1.00 21.50 ? 94  ASN A N   1 
ATOM   778  C CA  . ASN A 1 97  ? -5.968  11.484  1.419   1.00 21.80 ? 94  ASN A CA  1 
ATOM   779  C C   . ASN A 1 97  ? -6.437  10.315  0.552   1.00 20.77 ? 94  ASN A C   1 
ATOM   780  O O   . ASN A 1 97  ? -6.553  10.445  -0.665  1.00 20.36 ? 94  ASN A O   1 
ATOM   781  C CB  . ASN A 1 97  ? -5.218  12.496  0.547   1.00 24.01 ? 94  ASN A CB  1 
ATOM   782  C CG  . ASN A 1 97  ? -4.688  13.673  1.350   1.00 28.38 ? 94  ASN A CG  1 
ATOM   783  O OD1 . ASN A 1 97  ? -5.427  14.303  2.104   1.00 29.06 ? 94  ASN A OD1 1 
ATOM   784  N ND2 . ASN A 1 97  ? -3.401  13.972  1.192   1.00 28.97 ? 94  ASN A ND2 1 
ATOM   785  N N   . ALA A 1 98  ? -6.704  9.169   1.172   1.00 18.04 ? 95  ALA A N   1 
ATOM   786  C CA  . ALA A 1 98  ? -7.162  8.008   0.408   1.00 17.41 ? 95  ALA A CA  1 
ATOM   787  C C   . ALA A 1 98  ? -8.652  8.070   0.118   1.00 18.29 ? 95  ALA A C   1 
ATOM   788  O O   . ALA A 1 98  ? -9.434  8.510   0.958   1.00 19.64 ? 95  ALA A O   1 
ATOM   789  C CB  . ALA A 1 98  ? -6.849  6.723   1.162   1.00 17.12 ? 95  ALA A CB  1 
ATOM   790  N N   . PHE A 1 99  ? -9.043  7.640   -1.081  1.00 15.81 ? 96  PHE A N   1 
ATOM   791  C CA  . PHE A 1 99  ? -10.454 7.587   -1.435  1.00 16.74 ? 96  PHE A CA  1 
ATOM   792  C C   . PHE A 1 99  ? -10.706 6.508   -2.469  1.00 15.76 ? 96  PHE A C   1 
ATOM   793  O O   . PHE A 1 99  ? -9.798  6.095   -3.202  1.00 14.45 ? 96  PHE A O   1 
ATOM   794  C CB  . PHE A 1 99  ? -10.989 8.940   -1.940  1.00 19.40 ? 96  PHE A CB  1 
ATOM   795  C CG  . PHE A 1 99  ? -10.384 9.406   -3.233  1.00 16.84 ? 96  PHE A CG  1 
ATOM   796  C CD1 . PHE A 1 99  ? -9.133  10.019  -3.251  1.00 19.89 ? 96  PHE A CD1 1 
ATOM   797  C CD2 . PHE A 1 99  ? -11.084 9.272   -4.428  1.00 19.59 ? 96  PHE A CD2 1 
ATOM   798  C CE1 . PHE A 1 99  ? -8.583  10.502  -4.442  1.00 21.08 ? 96  PHE A CE1 1 
ATOM   799  C CE2 . PHE A 1 99  ? -10.545 9.751   -5.630  1.00 20.47 ? 96  PHE A CE2 1 
ATOM   800  C CZ  . PHE A 1 99  ? -9.290  10.369  -5.635  1.00 19.84 ? 96  PHE A CZ  1 
ATOM   801  N N   . ARG A 1 100 ? -11.946 6.041   -2.504  1.00 16.67 ? 97  ARG A N   1 
ATOM   802  C CA  . ARG A 1 100 ? -12.355 4.994   -3.423  1.00 17.83 ? 97  ARG A CA  1 
ATOM   803  C C   . ARG A 1 100 ? -13.035 5.620   -4.631  1.00 19.49 ? 97  ARG A C   1 
ATOM   804  O O   . ARG A 1 100 ? -13.909 6.477   -4.489  1.00 20.96 ? 97  ARG A O   1 
ATOM   805  C CB  . ARG A 1 100 ? -13.321 4.044   -2.706  1.00 17.76 ? 97  ARG A CB  1 
ATOM   806  C CG  . ARG A 1 100 ? -13.961 3.002   -3.596  1.00 17.18 ? 97  ARG A CG  1 
ATOM   807  C CD  . ARG A 1 100 ? -15.036 2.254   -2.826  1.00 20.00 ? 97  ARG A CD  1 
ATOM   808  N NE  . ARG A 1 100 ? -14.487 1.461   -1.727  1.00 21.12 ? 97  ARG A NE  1 
ATOM   809  C CZ  . ARG A 1 100 ? -13.990 0.236   -1.870  1.00 20.91 ? 97  ARG A CZ  1 
ATOM   810  N NH1 . ARG A 1 100 ? -13.505 -0.416  -0.819  1.00 17.04 ? 97  ARG A NH1 1 
ATOM   811  N NH2 . ARG A 1 100 ? -13.994 -0.344  -3.066  1.00 20.89 ? 97  ARG A NH2 1 
ATOM   812  N N   . TYR A 1 101 ? -12.634 5.202   -5.824  1.00 20.58 ? 98  TYR A N   1 
ATOM   813  C CA  . TYR A 1 101 ? -13.243 5.752   -7.026  1.00 21.39 ? 98  TYR A CA  1 
ATOM   814  C C   . TYR A 1 101 ? -14.707 5.346   -7.132  1.00 23.77 ? 98  TYR A C   1 
ATOM   815  O O   . TYR A 1 101 ? -15.099 4.247   -6.738  1.00 22.79 ? 98  TYR A O   1 
ATOM   816  C CB  . TYR A 1 101 ? -12.506 5.283   -8.278  1.00 17.81 ? 98  TYR A CB  1 
ATOM   817  C CG  . TYR A 1 101 ? -11.049 5.659   -8.313  1.00 16.42 ? 98  TYR A CG  1 
ATOM   818  C CD1 . TYR A 1 101 ? -10.629 6.930   -7.919  1.00 17.03 ? 98  TYR A CD1 1 
ATOM   819  C CD2 . TYR A 1 101 ? -10.088 4.756   -8.765  1.00 16.35 ? 98  TYR A CD2 1 
ATOM   820  C CE1 . TYR A 1 101 ? -9.294  7.296   -7.975  1.00 19.17 ? 98  TYR A CE1 1 
ATOM   821  C CE2 . TYR A 1 101 ? -8.743  5.113   -8.826  1.00 18.46 ? 98  TYR A CE2 1 
ATOM   822  C CZ  . TYR A 1 101 ? -8.355  6.385   -8.429  1.00 19.57 ? 98  TYR A CZ  1 
ATOM   823  O OH  . TYR A 1 101 ? -7.030  6.742   -8.484  1.00 19.90 ? 98  TYR A OH  1 
ATOM   824  N N   . GLU A 1 102 ? -15.500 6.263   -7.669  1.00 26.35 ? 99  GLU A N   1 
ATOM   825  C CA  . GLU A 1 102 ? -16.924 6.072   -7.888  1.00 29.77 ? 99  GLU A CA  1 
ATOM   826  C C   . GLU A 1 102 ? -17.143 4.734   -8.597  1.00 29.23 ? 99  GLU A C   1 
ATOM   827  O O   . GLU A 1 102 ? -18.049 3.972   -8.257  1.00 28.34 ? 99  GLU A O   1 
ATOM   828  C CB  . GLU A 1 102 ? -17.443 7.229   -8.740  1.00 33.96 ? 99  GLU A CB  1 
ATOM   829  C CG  . GLU A 1 102 ? -16.497 7.606   -9.895  1.00 41.19 ? 99  GLU A CG  1 
ATOM   830  C CD  . GLU A 1 102 ? -15.135 8.153   -9.432  1.00 45.12 ? 99  GLU A CD  1 
ATOM   831  O OE1 . GLU A 1 102 ? -14.208 8.208   -10.268 1.00 47.01 ? 99  GLU A OE1 1 
ATOM   832  O OE2 . GLU A 1 102 ? -14.988 8.534   -8.247  1.00 43.94 ? 99  GLU A OE2 1 
ATOM   833  N N   . LYS A 1 103 ? -16.302 4.464   -9.590  1.00 26.88 ? 100 LYS A N   1 
ATOM   834  C CA  . LYS A 1 103 ? -16.360 3.213   -10.332 1.00 28.07 ? 100 LYS A CA  1 
ATOM   835  C C   . LYS A 1 103 ? -14.962 2.622   -10.451 1.00 25.89 ? 100 LYS A C   1 
ATOM   836  O O   . LYS A 1 103 ? -14.021 3.308   -10.841 1.00 27.17 ? 100 LYS A O   1 
ATOM   837  C CB  . LYS A 1 103 ? -16.929 3.431   -11.737 1.00 28.19 ? 100 LYS A CB  1 
ATOM   838  C CG  . LYS A 1 103 ? -18.438 3.424   -11.801 1.00 33.12 ? 100 LYS A CG  1 
ATOM   839  C CD  . LYS A 1 103 ? -18.915 3.331   -13.236 1.00 35.36 ? 100 LYS A CD  1 
ATOM   840  C CE  . LYS A 1 103 ? -20.423 3.213   -13.298 1.00 37.19 ? 100 LYS A CE  1 
ATOM   841  N NZ  . LYS A 1 103 ? -21.079 4.397   -12.682 1.00 40.66 ? 100 LYS A NZ  1 
ATOM   842  N N   . PRO A 1 104 ? -14.801 1.347   -10.090 1.00 26.03 ? 101 PRO A N   1 
ATOM   843  C CA  . PRO A 1 104 ? -13.472 0.745   -10.199 1.00 25.90 ? 101 PRO A CA  1 
ATOM   844  C C   . PRO A 1 104 ? -13.064 0.685   -11.666 1.00 27.13 ? 101 PRO A C   1 
ATOM   845  O O   . PRO A 1 104 ? -13.893 0.393   -12.532 1.00 26.31 ? 101 PRO A O   1 
ATOM   846  C CB  . PRO A 1 104 ? -13.667 -0.641  -9.579  1.00 25.44 ? 101 PRO A CB  1 
ATOM   847  C CG  . PRO A 1 104 ? -15.114 -0.928  -9.818  1.00 25.68 ? 101 PRO A CG  1 
ATOM   848  C CD  . PRO A 1 104 ? -15.769 0.394   -9.520  1.00 25.37 ? 101 PRO A CD  1 
ATOM   849  N N   . LEU A 1 105 ? -11.798 0.985   -11.944 1.00 25.52 ? 102 LEU A N   1 
ATOM   850  C CA  . LEU A 1 105 ? -11.297 0.963   -13.310 1.00 26.72 ? 102 LEU A CA  1 
ATOM   851  C C   . LEU A 1 105 ? -10.603 -0.356  -13.607 1.00 27.15 ? 102 LEU A C   1 
ATOM   852  O O   . LEU A 1 105 ? -10.027 -0.976  -12.720 1.00 25.74 ? 102 LEU A O   1 
ATOM   853  C CB  . LEU A 1 105 ? -10.320 2.122   -13.555 1.00 27.79 ? 102 LEU A CB  1 
ATOM   854  C CG  . LEU A 1 105 ? -10.833 3.568   -13.488 1.00 29.33 ? 102 LEU A CG  1 
ATOM   855  C CD1 . LEU A 1 105 ? -12.141 3.683   -14.264 1.00 27.44 ? 102 LEU A CD1 1 
ATOM   856  C CD2 . LEU A 1 105 ? -11.044 3.979   -12.049 1.00 29.02 ? 102 LEU A CD2 1 
ATOM   857  N N   . HIS A 1 106 ? -10.668 -0.784  -14.861 1.00 29.20 ? 103 HIS A N   1 
ATOM   858  C CA  . HIS A 1 106 ? -10.039 -2.029  -15.270 1.00 31.66 ? 103 HIS A CA  1 
ATOM   859  C C   . HIS A 1 106 ? -8.548  -1.822  -15.498 1.00 31.93 ? 103 HIS A C   1 
ATOM   860  O O   . HIS A 1 106 ? -8.123  -0.800  -16.038 1.00 32.15 ? 103 HIS A O   1 
ATOM   861  C CB  . HIS A 1 106 ? -10.686 -2.557  -16.555 1.00 35.17 ? 103 HIS A CB  1 
ATOM   862  C CG  . HIS A 1 106 ? -10.069 -3.824  -17.066 1.00 39.48 ? 103 HIS A CG  1 
ATOM   863  N ND1 . HIS A 1 106 ? -10.170 -5.026  -16.397 1.00 41.40 ? 103 HIS A ND1 1 
ATOM   864  C CD2 . HIS A 1 106 ? -9.326  -4.071  -18.173 1.00 39.43 ? 103 HIS A CD2 1 
ATOM   865  C CE1 . HIS A 1 106 ? -9.516  -5.958  -17.070 1.00 40.24 ? 103 HIS A CE1 1 
ATOM   866  N NE2 . HIS A 1 106 ? -8.995  -5.405  -18.150 1.00 39.66 ? 103 HIS A NE2 1 
ATOM   867  N N   . VAL A 1 107 ? -7.756  -2.792  -15.064 1.00 32.90 ? 104 VAL A N   1 
ATOM   868  C CA  . VAL A 1 107 ? -6.313  -2.736  -15.239 1.00 34.71 ? 104 VAL A CA  1 
ATOM   869  C C   . VAL A 1 107 ? -5.933  -3.882  -16.161 1.00 36.65 ? 104 VAL A C   1 
ATOM   870  O O   . VAL A 1 107 ? -6.382  -5.014  -15.965 1.00 35.78 ? 104 VAL A O   1 
ATOM   871  C CB  . VAL A 1 107 ? -5.567  -2.907  -13.897 1.00 34.83 ? 104 VAL A CB  1 
ATOM   872  C CG1 . VAL A 1 107 ? -4.072  -3.019  -14.143 1.00 34.82 ? 104 VAL A CG1 1 
ATOM   873  C CG2 . VAL A 1 107 ? -5.863  -1.732  -12.987 1.00 34.21 ? 104 VAL A CG2 1 
ATOM   874  N N   . PRO A 1 108 ? -5.108  -3.602  -17.183 1.00 38.98 ? 105 PRO A N   1 
ATOM   875  C CA  . PRO A 1 108 ? -4.677  -4.633  -18.132 1.00 40.98 ? 105 PRO A CA  1 
ATOM   876  C C   . PRO A 1 108 ? -4.266  -5.916  -17.427 1.00 42.62 ? 105 PRO A C   1 
ATOM   877  O O   . PRO A 1 108 ? -3.460  -5.905  -16.495 1.00 42.15 ? 105 PRO A O   1 
ATOM   878  C CB  . PRO A 1 108 ? -3.516  -3.962  -18.873 1.00 39.76 ? 105 PRO A CB  1 
ATOM   879  C CG  . PRO A 1 108 ? -3.038  -2.909  -17.914 1.00 40.30 ? 105 PRO A CG  1 
ATOM   880  C CD  . PRO A 1 108 ? -4.334  -2.368  -17.379 1.00 40.88 ? 105 PRO A CD  1 
ATOM   881  N N   . ARG A 1 109 ? -4.844  -7.020  -17.881 1.00 44.81 ? 106 ARG A N   1 
ATOM   882  C CA  . ARG A 1 109 ? -4.576  -8.329  -17.311 1.00 48.60 ? 106 ARG A CA  1 
ATOM   883  C C   . ARG A 1 109 ? -3.204  -8.859  -17.718 1.00 48.58 ? 106 ARG A C   1 
ATOM   884  O O   . ARG A 1 109 ? -2.569  -8.337  -18.636 1.00 48.92 ? 106 ARG A O   1 
ATOM   885  C CB  . ARG A 1 109 ? -5.661  -9.302  -17.770 1.00 52.07 ? 106 ARG A CB  1 
ATOM   886  C CG  . ARG A 1 109 ? -7.073  -8.867  -17.403 1.00 56.35 ? 106 ARG A CG  1 
ATOM   887  C CD  . ARG A 1 109 ? -7.346  -9.074  -15.920 1.00 60.56 ? 106 ARG A CD  1 
ATOM   888  N NE  . ARG A 1 109 ? -7.203  -10.480 -15.543 1.00 64.22 ? 106 ARG A NE  1 
ATOM   889  C CZ  . ARG A 1 109 ? -7.876  -11.480 -16.108 1.00 65.40 ? 106 ARG A CZ  1 
ATOM   890  N NH1 . ARG A 1 109 ? -7.680  -12.728 -15.701 1.00 65.18 ? 106 ARG A NH1 1 
ATOM   891  N NH2 . ARG A 1 109 ? -8.747  -11.235 -17.080 1.00 65.17 ? 106 ARG A NH2 1 
ATOM   892  N N   . ARG A 1 110 ? -2.748  -9.894  -17.020 1.00 48.77 ? 107 ARG A N   1 
ATOM   893  C CA  . ARG A 1 110 ? -1.466  -10.516 -17.325 1.00 49.26 ? 107 ARG A CA  1 
ATOM   894  C C   . ARG A 1 110 ? -1.627  -11.267 -18.641 1.00 48.02 ? 107 ARG A C   1 
ATOM   895  O O   . ARG A 1 110 ? -2.731  -11.673 -18.998 1.00 48.57 ? 107 ARG A O   1 
ATOM   896  C CB  . ARG A 1 110 ? -1.078  -11.510 -16.230 1.00 51.93 ? 107 ARG A CB  1 
ATOM   897  C CG  . ARG A 1 110 ? -0.781  -10.905 -14.868 1.00 56.38 ? 107 ARG A CG  1 
ATOM   898  C CD  . ARG A 1 110 ? -0.442  -12.016 -13.881 1.00 61.25 ? 107 ARG A CD  1 
ATOM   899  N NE  . ARG A 1 110 ? 0.027   -11.527 -12.586 1.00 64.82 ? 107 ARG A NE  1 
ATOM   900  C CZ  . ARG A 1 110 ? 1.140   -10.820 -12.406 1.00 67.13 ? 107 ARG A CZ  1 
ATOM   901  N NH1 . ARG A 1 110 ? 1.908   -10.506 -13.441 1.00 67.60 ? 107 ARG A NH1 1 
ATOM   902  N NH2 . ARG A 1 110 ? 1.493   -10.440 -11.184 1.00 68.45 ? 107 ARG A NH2 1 
ATOM   903  N N   . PRO A 1 111 ? -0.528  -11.464 -19.382 1.00 47.06 ? 108 PRO A N   1 
ATOM   904  C CA  . PRO A 1 111 ? 0.828   -11.023 -19.045 1.00 45.16 ? 108 PRO A CA  1 
ATOM   905  C C   . PRO A 1 111 ? 1.148   -9.679  -19.691 1.00 42.68 ? 108 PRO A C   1 
ATOM   906  O O   . PRO A 1 111 ? 2.247   -9.147  -19.529 1.00 43.40 ? 108 PRO A O   1 
ATOM   907  C CB  . PRO A 1 111 ? 1.687   -12.142 -19.605 1.00 45.54 ? 108 PRO A CB  1 
ATOM   908  C CG  . PRO A 1 111 ? 0.976   -12.436 -20.900 1.00 46.31 ? 108 PRO A CG  1 
ATOM   909  C CD  . PRO A 1 111 ? -0.497  -12.431 -20.495 1.00 46.26 ? 108 PRO A CD  1 
ATOM   910  N N   . GLY A 1 112 ? 0.185   -9.137  -20.428 1.00 40.14 ? 109 GLY A N   1 
ATOM   911  C CA  . GLY A 1 112 ? 0.396   -7.860  -21.085 1.00 37.02 ? 109 GLY A CA  1 
ATOM   912  C C   . GLY A 1 112 ? 0.617   -6.725  -20.101 1.00 34.64 ? 109 GLY A C   1 
ATOM   913  O O   . GLY A 1 112 ? 1.298   -5.745  -20.416 1.00 33.69 ? 109 GLY A O   1 
ATOM   914  N N   . ARG A 1 113 ? 0.040   -6.861  -18.910 1.00 30.69 ? 110 ARG A N   1 
ATOM   915  C CA  . ARG A 1 113 ? 0.158   -5.854  -17.863 1.00 27.16 ? 110 ARG A CA  1 
ATOM   916  C C   . ARG A 1 113 ? 1.595   -5.388  -17.644 1.00 24.79 ? 110 ARG A C   1 
ATOM   917  O O   . ARG A 1 113 ? 2.476   -6.184  -17.323 1.00 23.46 ? 110 ARG A O   1 
ATOM   918  C CB  . ARG A 1 113 ? -0.394  -6.403  -16.549 1.00 27.24 ? 110 ARG A CB  1 
ATOM   919  C CG  . ARG A 1 113 ? -0.254  -5.445  -15.382 1.00 27.72 ? 110 ARG A CG  1 
ATOM   920  C CD  . ARG A 1 113 ? -0.722  -6.085  -14.096 1.00 29.87 ? 110 ARG A CD  1 
ATOM   921  N NE  . ARG A 1 113 ? -2.152  -6.371  -14.117 1.00 31.44 ? 110 ARG A NE  1 
ATOM   922  C CZ  . ARG A 1 113 ? -2.787  -7.038  -13.157 1.00 31.16 ? 110 ARG A CZ  1 
ATOM   923  N NH1 . ARG A 1 113 ? -4.093  -7.257  -13.245 1.00 31.59 ? 110 ARG A NH1 1 
ATOM   924  N NH2 . ARG A 1 113 ? -2.109  -7.493  -12.115 1.00 30.41 ? 110 ARG A NH2 1 
ATOM   925  N N   . VAL A 1 114 ? 1.825   -4.091  -17.809 1.00 22.39 ? 111 VAL A N   1 
ATOM   926  C CA  . VAL A 1 114 ? 3.158   -3.542  -17.613 1.00 20.65 ? 111 VAL A CA  1 
ATOM   927  C C   . VAL A 1 114 ? 3.424   -3.285  -16.135 1.00 19.45 ? 111 VAL A C   1 
ATOM   928  O O   . VAL A 1 114 ? 2.627   -2.638  -15.454 1.00 18.17 ? 111 VAL A O   1 
ATOM   929  C CB  . VAL A 1 114 ? 3.350   -2.217  -18.377 1.00 18.26 ? 111 VAL A CB  1 
ATOM   930  C CG1 . VAL A 1 114 ? 4.721   -1.627  -18.056 1.00 20.07 ? 111 VAL A CG1 1 
ATOM   931  C CG2 . VAL A 1 114 ? 3.214   -2.457  -19.873 1.00 19.36 ? 111 VAL A CG2 1 
ATOM   932  N N   . MET A 1 115 ? 4.545   -3.805  -15.649 1.00 16.30 ? 112 MET A N   1 
ATOM   933  C CA  . MET A 1 115 ? 4.949   -3.620  -14.259 1.00 15.35 ? 112 MET A CA  1 
ATOM   934  C C   . MET A 1 115 ? 6.334   -2.997  -14.289 1.00 12.90 ? 112 MET A C   1 
ATOM   935  O O   . MET A 1 115 ? 7.148   -3.330  -15.153 1.00 15.24 ? 112 MET A O   1 
ATOM   936  C CB  . MET A 1 115 ? 5.031   -4.966  -13.524 1.00 15.45 ? 112 MET A CB  1 
ATOM   937  C CG  . MET A 1 115 ? 3.726   -5.753  -13.436 1.00 17.05 ? 112 MET A CG  1 
ATOM   938  S SD  . MET A 1 115 ? 2.487   -4.957  -12.409 1.00 16.81 ? 112 MET A SD  1 
ATOM   939  C CE  . MET A 1 115 ? 3.225   -5.158  -10.783 1.00 16.78 ? 112 MET A CE  1 
ATOM   940  N N   . PHE A 1 116 ? 6.602   -2.087  -13.360 1.00 14.54 ? 113 PHE A N   1 
ATOM   941  C CA  . PHE A 1 116 ? 7.909   -1.454  -13.287 1.00 15.38 ? 113 PHE A CA  1 
ATOM   942  C C   . PHE A 1 116 ? 8.556   -1.800  -11.958 1.00 15.08 ? 113 PHE A C   1 
ATOM   943  O O   . PHE A 1 116 ? 7.874   -1.937  -10.949 1.00 16.04 ? 113 PHE A O   1 
ATOM   944  C CB  . PHE A 1 116 ? 7.795   0.069   -13.390 1.00 16.68 ? 113 PHE A CB  1 
ATOM   945  C CG  . PHE A 1 116 ? 7.346   0.563   -14.732 1.00 18.76 ? 113 PHE A CG  1 
ATOM   946  C CD1 . PHE A 1 116 ? 7.988   0.151   -15.893 1.00 18.84 ? 113 PHE A CD1 1 
ATOM   947  C CD2 . PHE A 1 116 ? 6.301   1.479   -14.833 1.00 19.50 ? 113 PHE A CD2 1 
ATOM   948  C CE1 . PHE A 1 116 ? 7.602   0.648   -17.134 1.00 20.07 ? 113 PHE A CE1 1 
ATOM   949  C CE2 . PHE A 1 116 ? 5.909   1.979   -16.071 1.00 19.85 ? 113 PHE A CE2 1 
ATOM   950  C CZ  . PHE A 1 116 ? 6.560   1.565   -17.223 1.00 19.99 ? 113 PHE A CZ  1 
ATOM   951  N N   . VAL A 1 117 ? 9.876   -1.944  -11.973 1.00 16.78 ? 114 VAL A N   1 
ATOM   952  C CA  . VAL A 1 117 ? 10.638  -2.240  -10.769 1.00 15.74 ? 114 VAL A CA  1 
ATOM   953  C C   . VAL A 1 117 ? 10.911  -0.917  -10.057 1.00 15.79 ? 114 VAL A C   1 
ATOM   954  O O   . VAL A 1 117 ? 11.314  0.054   -10.690 1.00 14.48 ? 114 VAL A O   1 
ATOM   955  C CB  . VAL A 1 117 ? 12.006  -2.869  -11.109 1.00 15.63 ? 114 VAL A CB  1 
ATOM   956  C CG1 . VAL A 1 117 ? 12.765  -3.187  -9.821  1.00 15.30 ? 114 VAL A CG1 1 
ATOM   957  C CG2 . VAL A 1 117 ? 11.814  -4.116  -11.946 1.00 16.11 ? 114 VAL A CG2 1 
ATOM   958  N N   . ASP A 1 118 ? 10.686  -0.881  -8.749  1.00 15.39 ? 115 ASP A N   1 
ATOM   959  C CA  . ASP A 1 118 ? 10.947  0.317   -7.958  1.00 15.11 ? 115 ASP A CA  1 
ATOM   960  C C   . ASP A 1 118 ? 12.459  0.379   -7.728  1.00 16.16 ? 115 ASP A C   1 
ATOM   961  O O   . ASP A 1 118 ? 13.021  -0.484  -7.060  1.00 15.93 ? 115 ASP A O   1 
ATOM   962  C CB  . ASP A 1 118 ? 10.223  0.215   -6.611  1.00 14.19 ? 115 ASP A CB  1 
ATOM   963  C CG  . ASP A 1 118 ? 10.507  1.396   -5.696  1.00 16.69 ? 115 ASP A CG  1 
ATOM   964  O OD1 . ASP A 1 118 ? 10.191  1.298   -4.490  1.00 17.67 ? 115 ASP A OD1 1 
ATOM   965  O OD2 . ASP A 1 118 ? 11.041  2.418   -6.172  1.00 18.38 ? 115 ASP A OD2 1 
ATOM   966  N N   . LEU A 1 119 ? 13.120  1.380   -8.293  1.00 15.94 ? 116 LEU A N   1 
ATOM   967  C CA  . LEU A 1 119 ? 14.566  1.507   -8.133  1.00 19.45 ? 116 LEU A CA  1 
ATOM   968  C C   . LEU A 1 119 ? 14.926  2.580   -7.105  1.00 21.79 ? 116 LEU A C   1 
ATOM   969  O O   . LEU A 1 119 ? 16.098  2.916   -6.939  1.00 22.60 ? 116 LEU A O   1 
ATOM   970  C CB  . LEU A 1 119 ? 15.219  1.859   -9.477  1.00 18.82 ? 116 LEU A CB  1 
ATOM   971  C CG  . LEU A 1 119 ? 14.895  0.959   -10.677 1.00 17.72 ? 116 LEU A CG  1 
ATOM   972  C CD1 . LEU A 1 119 ? 15.601  1.508   -11.908 1.00 19.23 ? 116 LEU A CD1 1 
ATOM   973  C CD2 . LEU A 1 119 ? 15.323  -0.479  -10.404 1.00 17.76 ? 116 LEU A CD2 1 
ATOM   974  N N   . SER A 1 120 ? 13.925  3.110   -6.407  1.00 21.61 ? 117 SER A N   1 
ATOM   975  C CA  . SER A 1 120 ? 14.182  4.169   -5.433  1.00 25.20 ? 117 SER A CA  1 
ATOM   976  C C   . SER A 1 120 ? 15.132  3.820   -4.284  1.00 26.43 ? 117 SER A C   1 
ATOM   977  O O   . SER A 1 120 ? 15.715  4.716   -3.679  1.00 27.96 ? 117 SER A O   1 
ATOM   978  C CB  . SER A 1 120 ? 12.856  4.703   -4.867  1.00 22.48 ? 117 SER A CB  1 
ATOM   979  O OG  . SER A 1 120 ? 12.180  3.721   -4.109  1.00 23.20 ? 117 SER A OG  1 
ATOM   980  N N   . GLU A 1 121 ? 15.304  2.533   -3.987  1.00 28.18 ? 118 GLU A N   1 
ATOM   981  C CA  . GLU A 1 121 ? 16.188  2.119   -2.895  1.00 30.15 ? 118 GLU A CA  1 
ATOM   982  C C   . GLU A 1 121 ? 17.535  1.559   -3.351  1.00 30.40 ? 118 GLU A C   1 
ATOM   983  O O   . GLU A 1 121 ? 18.355  1.160   -2.524  1.00 31.24 ? 118 GLU A O   1 
ATOM   984  C CB  . GLU A 1 121 ? 15.488  1.084   -2.007  1.00 32.76 ? 118 GLU A CB  1 
ATOM   985  C CG  . GLU A 1 121 ? 14.312  1.639   -1.221  1.00 35.13 ? 118 GLU A CG  1 
ATOM   986  C CD  . GLU A 1 121 ? 14.739  2.615   -0.140  1.00 37.02 ? 118 GLU A CD  1 
ATOM   987  O OE1 . GLU A 1 121 ? 13.894  3.418   0.304   1.00 38.72 ? 118 GLU A OE1 1 
ATOM   988  O OE2 . GLU A 1 121 ? 15.918  2.575   0.274   1.00 39.90 ? 118 GLU A OE2 1 
ATOM   989  N N   . VAL A 1 122 ? 17.762  1.527   -4.660  1.00 29.83 ? 119 VAL A N   1 
ATOM   990  C CA  . VAL A 1 122 ? 19.013  1.019   -5.215  1.00 27.63 ? 119 VAL A CA  1 
ATOM   991  C C   . VAL A 1 122 ? 20.239  1.778   -4.702  1.00 28.54 ? 119 VAL A C   1 
ATOM   992  O O   . VAL A 1 122 ? 20.253  3.007   -4.667  1.00 26.51 ? 119 VAL A O   1 
ATOM   993  C CB  . VAL A 1 122 ? 18.987  1.086   -6.763  1.00 27.06 ? 119 VAL A CB  1 
ATOM   994  C CG1 . VAL A 1 122 ? 20.404  0.975   -7.332  1.00 23.56 ? 119 VAL A CG1 1 
ATOM   995  C CG2 . VAL A 1 122 ? 18.110  -0.035  -7.305  1.00 24.87 ? 119 VAL A CG2 1 
ATOM   996  N N   . ARG A 1 123 ? 21.266  1.032   -4.314  1.00 31.04 ? 120 ARG A N   1 
ATOM   997  C CA  . ARG A 1 123 ? 22.514  1.611   -3.810  1.00 35.21 ? 120 ARG A CA  1 
ATOM   998  C C   . ARG A 1 123 ? 23.367  2.078   -4.992  1.00 35.98 ? 120 ARG A C   1 
ATOM   999  O O   . ARG A 1 123 ? 24.116  1.290   -5.566  1.00 35.95 ? 120 ARG A O   1 
ATOM   1000 C CB  . ARG A 1 123 ? 23.296  0.558   -3.018  1.00 37.48 ? 120 ARG A CB  1 
ATOM   1001 C CG  . ARG A 1 123 ? 22.548  -0.054  -1.842  1.00 41.55 ? 120 ARG A CG  1 
ATOM   1002 C CD  . ARG A 1 123 ? 22.633  0.816   -0.604  1.00 44.39 ? 120 ARG A CD  1 
ATOM   1003 N NE  . ARG A 1 123 ? 24.019  1.021   -0.192  1.00 48.29 ? 120 ARG A NE  1 
ATOM   1004 C CZ  . ARG A 1 123 ? 24.386  1.718   0.879   1.00 49.70 ? 120 ARG A CZ  1 
ATOM   1005 N NH1 . ARG A 1 123 ? 23.468  2.279   1.656   1.00 49.91 ? 120 ARG A NH1 1 
ATOM   1006 N NH2 . ARG A 1 123 ? 25.672  1.861   1.168   1.00 50.93 ? 120 ARG A NH2 1 
ATOM   1007 N N   . TRP A 1 124 ? 23.255  3.351   -5.357  1.00 37.76 ? 121 TRP A N   1 
ATOM   1008 C CA  . TRP A 1 124 ? 24.019  3.884   -6.482  1.00 38.40 ? 121 TRP A CA  1 
ATOM   1009 C C   . TRP A 1 124 ? 25.469  4.163   -6.109  1.00 38.91 ? 121 TRP A C   1 
ATOM   1010 O O   . TRP A 1 124 ? 26.369  3.699   -6.842  1.00 37.28 ? 121 TRP A O   1 
ATOM   1011 C CB  . TRP A 1 124 ? 23.385  5.174   -7.003  1.00 39.49 ? 121 TRP A CB  1 
ATOM   1012 C CG  . TRP A 1 124 ? 21.949  5.039   -7.367  1.00 40.76 ? 121 TRP A CG  1 
ATOM   1013 C CD1 . TRP A 1 124 ? 20.875  5.411   -6.616  1.00 40.47 ? 121 TRP A CD1 1 
ATOM   1014 C CD2 . TRP A 1 124 ? 21.423  4.490   -8.580  1.00 41.86 ? 121 TRP A CD2 1 
ATOM   1015 N NE1 . TRP A 1 124 ? 19.707  5.134   -7.287  1.00 41.50 ? 121 TRP A NE1 1 
ATOM   1016 C CE2 . TRP A 1 124 ? 20.015  4.566   -8.495  1.00 41.14 ? 121 TRP A CE2 1 
ATOM   1017 C CE3 . TRP A 1 124 ? 22.005  3.941   -9.731  1.00 41.78 ? 121 TRP A CE3 1 
ATOM   1018 C CZ2 . TRP A 1 124 ? 19.176  4.115   -9.519  1.00 40.83 ? 121 TRP A CZ2 1 
ATOM   1019 C CZ3 . TRP A 1 124 ? 21.171  3.492   -10.752 1.00 42.60 ? 121 TRP A CZ3 1 
ATOM   1020 C CH2 . TRP A 1 124 ? 19.769  3.583   -10.635 1.00 42.65 ? 121 TRP A CH2 1 
ATOM   1021 O OXT . TRP A 1 124 ? 25.683  4.858   -5.094  1.00 40.54 ? 121 TRP A OXT 1 
HETATM 1022 O O   . HOH B 2 .   ? -6.454  5.097   4.220   1.00 16.27 ? 122 HOH A O   1 
HETATM 1023 O O   . HOH B 2 .   ? -15.285 0.208   -5.756  1.00 20.49 ? 123 HOH A O   1 
HETATM 1024 O O   . HOH B 2 .   ? 9.444   -5.027  -15.254 1.00 19.28 ? 124 HOH A O   1 
HETATM 1025 O O   . HOH B 2 .   ? -0.792  -3.881  4.993   1.00 19.97 ? 125 HOH A O   1 
HETATM 1026 O O   . HOH B 2 .   ? -14.523 5.092   6.261   1.00 19.23 ? 126 HOH A O   1 
HETATM 1027 O O   . HOH B 2 .   ? -3.745  12.079  -7.956  1.00 23.08 ? 127 HOH A O   1 
HETATM 1028 O O   . HOH B 2 .   ? 1.771   7.546   -9.156  1.00 21.94 ? 128 HOH A O   1 
HETATM 1029 O O   . HOH B 2 .   ? -13.726 7.122   -0.728  1.00 17.88 ? 129 HOH A O   1 
HETATM 1030 O O   . HOH B 2 .   ? 3.489   4.846   -15.107 1.00 22.69 ? 130 HOH A O   1 
HETATM 1031 O O   . HOH B 2 .   ? 11.801  -0.127  -2.919  1.00 25.66 ? 131 HOH A O   1 
HETATM 1032 O O   . HOH B 2 .   ? -13.549 1.958   -7.216  1.00 27.25 ? 132 HOH A O   1 
HETATM 1033 O O   . HOH B 2 .   ? -5.523  3.881   10.412  1.00 19.71 ? 133 HOH A O   1 
HETATM 1034 O O   . HOH B 2 .   ? -4.830  10.524  -3.053  1.00 29.92 ? 134 HOH A O   1 
HETATM 1035 O O   . HOH B 2 .   ? 2.307   7.721   10.746  1.00 33.91 ? 135 HOH A O   1 
HETATM 1036 O O   . HOH B 2 .   ? -0.215  -2.222  -18.880 1.00 26.73 ? 136 HOH A O   1 
HETATM 1037 O O   . HOH B 2 .   ? -1.431  -7.138  -0.170  1.00 23.06 ? 137 HOH A O   1 
HETATM 1038 O O   . HOH B 2 .   ? 12.269  -2.941  -6.301  1.00 34.43 ? 138 HOH A O   1 
HETATM 1039 O O   . HOH B 2 .   ? -6.345  8.177   4.027   1.00 27.87 ? 139 HOH A O   1 
HETATM 1040 O O   . HOH B 2 .   ? -6.132  12.047  4.829   1.00 29.67 ? 140 HOH A O   1 
HETATM 1041 O O   . HOH B 2 .   ? 2.011   -5.889  -4.203  1.00 26.73 ? 141 HOH A O   1 
HETATM 1042 O O   . HOH B 2 .   ? -15.455 0.880   -15.064 1.00 25.03 ? 142 HOH A O   1 
HETATM 1043 O O   . HOH B 2 .   ? -13.951 -2.900  -3.696  1.00 28.70 ? 143 HOH A O   1 
HETATM 1044 O O   . HOH B 2 .   ? 10.826  0.246   19.958  1.00 25.85 ? 144 HOH A O   1 
HETATM 1045 O O   . HOH B 2 .   ? 14.137  0.014   -4.759  1.00 22.07 ? 145 HOH A O   1 
HETATM 1046 O O   . HOH B 2 .   ? 7.341   -6.119  0.299   1.00 36.09 ? 146 HOH A O   1 
HETATM 1047 O O   . HOH B 2 .   ? 14.249  -1.675  2.254   1.00 26.43 ? 147 HOH A O   1 
HETATM 1048 O O   . HOH B 2 .   ? -4.836  -7.317  -8.350  1.00 28.68 ? 148 HOH A O   1 
HETATM 1049 O O   . HOH B 2 .   ? 0.133   11.601  7.392   1.00 32.83 ? 149 HOH A O   1 
HETATM 1050 O O   . HOH B 2 .   ? -8.996  9.372   3.643   1.00 28.35 ? 150 HOH A O   1 
HETATM 1051 O O   . HOH B 2 .   ? 16.249  0.125   1.647   1.00 33.13 ? 151 HOH A O   1 
HETATM 1052 O O   . HOH B 2 .   ? 9.592   -9.373  13.858  1.00 32.99 ? 152 HOH A O   1 
HETATM 1053 O O   . HOH B 2 .   ? 16.044  6.136   -7.876  1.00 47.65 ? 153 HOH A O   1 
HETATM 1054 O O   . HOH B 2 .   ? -17.126 4.710   -4.037  1.00 38.74 ? 154 HOH A O   1 
HETATM 1055 O O   . HOH B 2 .   ? -1.412  9.287   7.436   1.00 28.22 ? 155 HOH A O   1 
HETATM 1056 O O   . HOH B 2 .   ? 4.645   8.971   9.804   1.00 35.60 ? 156 HOH A O   1 
HETATM 1057 O O   . HOH B 2 .   ? -8.707  2.075   11.997  1.00 37.93 ? 157 HOH A O   1 
HETATM 1058 O O   . HOH B 2 .   ? 5.942   -5.644  -2.097  1.00 35.17 ? 158 HOH A O   1 
HETATM 1059 O O   . HOH B 2 .   ? 9.373   9.064   5.842   1.00 47.56 ? 159 HOH A O   1 
HETATM 1060 O O   . HOH B 2 .   ? -16.099 -3.509  9.050   1.00 45.00 ? 160 HOH A O   1 
HETATM 1061 O O   . HOH B 2 .   ? 8.511   10.141  -5.691  1.00 45.38 ? 161 HOH A O   1 
HETATM 1062 O O   . HOH B 2 .   ? 5.419   6.610   -15.226 1.00 22.88 ? 162 HOH A O   1 
HETATM 1063 O O   . HOH B 2 .   ? 0.357   -8.022  -1.708  1.00 29.21 ? 163 HOH A O   1 
HETATM 1064 O O   . HOH B 2 .   ? -12.851 -1.057  3.918   1.00 23.19 ? 164 HOH A O   1 
HETATM 1065 O O   . HOH B 2 .   ? -16.111 -0.825  1.506   1.00 22.94 ? 165 HOH A O   1 
HETATM 1066 O O   . HOH B 2 .   ? -5.237  5.622   12.506  1.00 41.56 ? 166 HOH A O   1 
HETATM 1067 O O   . HOH B 2 .   ? -11.481 -5.178  -7.046  1.00 26.90 ? 167 HOH A O   1 
HETATM 1068 O O   . HOH B 2 .   ? -6.819  17.397  -1.170  1.00 38.53 ? 168 HOH A O   1 
HETATM 1069 O O   . HOH B 2 .   ? -16.749 5.733   -1.686  1.00 33.25 ? 169 HOH A O   1 
HETATM 1070 O O   . HOH B 2 .   ? 0.452   -6.038  4.247   1.00 40.15 ? 170 HOH A O   1 
HETATM 1071 O O   . HOH B 2 .   ? -0.706  -5.608  1.900   1.00 26.11 ? 171 HOH A O   1 
HETATM 1072 O O   . HOH B 2 .   ? -17.382 1.623   -6.180  1.00 36.32 ? 172 HOH A O   1 
HETATM 1073 O O   . HOH B 2 .   ? -15.799 -3.506  6.367   1.00 35.12 ? 173 HOH A O   1 
HETATM 1074 O O   . HOH B 2 .   ? -13.774 -3.015  11.729  1.00 61.75 ? 174 HOH A O   1 
HETATM 1075 O O   . HOH B 2 .   ? 5.404   -5.009  -4.953  1.00 39.40 ? 175 HOH A O   1 
HETATM 1076 O O   . HOH B 2 .   ? 5.326   11.026  -7.427  1.00 36.21 ? 176 HOH A O   1 
HETATM 1077 O O   . HOH B 2 .   ? 11.591  9.280   4.517   1.00 44.38 ? 177 HOH A O   1 
HETATM 1078 O O   . HOH B 2 .   ? 1.517   10.441  -10.691 1.00 46.38 ? 178 HOH A O   1 
HETATM 1079 O O   . HOH B 2 .   ? -8.318  12.730  -10.368 1.00 75.19 ? 179 HOH A O   1 
HETATM 1080 O O   . HOH B 2 .   ? -3.236  13.603  6.528   1.00 39.25 ? 180 HOH A O   1 
HETATM 1081 O O   . HOH B 2 .   ? -10.293 8.387   7.638   1.00 47.91 ? 181 HOH A O   1 
HETATM 1082 O O   . HOH B 2 .   ? -11.077 -1.527  12.447  1.00 43.04 ? 182 HOH A O   1 
HETATM 1083 O O   . HOH B 2 .   ? 6.216   -9.655  -18.424 1.00 41.45 ? 183 HOH A O   1 
HETATM 1084 O O   . HOH B 2 .   ? 1.204   -7.967  -12.016 1.00 35.07 ? 184 HOH A O   1 
HETATM 1085 O O   . HOH B 2 .   ? 7.879   -7.473  -15.160 1.00 31.30 ? 185 HOH A O   1 
HETATM 1086 O O   . HOH B 2 .   ? -2.196  16.735  1.081   1.00 42.15 ? 186 HOH A O   1 
HETATM 1087 O O   . HOH B 2 .   ? 4.574   8.314   -9.739  1.00 35.20 ? 187 HOH A O   1 
HETATM 1088 O O   . HOH B 2 .   ? -4.295  -12.983 -21.053 1.00 60.27 ? 188 HOH A O   1 
HETATM 1089 O O   . HOH B 2 .   ? 13.915  -14.931 9.374   1.00 92.95 ? 189 HOH A O   1 
HETATM 1090 O O   . HOH B 2 .   ? 11.303  11.145  -1.903  1.00 49.99 ? 190 HOH A O   1 
HETATM 1091 O O   . HOH B 2 .   ? -12.428 -4.104  4.182   1.00 38.79 ? 191 HOH A O   1 
HETATM 1092 O O   . HOH B 2 .   ? -6.536  17.823  -9.437  1.00 36.93 ? 192 HOH A O   1 
HETATM 1093 O O   . HOH B 2 .   ? -7.725  6.144   9.586   1.00 42.28 ? 193 HOH A O   1 
HETATM 1094 O O   . HOH B 2 .   ? 13.090  -2.405  14.906  1.00 38.29 ? 194 HOH A O   1 
HETATM 1095 O O   . HOH B 2 .   ? 3.652   -8.610  -16.905 1.00 51.90 ? 195 HOH A O   1 
HETATM 1096 O O   . HOH B 2 .   ? -7.511  11.066  -8.668  1.00 35.71 ? 196 HOH A O   1 
HETATM 1097 O O   . HOH B 2 .   ? -13.840 6.038   -11.915 1.00 34.73 ? 197 HOH A O   1 
# 
loop_
_pdbx_poly_seq_scheme.asym_id 
_pdbx_poly_seq_scheme.entity_id 
_pdbx_poly_seq_scheme.seq_id 
_pdbx_poly_seq_scheme.mon_id 
_pdbx_poly_seq_scheme.ndb_seq_num 
_pdbx_poly_seq_scheme.pdb_seq_num 
_pdbx_poly_seq_scheme.auth_seq_num 
_pdbx_poly_seq_scheme.pdb_mon_id 
_pdbx_poly_seq_scheme.auth_mon_id 
_pdbx_poly_seq_scheme.pdb_strand_id 
_pdbx_poly_seq_scheme.pdb_ins_code 
_pdbx_poly_seq_scheme.hetero 
A 1 1   MET 1   -2  -2  MET MET A . n 
A 1 2   ASP 2   -1  -1  ASP ASP A . n 
A 1 3   TYR 3   0   0   TYR TYR A . n 
A 1 4   MET 4   1   1   MET MET A . n 
A 1 5   GLU 5   2   2   GLU GLU A . n 
A 1 6   ARG 6   3   3   ARG ARG A . n 
A 1 7   PRO 7   4   4   PRO PRO A . n 
A 1 8   LYS 8   5   5   LYS LYS A . n 
A 1 9   LEU 9   6   6   LEU LEU A . n 
A 1 10  GLY 10  7   7   GLY GLY A . n 
A 1 11  LEU 11  8   8   LEU LEU A . n 
A 1 12  ILE 12  9   9   ILE ILE A . n 
A 1 13  VAL 13  10  10  VAL VAL A . n 
A 1 14  ARG 14  11  11  ARG ARG A . n 
A 1 15  GLU 15  12  12  GLU GLU A . n 
A 1 16  PRO 16  13  13  PRO PRO A . n 
A 1 17  TYR 17  14  14  TYR TYR A . n 
A 1 18  ALA 18  15  15  ALA ALA A . n 
A 1 19  SER 19  16  16  SER SER A . n 
A 1 20  LEU 20  17  17  LEU LEU A . n 
A 1 21  ILE 21  18  18  ILE ILE A . n 
A 1 22  VAL 22  19  19  VAL VAL A . n 
A 1 23  ASP 23  20  20  ASP ASP A . n 
A 1 24  GLY 24  21  21  GLY GLY A . n 
A 1 25  ARG 25  22  22  ARG ARG A . n 
A 1 26  LYS 26  23  23  LYS LYS A . n 
A 1 27  VAL 27  24  24  VAL VAL A . n 
A 1 28  TRP 28  25  25  TRP TRP A . n 
A 1 29  GLU 29  26  26  GLU GLU A . n 
A 1 30  ILE 30  27  27  ILE ILE A . n 
A 1 31  ARG 31  28  28  ARG ARG A . n 
A 1 32  ARG 32  29  29  ARG ARG A . n 
A 1 33  ARG 33  30  30  ARG ARG A . n 
A 1 34  LYS 34  31  31  LYS LYS A . n 
A 1 35  THR 35  32  32  THR THR A . n 
A 1 36  ARG 36  33  33  ARG ARG A . n 
A 1 37  HIS 37  34  34  HIS HIS A . n 
A 1 38  ARG 38  35  35  ARG ARG A . n 
A 1 39  GLY 39  36  36  GLY GLY A . n 
A 1 40  PRO 40  37  37  PRO PRO A . n 
A 1 41  LEU 41  38  38  LEU LEU A . n 
A 1 42  GLY 42  39  39  GLY GLY A . n 
A 1 43  ILE 43  40  40  ILE ILE A . n 
A 1 44  VAL 44  41  41  VAL VAL A . n 
A 1 45  SER 45  42  42  SER SER A . n 
A 1 46  GLY 46  43  43  GLY GLY A . n 
A 1 47  GLY 47  44  44  GLY GLY A . n 
A 1 48  ARG 48  45  45  ARG ARG A . n 
A 1 49  LEU 49  46  46  LEU LEU A . n 
A 1 50  ILE 50  47  47  ILE ILE A . n 
A 1 51  GLY 51  48  48  GLY GLY A . n 
A 1 52  GLN 52  49  49  GLN GLN A . n 
A 1 53  ALA 53  50  50  ALA ALA A . n 
A 1 54  ASP 54  51  51  ASP ASP A . n 
A 1 55  LEU 55  52  52  LEU LEU A . n 
A 1 56  VAL 56  53  53  VAL VAL A . n 
A 1 57  GLY 57  54  54  GLY GLY A . n 
A 1 58  VAL 58  55  55  VAL VAL A . n 
A 1 59  GLU 59  56  56  GLU GLU A . n 
A 1 60  GLY 60  57  57  GLY GLY A . n 
A 1 61  PRO 61  58  58  PRO PRO A . n 
A 1 62  PHE 62  59  59  PHE PHE A . n 
A 1 63  SER 63  60  60  SER SER A . n 
A 1 64  VAL 64  61  61  VAL VAL A . n 
A 1 65  GLU 65  62  62  GLU GLU A . n 
A 1 66  GLU 66  63  63  GLU GLU A . n 
A 1 67  LEU 67  64  64  LEU LEU A . n 
A 1 68  LEU 68  65  65  LEU LEU A . n 
A 1 69  ALA 69  66  66  ALA ALA A . n 
A 1 70  HIS 70  67  67  HIS HIS A . n 
A 1 71  GLN 71  68  68  GLN GLN A . n 
A 1 72  GLU 72  69  69  GLU GLU A . n 
A 1 73  LYS 73  70  70  LYS LYS A . n 
A 1 74  HIS 74  71  71  HIS HIS A . n 
A 1 75  LEU 75  72  72  LEU LEU A . n 
A 1 76  ALA 76  73  73  ALA ALA A . n 
A 1 77  GLU 77  74  74  GLU GLU A . n 
A 1 78  GLU 78  75  75  GLU GLU A . n 
A 1 79  ALA 79  76  76  ALA ALA A . n 
A 1 80  PHE 80  77  77  PHE PHE A . n 
A 1 81  LEU 81  78  78  LEU LEU A . n 
A 1 82  ARG 82  79  79  ARG ARG A . n 
A 1 83  ALA 83  80  80  ALA ALA A . n 
A 1 84  TYR 84  81  81  TYR TYR A . n 
A 1 85  ALA 85  82  82  ALA ALA A . n 
A 1 86  LYS 86  83  83  LYS LYS A . n 
A 1 87  ASP 87  84  84  ASP ASP A . n 
A 1 88  GLU 88  85  85  GLU GLU A . n 
A 1 89  PRO 89  86  86  PRO PRO A . n 
A 1 90  LEU 90  87  87  LEU LEU A . n 
A 1 91  TYR 91  88  88  TYR TYR A . n 
A 1 92  ALA 92  89  89  ALA ALA A . n 
A 1 93  TRP 93  90  90  TRP TRP A . n 
A 1 94  VAL 94  91  91  VAL VAL A . n 
A 1 95  LEU 95  92  92  LEU LEU A . n 
A 1 96  GLU 96  93  93  GLU GLU A . n 
A 1 97  ASN 97  94  94  ASN ASN A . n 
A 1 98  ALA 98  95  95  ALA ALA A . n 
A 1 99  PHE 99  96  96  PHE PHE A . n 
A 1 100 ARG 100 97  97  ARG ARG A . n 
A 1 101 TYR 101 98  98  TYR TYR A . n 
A 1 102 GLU 102 99  99  GLU GLU A . n 
A 1 103 LYS 103 100 100 LYS LYS A . n 
A 1 104 PRO 104 101 101 PRO PRO A . n 
A 1 105 LEU 105 102 102 LEU LEU A . n 
A 1 106 HIS 106 103 103 HIS HIS A . n 
A 1 107 VAL 107 104 104 VAL VAL A . n 
A 1 108 PRO 108 105 105 PRO PRO A . n 
A 1 109 ARG 109 106 106 ARG ARG A . n 
A 1 110 ARG 110 107 107 ARG ARG A . n 
A 1 111 PRO 111 108 108 PRO PRO A . n 
A 1 112 GLY 112 109 109 GLY GLY A . n 
A 1 113 ARG 113 110 110 ARG ARG A . n 
A 1 114 VAL 114 111 111 VAL VAL A . n 
A 1 115 MET 115 112 112 MET MET A . n 
A 1 116 PHE 116 113 113 PHE PHE A . n 
A 1 117 VAL 117 114 114 VAL VAL A . n 
A 1 118 ASP 118 115 115 ASP ASP A . n 
A 1 119 LEU 119 116 116 LEU LEU A . n 
A 1 120 SER 120 117 117 SER SER A . n 
A 1 121 GLU 121 118 118 GLU GLU A . n 
A 1 122 VAL 122 119 119 VAL VAL A . n 
A 1 123 ARG 123 120 120 ARG ARG A . n 
A 1 124 TRP 124 121 121 TRP TRP A . n 
# 
_pdbx_SG_project.id                    1 
_pdbx_SG_project.project_name          'NPPSFA, National Project on Protein Structural and Functional Analyses' 
_pdbx_SG_project.full_name_of_center   'RIKEN Structural Genomics/Proteomics Initiative' 
_pdbx_SG_project.initial_of_center     RSGI 
# 
loop_
_pdbx_nonpoly_scheme.asym_id 
_pdbx_nonpoly_scheme.entity_id 
_pdbx_nonpoly_scheme.mon_id 
_pdbx_nonpoly_scheme.ndb_seq_num 
_pdbx_nonpoly_scheme.pdb_seq_num 
_pdbx_nonpoly_scheme.auth_seq_num 
_pdbx_nonpoly_scheme.pdb_mon_id 
_pdbx_nonpoly_scheme.auth_mon_id 
_pdbx_nonpoly_scheme.pdb_strand_id 
_pdbx_nonpoly_scheme.pdb_ins_code 
B 2 HOH 1  122 1  HOH HOH A . 
B 2 HOH 2  123 2  HOH HOH A . 
B 2 HOH 3  124 3  HOH HOH A . 
B 2 HOH 4  125 4  HOH HOH A . 
B 2 HOH 5  126 5  HOH HOH A . 
B 2 HOH 6  127 6  HOH HOH A . 
B 2 HOH 7  128 7  HOH HOH A . 
B 2 HOH 8  129 8  HOH HOH A . 
B 2 HOH 9  130 9  HOH HOH A . 
B 2 HOH 10 131 10 HOH HOH A . 
B 2 HOH 11 132 11 HOH HOH A . 
B 2 HOH 12 133 12 HOH HOH A . 
B 2 HOH 13 134 13 HOH HOH A . 
B 2 HOH 14 135 14 HOH HOH A . 
B 2 HOH 15 136 15 HOH HOH A . 
B 2 HOH 16 137 16 HOH HOH A . 
B 2 HOH 17 138 17 HOH HOH A . 
B 2 HOH 18 139 18 HOH HOH A . 
B 2 HOH 19 140 19 HOH HOH A . 
B 2 HOH 20 141 20 HOH HOH A . 
B 2 HOH 21 142 21 HOH HOH A . 
B 2 HOH 22 143 22 HOH HOH A . 
B 2 HOH 23 144 23 HOH HOH A . 
B 2 HOH 24 145 24 HOH HOH A . 
B 2 HOH 25 146 25 HOH HOH A . 
B 2 HOH 26 147 26 HOH HOH A . 
B 2 HOH 27 148 27 HOH HOH A . 
B 2 HOH 28 149 28 HOH HOH A . 
B 2 HOH 29 150 29 HOH HOH A . 
B 2 HOH 30 151 30 HOH HOH A . 
B 2 HOH 31 152 31 HOH HOH A . 
B 2 HOH 32 153 32 HOH HOH A . 
B 2 HOH 33 154 33 HOH HOH A . 
B 2 HOH 34 155 34 HOH HOH A . 
B 2 HOH 35 156 35 HOH HOH A . 
B 2 HOH 36 157 36 HOH HOH A . 
B 2 HOH 37 158 37 HOH HOH A . 
B 2 HOH 38 159 38 HOH HOH A . 
B 2 HOH 39 160 39 HOH HOH A . 
B 2 HOH 40 161 40 HOH HOH A . 
B 2 HOH 41 162 41 HOH HOH A . 
B 2 HOH 42 163 42 HOH HOH A . 
B 2 HOH 43 164 43 HOH HOH A . 
B 2 HOH 44 165 44 HOH HOH A . 
B 2 HOH 45 166 45 HOH HOH A . 
B 2 HOH 46 167 46 HOH HOH A . 
B 2 HOH 47 168 47 HOH HOH A . 
B 2 HOH 48 169 48 HOH HOH A . 
B 2 HOH 49 170 49 HOH HOH A . 
B 2 HOH 50 171 50 HOH HOH A . 
B 2 HOH 51 172 51 HOH HOH A . 
B 2 HOH 52 173 52 HOH HOH A . 
B 2 HOH 53 174 53 HOH HOH A . 
B 2 HOH 54 175 54 HOH HOH A . 
B 2 HOH 55 176 55 HOH HOH A . 
B 2 HOH 56 177 56 HOH HOH A . 
B 2 HOH 57 178 57 HOH HOH A . 
B 2 HOH 58 179 58 HOH HOH A . 
B 2 HOH 59 180 59 HOH HOH A . 
B 2 HOH 60 181 60 HOH HOH A . 
B 2 HOH 61 182 61 HOH HOH A . 
B 2 HOH 62 183 62 HOH HOH A . 
B 2 HOH 63 184 63 HOH HOH A . 
B 2 HOH 64 185 64 HOH HOH A . 
B 2 HOH 65 186 65 HOH HOH A . 
B 2 HOH 66 187 66 HOH HOH A . 
B 2 HOH 67 188 67 HOH HOH A . 
B 2 HOH 68 189 68 HOH HOH A . 
B 2 HOH 69 190 69 HOH HOH A . 
B 2 HOH 70 191 70 HOH HOH A . 
B 2 HOH 71 192 71 HOH HOH A . 
B 2 HOH 72 193 72 HOH HOH A . 
B 2 HOH 73 194 73 HOH HOH A . 
B 2 HOH 74 195 74 HOH HOH A . 
B 2 HOH 75 196 75 HOH HOH A . 
B 2 HOH 76 197 76 HOH HOH A . 
# 
_pdbx_struct_assembly.id                   1 
_pdbx_struct_assembly.details              author_and_software_defined_assembly 
_pdbx_struct_assembly.method_details       PISA,PQS 
_pdbx_struct_assembly.oligomeric_details   dimeric 
_pdbx_struct_assembly.oligomeric_count     2 
# 
_pdbx_struct_assembly_gen.assembly_id       1 
_pdbx_struct_assembly_gen.oper_expression   1,2 
_pdbx_struct_assembly_gen.asym_id_list      A,B 
# 
loop_
_pdbx_struct_assembly_prop.biol_id 
_pdbx_struct_assembly_prop.type 
_pdbx_struct_assembly_prop.value 
_pdbx_struct_assembly_prop.details 
1 'ABSA (A^2)' 3100  ? 
1 MORE         -33   ? 
1 'SSA (A^2)'  13510 ? 
# 
loop_
_pdbx_struct_oper_list.id 
_pdbx_struct_oper_list.type 
_pdbx_struct_oper_list.name 
_pdbx_struct_oper_list.symmetry_operation 
_pdbx_struct_oper_list.matrix[1][1] 
_pdbx_struct_oper_list.matrix[1][2] 
_pdbx_struct_oper_list.matrix[1][3] 
_pdbx_struct_oper_list.vector[1] 
_pdbx_struct_oper_list.matrix[2][1] 
_pdbx_struct_oper_list.matrix[2][2] 
_pdbx_struct_oper_list.matrix[2][3] 
_pdbx_struct_oper_list.vector[2] 
_pdbx_struct_oper_list.matrix[3][1] 
_pdbx_struct_oper_list.matrix[3][2] 
_pdbx_struct_oper_list.matrix[3][3] 
_pdbx_struct_oper_list.vector[3] 
1 'identity operation'         1_555 x,y,z     1.0000000000  0.0000000000 0.0000000000  0.0000000000  0.0000000000 1.0000000000 0.0000000000  0.0000000000  0.0000000000  0.0000000000  1.0000000000  0.0000000000   
2 'crystal symmetry operation' 2_655 -x+1,y,-z -0.9781519288 0.2077492617 -0.0076842955 12.4073054851 0.2077492617 0.9754492464 -0.0730685428 -2.1432826154 -0.0076842955 -0.0730685428 -0.9972973176 -22.6682702333 
# 
loop_
_pdbx_audit_revision_history.ordinal 
_pdbx_audit_revision_history.data_content_type 
_pdbx_audit_revision_history.major_revision 
_pdbx_audit_revision_history.minor_revision 
_pdbx_audit_revision_history.revision_date 
1 'Structure model' 1 0 2006-11-08 
2 'Structure model' 1 1 2008-04-30 
3 'Structure model' 1 2 2011-07-13 
4 'Structure model' 1 3 2023-10-25 
# 
_pdbx_audit_revision_details.ordinal             1 
_pdbx_audit_revision_details.revision_ordinal    1 
_pdbx_audit_revision_details.data_content_type   'Structure model' 
_pdbx_audit_revision_details.provider            repository 
_pdbx_audit_revision_details.type                'Initial release' 
_pdbx_audit_revision_details.description         ? 
_pdbx_audit_revision_details.details             ? 
# 
loop_
_pdbx_audit_revision_group.ordinal 
_pdbx_audit_revision_group.revision_ordinal 
_pdbx_audit_revision_group.data_content_type 
_pdbx_audit_revision_group.group 
1 2 'Structure model' 'Version format compliance' 
2 3 'Structure model' 'Derived calculations'      
3 3 'Structure model' 'Source and taxonomy'       
4 3 'Structure model' 'Version format compliance' 
5 4 'Structure model' 'Data collection'           
6 4 'Structure model' 'Database references'       
7 4 'Structure model' 'Refinement description'    
# 
loop_
_pdbx_audit_revision_category.ordinal 
_pdbx_audit_revision_category.revision_ordinal 
_pdbx_audit_revision_category.data_content_type 
_pdbx_audit_revision_category.category 
1 4 'Structure model' chem_comp_atom                
2 4 'Structure model' chem_comp_bond                
3 4 'Structure model' database_2                    
4 4 'Structure model' pdbx_initial_refinement_model 
5 4 'Structure model' struct_ref_seq_dif            
# 
loop_
_pdbx_audit_revision_item.ordinal 
_pdbx_audit_revision_item.revision_ordinal 
_pdbx_audit_revision_item.data_content_type 
_pdbx_audit_revision_item.item 
1 4 'Structure model' '_database_2.pdbx_DOI'                
2 4 'Structure model' '_database_2.pdbx_database_accession' 
3 4 'Structure model' '_struct_ref_seq_dif.details'         
# 
loop_
_software.name 
_software.classification 
_software.version 
_software.citation_id 
_software.pdbx_ordinal 
CNS       refinement       1.1 ? 1 
HKL-2000  'data reduction' .   ? 2 
SCALEPACK 'data scaling'   .   ? 3 
SOLVE     phasing          .   ? 4 
# 
loop_
_chem_comp_atom.comp_id 
_chem_comp_atom.atom_id 
_chem_comp_atom.type_symbol 
_chem_comp_atom.pdbx_aromatic_flag 
_chem_comp_atom.pdbx_stereo_config 
_chem_comp_atom.pdbx_ordinal 
ALA N    N N N 1   
ALA CA   C N S 2   
ALA C    C N N 3   
ALA O    O N N 4   
ALA CB   C N N 5   
ALA OXT  O N N 6   
ALA H    H N N 7   
ALA H2   H N N 8   
ALA HA   H N N 9   
ALA HB1  H N N 10  
ALA HB2  H N N 11  
ALA HB3  H N N 12  
ALA HXT  H N N 13  
ARG N    N N N 14  
ARG CA   C N S 15  
ARG C    C N N 16  
ARG O    O N N 17  
ARG CB   C N N 18  
ARG CG   C N N 19  
ARG CD   C N N 20  
ARG NE   N N N 21  
ARG CZ   C N N 22  
ARG NH1  N N N 23  
ARG NH2  N N N 24  
ARG OXT  O N N 25  
ARG H    H N N 26  
ARG H2   H N N 27  
ARG HA   H N N 28  
ARG HB2  H N N 29  
ARG HB3  H N N 30  
ARG HG2  H N N 31  
ARG HG3  H N N 32  
ARG HD2  H N N 33  
ARG HD3  H N N 34  
ARG HE   H N N 35  
ARG HH11 H N N 36  
ARG HH12 H N N 37  
ARG HH21 H N N 38  
ARG HH22 H N N 39  
ARG HXT  H N N 40  
ASN N    N N N 41  
ASN CA   C N S 42  
ASN C    C N N 43  
ASN O    O N N 44  
ASN CB   C N N 45  
ASN CG   C N N 46  
ASN OD1  O N N 47  
ASN ND2  N N N 48  
ASN OXT  O N N 49  
ASN H    H N N 50  
ASN H2   H N N 51  
ASN HA   H N N 52  
ASN HB2  H N N 53  
ASN HB3  H N N 54  
ASN HD21 H N N 55  
ASN HD22 H N N 56  
ASN HXT  H N N 57  
ASP N    N N N 58  
ASP CA   C N S 59  
ASP C    C N N 60  
ASP O    O N N 61  
ASP CB   C N N 62  
ASP CG   C N N 63  
ASP OD1  O N N 64  
ASP OD2  O N N 65  
ASP OXT  O N N 66  
ASP H    H N N 67  
ASP H2   H N N 68  
ASP HA   H N N 69  
ASP HB2  H N N 70  
ASP HB3  H N N 71  
ASP HD2  H N N 72  
ASP HXT  H N N 73  
GLN N    N N N 74  
GLN CA   C N S 75  
GLN C    C N N 76  
GLN O    O N N 77  
GLN CB   C N N 78  
GLN CG   C N N 79  
GLN CD   C N N 80  
GLN OE1  O N N 81  
GLN NE2  N N N 82  
GLN OXT  O N N 83  
GLN H    H N N 84  
GLN H2   H N N 85  
GLN HA   H N N 86  
GLN HB2  H N N 87  
GLN HB3  H N N 88  
GLN HG2  H N N 89  
GLN HG3  H N N 90  
GLN HE21 H N N 91  
GLN HE22 H N N 92  
GLN HXT  H N N 93  
GLU N    N N N 94  
GLU CA   C N S 95  
GLU C    C N N 96  
GLU O    O N N 97  
GLU CB   C N N 98  
GLU CG   C N N 99  
GLU CD   C N N 100 
GLU OE1  O N N 101 
GLU OE2  O N N 102 
GLU OXT  O N N 103 
GLU H    H N N 104 
GLU H2   H N N 105 
GLU HA   H N N 106 
GLU HB2  H N N 107 
GLU HB3  H N N 108 
GLU HG2  H N N 109 
GLU HG3  H N N 110 
GLU HE2  H N N 111 
GLU HXT  H N N 112 
GLY N    N N N 113 
GLY CA   C N N 114 
GLY C    C N N 115 
GLY O    O N N 116 
GLY OXT  O N N 117 
GLY H    H N N 118 
GLY H2   H N N 119 
GLY HA2  H N N 120 
GLY HA3  H N N 121 
GLY HXT  H N N 122 
HIS N    N N N 123 
HIS CA   C N S 124 
HIS C    C N N 125 
HIS O    O N N 126 
HIS CB   C N N 127 
HIS CG   C Y N 128 
HIS ND1  N Y N 129 
HIS CD2  C Y N 130 
HIS CE1  C Y N 131 
HIS NE2  N Y N 132 
HIS OXT  O N N 133 
HIS H    H N N 134 
HIS H2   H N N 135 
HIS HA   H N N 136 
HIS HB2  H N N 137 
HIS HB3  H N N 138 
HIS HD1  H N N 139 
HIS HD2  H N N 140 
HIS HE1  H N N 141 
HIS HE2  H N N 142 
HIS HXT  H N N 143 
HOH O    O N N 144 
HOH H1   H N N 145 
HOH H2   H N N 146 
ILE N    N N N 147 
ILE CA   C N S 148 
ILE C    C N N 149 
ILE O    O N N 150 
ILE CB   C N S 151 
ILE CG1  C N N 152 
ILE CG2  C N N 153 
ILE CD1  C N N 154 
ILE OXT  O N N 155 
ILE H    H N N 156 
ILE H2   H N N 157 
ILE HA   H N N 158 
ILE HB   H N N 159 
ILE HG12 H N N 160 
ILE HG13 H N N 161 
ILE HG21 H N N 162 
ILE HG22 H N N 163 
ILE HG23 H N N 164 
ILE HD11 H N N 165 
ILE HD12 H N N 166 
ILE HD13 H N N 167 
ILE HXT  H N N 168 
LEU N    N N N 169 
LEU CA   C N S 170 
LEU C    C N N 171 
LEU O    O N N 172 
LEU CB   C N N 173 
LEU CG   C N N 174 
LEU CD1  C N N 175 
LEU CD2  C N N 176 
LEU OXT  O N N 177 
LEU H    H N N 178 
LEU H2   H N N 179 
LEU HA   H N N 180 
LEU HB2  H N N 181 
LEU HB3  H N N 182 
LEU HG   H N N 183 
LEU HD11 H N N 184 
LEU HD12 H N N 185 
LEU HD13 H N N 186 
LEU HD21 H N N 187 
LEU HD22 H N N 188 
LEU HD23 H N N 189 
LEU HXT  H N N 190 
LYS N    N N N 191 
LYS CA   C N S 192 
LYS C    C N N 193 
LYS O    O N N 194 
LYS CB   C N N 195 
LYS CG   C N N 196 
LYS CD   C N N 197 
LYS CE   C N N 198 
LYS NZ   N N N 199 
LYS OXT  O N N 200 
LYS H    H N N 201 
LYS H2   H N N 202 
LYS HA   H N N 203 
LYS HB2  H N N 204 
LYS HB3  H N N 205 
LYS HG2  H N N 206 
LYS HG3  H N N 207 
LYS HD2  H N N 208 
LYS HD3  H N N 209 
LYS HE2  H N N 210 
LYS HE3  H N N 211 
LYS HZ1  H N N 212 
LYS HZ2  H N N 213 
LYS HZ3  H N N 214 
LYS HXT  H N N 215 
MET N    N N N 216 
MET CA   C N S 217 
MET C    C N N 218 
MET O    O N N 219 
MET CB   C N N 220 
MET CG   C N N 221 
MET SD   S N N 222 
MET CE   C N N 223 
MET OXT  O N N 224 
MET H    H N N 225 
MET H2   H N N 226 
MET HA   H N N 227 
MET HB2  H N N 228 
MET HB3  H N N 229 
MET HG2  H N N 230 
MET HG3  H N N 231 
MET HE1  H N N 232 
MET HE2  H N N 233 
MET HE3  H N N 234 
MET HXT  H N N 235 
PHE N    N N N 236 
PHE CA   C N S 237 
PHE C    C N N 238 
PHE O    O N N 239 
PHE CB   C N N 240 
PHE CG   C Y N 241 
PHE CD1  C Y N 242 
PHE CD2  C Y N 243 
PHE CE1  C Y N 244 
PHE CE2  C Y N 245 
PHE CZ   C Y N 246 
PHE OXT  O N N 247 
PHE H    H N N 248 
PHE H2   H N N 249 
PHE HA   H N N 250 
PHE HB2  H N N 251 
PHE HB3  H N N 252 
PHE HD1  H N N 253 
PHE HD2  H N N 254 
PHE HE1  H N N 255 
PHE HE2  H N N 256 
PHE HZ   H N N 257 
PHE HXT  H N N 258 
PRO N    N N N 259 
PRO CA   C N S 260 
PRO C    C N N 261 
PRO O    O N N 262 
PRO CB   C N N 263 
PRO CG   C N N 264 
PRO CD   C N N 265 
PRO OXT  O N N 266 
PRO H    H N N 267 
PRO HA   H N N 268 
PRO HB2  H N N 269 
PRO HB3  H N N 270 
PRO HG2  H N N 271 
PRO HG3  H N N 272 
PRO HD2  H N N 273 
PRO HD3  H N N 274 
PRO HXT  H N N 275 
SER N    N N N 276 
SER CA   C N S 277 
SER C    C N N 278 
SER O    O N N 279 
SER CB   C N N 280 
SER OG   O N N 281 
SER OXT  O N N 282 
SER H    H N N 283 
SER H2   H N N 284 
SER HA   H N N 285 
SER HB2  H N N 286 
SER HB3  H N N 287 
SER HG   H N N 288 
SER HXT  H N N 289 
THR N    N N N 290 
THR CA   C N S 291 
THR C    C N N 292 
THR O    O N N 293 
THR CB   C N R 294 
THR OG1  O N N 295 
THR CG2  C N N 296 
THR OXT  O N N 297 
THR H    H N N 298 
THR H2   H N N 299 
THR HA   H N N 300 
THR HB   H N N 301 
THR HG1  H N N 302 
THR HG21 H N N 303 
THR HG22 H N N 304 
THR HG23 H N N 305 
THR HXT  H N N 306 
TRP N    N N N 307 
TRP CA   C N S 308 
TRP C    C N N 309 
TRP O    O N N 310 
TRP CB   C N N 311 
TRP CG   C Y N 312 
TRP CD1  C Y N 313 
TRP CD2  C Y N 314 
TRP NE1  N Y N 315 
TRP CE2  C Y N 316 
TRP CE3  C Y N 317 
TRP CZ2  C Y N 318 
TRP CZ3  C Y N 319 
TRP CH2  C Y N 320 
TRP OXT  O N N 321 
TRP H    H N N 322 
TRP H2   H N N 323 
TRP HA   H N N 324 
TRP HB2  H N N 325 
TRP HB3  H N N 326 
TRP HD1  H N N 327 
TRP HE1  H N N 328 
TRP HE3  H N N 329 
TRP HZ2  H N N 330 
TRP HZ3  H N N 331 
TRP HH2  H N N 332 
TRP HXT  H N N 333 
TYR N    N N N 334 
TYR CA   C N S 335 
TYR C    C N N 336 
TYR O    O N N 337 
TYR CB   C N N 338 
TYR CG   C Y N 339 
TYR CD1  C Y N 340 
TYR CD2  C Y N 341 
TYR CE1  C Y N 342 
TYR CE2  C Y N 343 
TYR CZ   C Y N 344 
TYR OH   O N N 345 
TYR OXT  O N N 346 
TYR H    H N N 347 
TYR H2   H N N 348 
TYR HA   H N N 349 
TYR HB2  H N N 350 
TYR HB3  H N N 351 
TYR HD1  H N N 352 
TYR HD2  H N N 353 
TYR HE1  H N N 354 
TYR HE2  H N N 355 
TYR HH   H N N 356 
TYR HXT  H N N 357 
VAL N    N N N 358 
VAL CA   C N S 359 
VAL C    C N N 360 
VAL O    O N N 361 
VAL CB   C N N 362 
VAL CG1  C N N 363 
VAL CG2  C N N 364 
VAL OXT  O N N 365 
VAL H    H N N 366 
VAL H2   H N N 367 
VAL HA   H N N 368 
VAL HB   H N N 369 
VAL HG11 H N N 370 
VAL HG12 H N N 371 
VAL HG13 H N N 372 
VAL HG21 H N N 373 
VAL HG22 H N N 374 
VAL HG23 H N N 375 
VAL HXT  H N N 376 
# 
loop_
_chem_comp_bond.comp_id 
_chem_comp_bond.atom_id_1 
_chem_comp_bond.atom_id_2 
_chem_comp_bond.value_order 
_chem_comp_bond.pdbx_aromatic_flag 
_chem_comp_bond.pdbx_stereo_config 
_chem_comp_bond.pdbx_ordinal 
ALA N   CA   sing N N 1   
ALA N   H    sing N N 2   
ALA N   H2   sing N N 3   
ALA CA  C    sing N N 4   
ALA CA  CB   sing N N 5   
ALA CA  HA   sing N N 6   
ALA C   O    doub N N 7   
ALA C   OXT  sing N N 8   
ALA CB  HB1  sing N N 9   
ALA CB  HB2  sing N N 10  
ALA CB  HB3  sing N N 11  
ALA OXT HXT  sing N N 12  
ARG N   CA   sing N N 13  
ARG N   H    sing N N 14  
ARG N   H2   sing N N 15  
ARG CA  C    sing N N 16  
ARG CA  CB   sing N N 17  
ARG CA  HA   sing N N 18  
ARG C   O    doub N N 19  
ARG C   OXT  sing N N 20  
ARG CB  CG   sing N N 21  
ARG CB  HB2  sing N N 22  
ARG CB  HB3  sing N N 23  
ARG CG  CD   sing N N 24  
ARG CG  HG2  sing N N 25  
ARG CG  HG3  sing N N 26  
ARG CD  NE   sing N N 27  
ARG CD  HD2  sing N N 28  
ARG CD  HD3  sing N N 29  
ARG NE  CZ   sing N N 30  
ARG NE  HE   sing N N 31  
ARG CZ  NH1  sing N N 32  
ARG CZ  NH2  doub N N 33  
ARG NH1 HH11 sing N N 34  
ARG NH1 HH12 sing N N 35  
ARG NH2 HH21 sing N N 36  
ARG NH2 HH22 sing N N 37  
ARG OXT HXT  sing N N 38  
ASN N   CA   sing N N 39  
ASN N   H    sing N N 40  
ASN N   H2   sing N N 41  
ASN CA  C    sing N N 42  
ASN CA  CB   sing N N 43  
ASN CA  HA   sing N N 44  
ASN C   O    doub N N 45  
ASN C   OXT  sing N N 46  
ASN CB  CG   sing N N 47  
ASN CB  HB2  sing N N 48  
ASN CB  HB3  sing N N 49  
ASN CG  OD1  doub N N 50  
ASN CG  ND2  sing N N 51  
ASN ND2 HD21 sing N N 52  
ASN ND2 HD22 sing N N 53  
ASN OXT HXT  sing N N 54  
ASP N   CA   sing N N 55  
ASP N   H    sing N N 56  
ASP N   H2   sing N N 57  
ASP CA  C    sing N N 58  
ASP CA  CB   sing N N 59  
ASP CA  HA   sing N N 60  
ASP C   O    doub N N 61  
ASP C   OXT  sing N N 62  
ASP CB  CG   sing N N 63  
ASP CB  HB2  sing N N 64  
ASP CB  HB3  sing N N 65  
ASP CG  OD1  doub N N 66  
ASP CG  OD2  sing N N 67  
ASP OD2 HD2  sing N N 68  
ASP OXT HXT  sing N N 69  
GLN N   CA   sing N N 70  
GLN N   H    sing N N 71  
GLN N   H2   sing N N 72  
GLN CA  C    sing N N 73  
GLN CA  CB   sing N N 74  
GLN CA  HA   sing N N 75  
GLN C   O    doub N N 76  
GLN C   OXT  sing N N 77  
GLN CB  CG   sing N N 78  
GLN CB  HB2  sing N N 79  
GLN CB  HB3  sing N N 80  
GLN CG  CD   sing N N 81  
GLN CG  HG2  sing N N 82  
GLN CG  HG3  sing N N 83  
GLN CD  OE1  doub N N 84  
GLN CD  NE2  sing N N 85  
GLN NE2 HE21 sing N N 86  
GLN NE2 HE22 sing N N 87  
GLN OXT HXT  sing N N 88  
GLU N   CA   sing N N 89  
GLU N   H    sing N N 90  
GLU N   H2   sing N N 91  
GLU CA  C    sing N N 92  
GLU CA  CB   sing N N 93  
GLU CA  HA   sing N N 94  
GLU C   O    doub N N 95  
GLU C   OXT  sing N N 96  
GLU CB  CG   sing N N 97  
GLU CB  HB2  sing N N 98  
GLU CB  HB3  sing N N 99  
GLU CG  CD   sing N N 100 
GLU CG  HG2  sing N N 101 
GLU CG  HG3  sing N N 102 
GLU CD  OE1  doub N N 103 
GLU CD  OE2  sing N N 104 
GLU OE2 HE2  sing N N 105 
GLU OXT HXT  sing N N 106 
GLY N   CA   sing N N 107 
GLY N   H    sing N N 108 
GLY N   H2   sing N N 109 
GLY CA  C    sing N N 110 
GLY CA  HA2  sing N N 111 
GLY CA  HA3  sing N N 112 
GLY C   O    doub N N 113 
GLY C   OXT  sing N N 114 
GLY OXT HXT  sing N N 115 
HIS N   CA   sing N N 116 
HIS N   H    sing N N 117 
HIS N   H2   sing N N 118 
HIS CA  C    sing N N 119 
HIS CA  CB   sing N N 120 
HIS CA  HA   sing N N 121 
HIS C   O    doub N N 122 
HIS C   OXT  sing N N 123 
HIS CB  CG   sing N N 124 
HIS CB  HB2  sing N N 125 
HIS CB  HB3  sing N N 126 
HIS CG  ND1  sing Y N 127 
HIS CG  CD2  doub Y N 128 
HIS ND1 CE1  doub Y N 129 
HIS ND1 HD1  sing N N 130 
HIS CD2 NE2  sing Y N 131 
HIS CD2 HD2  sing N N 132 
HIS CE1 NE2  sing Y N 133 
HIS CE1 HE1  sing N N 134 
HIS NE2 HE2  sing N N 135 
HIS OXT HXT  sing N N 136 
HOH O   H1   sing N N 137 
HOH O   H2   sing N N 138 
ILE N   CA   sing N N 139 
ILE N   H    sing N N 140 
ILE N   H2   sing N N 141 
ILE CA  C    sing N N 142 
ILE CA  CB   sing N N 143 
ILE CA  HA   sing N N 144 
ILE C   O    doub N N 145 
ILE C   OXT  sing N N 146 
ILE CB  CG1  sing N N 147 
ILE CB  CG2  sing N N 148 
ILE CB  HB   sing N N 149 
ILE CG1 CD1  sing N N 150 
ILE CG1 HG12 sing N N 151 
ILE CG1 HG13 sing N N 152 
ILE CG2 HG21 sing N N 153 
ILE CG2 HG22 sing N N 154 
ILE CG2 HG23 sing N N 155 
ILE CD1 HD11 sing N N 156 
ILE CD1 HD12 sing N N 157 
ILE CD1 HD13 sing N N 158 
ILE OXT HXT  sing N N 159 
LEU N   CA   sing N N 160 
LEU N   H    sing N N 161 
LEU N   H2   sing N N 162 
LEU CA  C    sing N N 163 
LEU CA  CB   sing N N 164 
LEU CA  HA   sing N N 165 
LEU C   O    doub N N 166 
LEU C   OXT  sing N N 167 
LEU CB  CG   sing N N 168 
LEU CB  HB2  sing N N 169 
LEU CB  HB3  sing N N 170 
LEU CG  CD1  sing N N 171 
LEU CG  CD2  sing N N 172 
LEU CG  HG   sing N N 173 
LEU CD1 HD11 sing N N 174 
LEU CD1 HD12 sing N N 175 
LEU CD1 HD13 sing N N 176 
LEU CD2 HD21 sing N N 177 
LEU CD2 HD22 sing N N 178 
LEU CD2 HD23 sing N N 179 
LEU OXT HXT  sing N N 180 
LYS N   CA   sing N N 181 
LYS N   H    sing N N 182 
LYS N   H2   sing N N 183 
LYS CA  C    sing N N 184 
LYS CA  CB   sing N N 185 
LYS CA  HA   sing N N 186 
LYS C   O    doub N N 187 
LYS C   OXT  sing N N 188 
LYS CB  CG   sing N N 189 
LYS CB  HB2  sing N N 190 
LYS CB  HB3  sing N N 191 
LYS CG  CD   sing N N 192 
LYS CG  HG2  sing N N 193 
LYS CG  HG3  sing N N 194 
LYS CD  CE   sing N N 195 
LYS CD  HD2  sing N N 196 
LYS CD  HD3  sing N N 197 
LYS CE  NZ   sing N N 198 
LYS CE  HE2  sing N N 199 
LYS CE  HE3  sing N N 200 
LYS NZ  HZ1  sing N N 201 
LYS NZ  HZ2  sing N N 202 
LYS NZ  HZ3  sing N N 203 
LYS OXT HXT  sing N N 204 
MET N   CA   sing N N 205 
MET N   H    sing N N 206 
MET N   H2   sing N N 207 
MET CA  C    sing N N 208 
MET CA  CB   sing N N 209 
MET CA  HA   sing N N 210 
MET C   O    doub N N 211 
MET C   OXT  sing N N 212 
MET CB  CG   sing N N 213 
MET CB  HB2  sing N N 214 
MET CB  HB3  sing N N 215 
MET CG  SD   sing N N 216 
MET CG  HG2  sing N N 217 
MET CG  HG3  sing N N 218 
MET SD  CE   sing N N 219 
MET CE  HE1  sing N N 220 
MET CE  HE2  sing N N 221 
MET CE  HE3  sing N N 222 
MET OXT HXT  sing N N 223 
PHE N   CA   sing N N 224 
PHE N   H    sing N N 225 
PHE N   H2   sing N N 226 
PHE CA  C    sing N N 227 
PHE CA  CB   sing N N 228 
PHE CA  HA   sing N N 229 
PHE C   O    doub N N 230 
PHE C   OXT  sing N N 231 
PHE CB  CG   sing N N 232 
PHE CB  HB2  sing N N 233 
PHE CB  HB3  sing N N 234 
PHE CG  CD1  doub Y N 235 
PHE CG  CD2  sing Y N 236 
PHE CD1 CE1  sing Y N 237 
PHE CD1 HD1  sing N N 238 
PHE CD2 CE2  doub Y N 239 
PHE CD2 HD2  sing N N 240 
PHE CE1 CZ   doub Y N 241 
PHE CE1 HE1  sing N N 242 
PHE CE2 CZ   sing Y N 243 
PHE CE2 HE2  sing N N 244 
PHE CZ  HZ   sing N N 245 
PHE OXT HXT  sing N N 246 
PRO N   CA   sing N N 247 
PRO N   CD   sing N N 248 
PRO N   H    sing N N 249 
PRO CA  C    sing N N 250 
PRO CA  CB   sing N N 251 
PRO CA  HA   sing N N 252 
PRO C   O    doub N N 253 
PRO C   OXT  sing N N 254 
PRO CB  CG   sing N N 255 
PRO CB  HB2  sing N N 256 
PRO CB  HB3  sing N N 257 
PRO CG  CD   sing N N 258 
PRO CG  HG2  sing N N 259 
PRO CG  HG3  sing N N 260 
PRO CD  HD2  sing N N 261 
PRO CD  HD3  sing N N 262 
PRO OXT HXT  sing N N 263 
SER N   CA   sing N N 264 
SER N   H    sing N N 265 
SER N   H2   sing N N 266 
SER CA  C    sing N N 267 
SER CA  CB   sing N N 268 
SER CA  HA   sing N N 269 
SER C   O    doub N N 270 
SER C   OXT  sing N N 271 
SER CB  OG   sing N N 272 
SER CB  HB2  sing N N 273 
SER CB  HB3  sing N N 274 
SER OG  HG   sing N N 275 
SER OXT HXT  sing N N 276 
THR N   CA   sing N N 277 
THR N   H    sing N N 278 
THR N   H2   sing N N 279 
THR CA  C    sing N N 280 
THR CA  CB   sing N N 281 
THR CA  HA   sing N N 282 
THR C   O    doub N N 283 
THR C   OXT  sing N N 284 
THR CB  OG1  sing N N 285 
THR CB  CG2  sing N N 286 
THR CB  HB   sing N N 287 
THR OG1 HG1  sing N N 288 
THR CG2 HG21 sing N N 289 
THR CG2 HG22 sing N N 290 
THR CG2 HG23 sing N N 291 
THR OXT HXT  sing N N 292 
TRP N   CA   sing N N 293 
TRP N   H    sing N N 294 
TRP N   H2   sing N N 295 
TRP CA  C    sing N N 296 
TRP CA  CB   sing N N 297 
TRP CA  HA   sing N N 298 
TRP C   O    doub N N 299 
TRP C   OXT  sing N N 300 
TRP CB  CG   sing N N 301 
TRP CB  HB2  sing N N 302 
TRP CB  HB3  sing N N 303 
TRP CG  CD1  doub Y N 304 
TRP CG  CD2  sing Y N 305 
TRP CD1 NE1  sing Y N 306 
TRP CD1 HD1  sing N N 307 
TRP CD2 CE2  doub Y N 308 
TRP CD2 CE3  sing Y N 309 
TRP NE1 CE2  sing Y N 310 
TRP NE1 HE1  sing N N 311 
TRP CE2 CZ2  sing Y N 312 
TRP CE3 CZ3  doub Y N 313 
TRP CE3 HE3  sing N N 314 
TRP CZ2 CH2  doub Y N 315 
TRP CZ2 HZ2  sing N N 316 
TRP CZ3 CH2  sing Y N 317 
TRP CZ3 HZ3  sing N N 318 
TRP CH2 HH2  sing N N 319 
TRP OXT HXT  sing N N 320 
TYR N   CA   sing N N 321 
TYR N   H    sing N N 322 
TYR N   H2   sing N N 323 
TYR CA  C    sing N N 324 
TYR CA  CB   sing N N 325 
TYR CA  HA   sing N N 326 
TYR C   O    doub N N 327 
TYR C   OXT  sing N N 328 
TYR CB  CG   sing N N 329 
TYR CB  HB2  sing N N 330 
TYR CB  HB3  sing N N 331 
TYR CG  CD1  doub Y N 332 
TYR CG  CD2  sing Y N 333 
TYR CD1 CE1  sing Y N 334 
TYR CD1 HD1  sing N N 335 
TYR CD2 CE2  doub Y N 336 
TYR CD2 HD2  sing N N 337 
TYR CE1 CZ   doub Y N 338 
TYR CE1 HE1  sing N N 339 
TYR CE2 CZ   sing Y N 340 
TYR CE2 HE2  sing N N 341 
TYR CZ  OH   sing N N 342 
TYR OH  HH   sing N N 343 
TYR OXT HXT  sing N N 344 
VAL N   CA   sing N N 345 
VAL N   H    sing N N 346 
VAL N   H2   sing N N 347 
VAL CA  C    sing N N 348 
VAL CA  CB   sing N N 349 
VAL CA  HA   sing N N 350 
VAL C   O    doub N N 351 
VAL C   OXT  sing N N 352 
VAL CB  CG1  sing N N 353 
VAL CB  CG2  sing N N 354 
VAL CB  HB   sing N N 355 
VAL CG1 HG11 sing N N 356 
VAL CG1 HG12 sing N N 357 
VAL CG1 HG13 sing N N 358 
VAL CG2 HG21 sing N N 359 
VAL CG2 HG22 sing N N 360 
VAL CG2 HG23 sing N N 361 
VAL OXT HXT  sing N N 362 
# 
_pdbx_entity_nonpoly.entity_id   2 
_pdbx_entity_nonpoly.name        water 
_pdbx_entity_nonpoly.comp_id     HOH 
# 
_pdbx_initial_refinement_model.id               1 
_pdbx_initial_refinement_model.entity_id_list   ? 
_pdbx_initial_refinement_model.type             'experimental model' 
_pdbx_initial_refinement_model.source_name      PDB 
_pdbx_initial_refinement_model.accession_code   1WK2 
_pdbx_initial_refinement_model.details          'PDB ENTRY 1WK2' 
# 
